data_4ZFM
#
_entry.id   4ZFM
#
_cell.length_a   101.590
_cell.length_b   97.470
_cell.length_c   105.270
_cell.angle_alpha   90.00
_cell.angle_beta   97.66
_cell.angle_gamma   90.00
#
_symmetry.space_group_name_H-M   'P 1 21 1'
#
loop_
_entity.id
_entity.type
_entity.pdbx_description
1 polymer 'Putative 6-phospho-beta-galactobiosidase'
2 branched 1,5-anhydro-6-O-phosphono-D-glucitol-(1-4)-beta-D-glucopyranose
3 non-polymer 6-O-phosphono-beta-D-glucopyranose
4 non-polymer GLYCEROL
5 non-polymer IMIDAZOLE
6 non-polymer 1,5-anhydro-6-O-phosphono-D-glucitol
7 non-polymer beta-D-glucopyranose
8 water water
#
_entity_poly.entity_id   1
_entity_poly.type   'polypeptide(L)'
_entity_poly.pdbx_seq_one_letter_code
;MIHHHHHHEHRHLKPFPPEFLWGAASAAYQVEGAWNEDGKGLSVWDVFAKQPGRTFKGTNGDVAVDHYHRYQEDVALMAE
MGLKAYRFSVSWSRVFPDGNGAVNEKGLDFYDRLIEELRNHGIEPIVTLYHWDVPQALMDAYGAWESRRIIDDFDRYAVT
LFQRFGDRVKYWVTLNQQNIFISFGYRLGLHPPGVKDMKRMYEANHIANLANAKVIQSFRHYVPDGKIGPSFAYSPMYPY
DSRPENVLAFENAEEFQNHWWMDVYAWGMYPQAAWNYLESQGLEPTVAPGDWELLQAAKPDFMGVNYYQTTTVEHNPPDG
VGEGVMNTTGKKGTSTSSGIPGLFKTVRNPHVDTTNWDWAIDPVGLRIGLRRIANRYQLPILITENGLGEFDTLEPGDIV
NDDYRIDYLRRHVQEIQRAITDGVDVLGYCAWSFTDLLSWLNGYQKRYGFVYVNRDDESEKDLRRIKKKSFYWYQRVIET
NGAEL
;
_entity_poly.pdbx_strand_id   A,B,C,D
#
# COMPACT_ATOMS: atom_id res chain seq x y z
N HIS A 12 -62.46 -20.41 3.25
CA HIS A 12 -62.03 -19.78 4.49
C HIS A 12 -60.67 -19.05 4.27
N LEU A 13 -60.60 -17.75 4.49
CA LEU A 13 -59.36 -17.03 4.30
C LEU A 13 -58.52 -17.13 5.52
N LYS A 14 -57.20 -17.22 5.37
CA LYS A 14 -56.28 -17.21 6.41
C LYS A 14 -56.19 -15.74 6.90
N PRO A 15 -55.96 -15.56 8.19
CA PRO A 15 -55.79 -14.17 8.69
C PRO A 15 -54.42 -13.72 8.23
N PHE A 16 -54.17 -12.41 8.33
CA PHE A 16 -52.77 -11.98 8.27
C PHE A 16 -52.04 -12.55 9.39
N PRO A 17 -50.80 -12.97 9.26
CA PRO A 17 -50.06 -13.60 10.32
C PRO A 17 -49.71 -12.64 11.42
N PRO A 18 -49.45 -13.14 12.61
CA PRO A 18 -49.41 -12.21 13.69
C PRO A 18 -48.29 -11.22 13.61
N GLU A 19 -47.16 -11.51 13.01
CA GLU A 19 -46.12 -10.43 12.96
C GLU A 19 -46.03 -9.76 11.57
N PHE A 20 -47.15 -9.76 10.89
CA PHE A 20 -47.24 -9.18 9.51
C PHE A 20 -46.80 -7.76 9.63
N LEU A 21 -45.92 -7.34 8.73
CA LEU A 21 -45.34 -5.95 8.80
C LEU A 21 -46.26 -5.01 8.01
N TRP A 22 -47.27 -4.39 8.67
CA TRP A 22 -48.07 -3.36 8.07
C TRP A 22 -47.18 -2.08 8.10
N GLY A 23 -46.78 -1.69 6.92
CA GLY A 23 -45.84 -0.61 6.72
C GLY A 23 -46.29 0.46 5.82
N ALA A 24 -45.31 1.41 5.66
CA ALA A 24 -45.39 2.52 4.71
C ALA A 24 -43.91 2.80 4.40
N ALA A 25 -43.76 3.51 3.31
CA ALA A 25 -42.37 3.67 2.78
C ALA A 25 -42.10 5.01 2.18
N SER A 26 -40.79 5.30 2.02
CA SER A 26 -40.30 6.54 1.34
C SER A 26 -38.99 6.21 0.69
N ALA A 27 -38.35 7.23 0.10
CA ALA A 27 -36.98 7.16 -0.46
C ALA A 27 -36.29 8.47 -0.08
N ALA A 28 -35.02 8.41 0.16
CA ALA A 28 -34.26 9.54 0.73
C ALA A 28 -34.37 10.78 -0.11
N TYR A 29 -34.07 10.72 -1.36
CA TYR A 29 -34.08 11.93 -2.19
C TYR A 29 -35.46 12.56 -2.23
N GLN A 30 -36.47 11.71 -2.19
CA GLN A 30 -37.84 12.13 -2.33
C GLN A 30 -38.38 12.83 -1.08
N VAL A 31 -37.82 12.61 0.08
CA VAL A 31 -38.33 13.19 1.32
C VAL A 31 -37.36 14.03 2.09
N GLU A 32 -36.05 13.76 2.09
CA GLU A 32 -35.21 14.31 3.14
C GLU A 32 -34.96 15.84 3.04
N GLY A 33 -34.63 16.29 1.88
CA GLY A 33 -34.03 17.66 1.78
C GLY A 33 -32.65 17.62 2.37
N ALA A 34 -32.23 18.75 2.99
CA ALA A 34 -30.91 18.85 3.61
C ALA A 34 -29.82 18.35 2.72
N TRP A 35 -29.88 18.77 1.44
CA TRP A 35 -29.03 18.22 0.39
C TRP A 35 -27.55 18.49 0.58
N ASN A 36 -27.23 19.55 1.30
CA ASN A 36 -25.81 19.97 1.47
C ASN A 36 -25.54 20.24 2.92
N GLU A 37 -26.21 19.60 3.79
CA GLU A 37 -26.05 19.83 5.23
CA GLU A 37 -26.10 19.84 5.23
C GLU A 37 -25.30 18.74 5.88
N ASP A 38 -24.59 19.04 6.96
CA ASP A 38 -23.95 18.01 7.78
C ASP A 38 -22.91 17.22 7.04
N GLY A 39 -22.29 17.84 6.08
CA GLY A 39 -21.22 17.24 5.30
C GLY A 39 -21.65 16.31 4.19
N LYS A 40 -22.95 16.26 3.95
CA LYS A 40 -23.44 15.38 2.86
C LYS A 40 -22.79 15.76 1.55
N GLY A 41 -22.36 14.82 0.77
CA GLY A 41 -21.88 15.06 -0.55
C GLY A 41 -22.91 15.06 -1.63
N LEU A 42 -22.58 15.46 -2.84
CA LEU A 42 -23.53 15.46 -3.95
C LEU A 42 -23.83 14.04 -4.34
N SER A 43 -25.10 13.79 -4.57
CA SER A 43 -25.53 12.61 -5.31
C SER A 43 -25.69 12.83 -6.78
N VAL A 44 -25.75 11.78 -7.54
CA VAL A 44 -26.02 11.97 -8.94
C VAL A 44 -27.36 12.61 -9.16
N TRP A 45 -28.34 12.51 -8.26
CA TRP A 45 -29.62 13.20 -8.49
C TRP A 45 -29.53 14.64 -8.07
N ASP A 46 -28.71 15.05 -7.09
CA ASP A 46 -28.53 16.46 -6.82
C ASP A 46 -28.08 17.11 -8.09
N VAL A 47 -27.18 16.54 -8.83
CA VAL A 47 -26.61 17.21 -10.01
C VAL A 47 -27.63 17.09 -11.14
N PHE A 48 -28.21 15.90 -11.40
CA PHE A 48 -29.07 15.70 -12.54
C PHE A 48 -30.31 16.59 -12.50
N ALA A 49 -30.97 16.73 -11.38
CA ALA A 49 -32.20 17.45 -11.31
C ALA A 49 -31.97 18.92 -11.54
N LYS A 50 -30.76 19.42 -11.40
CA LYS A 50 -30.48 20.84 -11.67
C LYS A 50 -30.15 21.06 -13.07
N GLN A 51 -30.15 20.11 -13.95
CA GLN A 51 -29.91 20.38 -15.36
C GLN A 51 -31.20 20.98 -15.91
N PRO A 52 -31.10 22.08 -16.67
CA PRO A 52 -32.28 22.73 -17.22
C PRO A 52 -33.13 21.79 -17.98
N GLY A 53 -34.42 21.82 -17.61
CA GLY A 53 -35.37 21.08 -18.34
C GLY A 53 -35.59 19.67 -17.96
N ARG A 54 -34.79 19.08 -17.01
CA ARG A 54 -34.88 17.64 -16.72
CA ARG A 54 -34.87 17.76 -16.70
C ARG A 54 -36.15 17.36 -15.82
N THR A 55 -36.49 18.25 -14.93
CA THR A 55 -37.61 18.03 -14.00
C THR A 55 -38.67 19.04 -14.18
N PHE A 56 -39.90 18.63 -13.82
CA PHE A 56 -41.01 19.58 -13.94
C PHE A 56 -40.88 20.78 -13.07
N LYS A 57 -40.99 21.97 -13.68
CA LYS A 57 -40.84 23.20 -13.02
C LYS A 57 -39.50 23.35 -12.25
N GLY A 58 -38.50 22.59 -12.73
CA GLY A 58 -37.21 22.68 -12.05
C GLY A 58 -37.23 22.10 -10.64
N THR A 59 -38.22 21.32 -10.25
CA THR A 59 -38.34 20.81 -8.90
C THR A 59 -37.12 19.86 -8.66
N ASN A 60 -36.71 19.90 -7.43
CA ASN A 60 -35.48 19.11 -7.04
C ASN A 60 -35.58 18.81 -5.56
N GLY A 61 -34.59 18.00 -5.11
CA GLY A 61 -34.57 17.53 -3.77
C GLY A 61 -33.80 18.33 -2.75
N ASP A 62 -33.56 19.63 -3.05
CA ASP A 62 -32.80 20.44 -2.09
C ASP A 62 -33.50 20.45 -0.75
N VAL A 63 -34.80 20.61 -0.76
CA VAL A 63 -35.66 20.63 0.44
C VAL A 63 -36.68 19.45 0.46
N ALA A 64 -37.28 19.15 -0.67
CA ALA A 64 -38.31 18.05 -0.76
C ALA A 64 -39.37 18.33 0.28
N VAL A 65 -39.65 17.45 1.23
CA VAL A 65 -40.60 17.72 2.30
C VAL A 65 -39.89 17.89 3.65
N ASP A 66 -38.58 18.08 3.64
CA ASP A 66 -37.78 18.39 4.76
C ASP A 66 -37.84 17.39 5.85
N HIS A 67 -37.93 16.10 5.50
CA HIS A 67 -37.96 15.07 6.53
C HIS A 67 -36.69 15.05 7.34
N TYR A 68 -35.54 15.45 6.79
CA TYR A 68 -34.30 15.51 7.56
C TYR A 68 -34.46 16.28 8.88
N HIS A 69 -35.17 17.39 8.78
CA HIS A 69 -35.36 18.23 9.99
C HIS A 69 -36.62 17.85 10.70
N ARG A 70 -37.62 17.28 10.03
CA ARG A 70 -38.94 17.06 10.59
CA ARG A 70 -38.96 17.08 10.57
C ARG A 70 -39.22 15.62 10.90
N TYR A 71 -38.19 14.79 10.99
CA TYR A 71 -38.40 13.37 11.22
C TYR A 71 -39.05 13.03 12.53
N GLN A 72 -38.89 13.83 13.57
CA GLN A 72 -39.58 13.50 14.84
CA GLN A 72 -39.61 13.50 14.82
C GLN A 72 -41.10 13.66 14.65
N GLU A 73 -41.58 14.70 14.02
CA GLU A 73 -43.00 14.84 13.77
C GLU A 73 -43.53 13.77 12.87
N ASP A 74 -42.78 13.39 11.83
CA ASP A 74 -43.22 12.31 10.95
C ASP A 74 -43.29 10.96 11.66
N VAL A 75 -42.34 10.63 12.49
CA VAL A 75 -42.41 9.39 13.25
C VAL A 75 -43.56 9.44 14.26
N ALA A 76 -43.83 10.61 14.84
CA ALA A 76 -44.99 10.69 15.74
C ALA A 76 -46.21 10.40 15.00
N LEU A 77 -46.41 10.81 13.77
CA LEU A 77 -47.56 10.46 12.98
C LEU A 77 -47.59 8.98 12.64
N MET A 78 -46.45 8.38 12.40
CA MET A 78 -46.39 6.95 12.20
C MET A 78 -46.87 6.19 13.44
N ALA A 79 -46.52 6.66 14.60
CA ALA A 79 -46.92 6.00 15.86
C ALA A 79 -48.39 6.24 16.10
N GLU A 80 -48.94 7.40 15.71
CA GLU A 80 -50.36 7.66 15.79
C GLU A 80 -51.11 6.67 14.92
N MET A 81 -50.64 6.41 13.72
CA MET A 81 -51.25 5.46 12.83
C MET A 81 -51.12 4.04 13.34
N GLY A 82 -50.11 3.80 14.14
CA GLY A 82 -49.78 2.47 14.63
C GLY A 82 -49.03 1.63 13.62
N LEU A 83 -48.20 2.25 12.76
CA LEU A 83 -47.45 1.48 11.82
C LEU A 83 -46.58 0.45 12.47
N LYS A 84 -46.52 -0.73 11.90
CA LYS A 84 -45.67 -1.73 12.37
C LYS A 84 -44.23 -1.69 11.83
N ALA A 85 -44.13 -1.06 10.66
CA ALA A 85 -42.82 -0.93 9.99
C ALA A 85 -42.87 0.33 9.17
N TYR A 86 -41.62 0.85 9.01
CA TYR A 86 -41.41 1.98 8.13
C TYR A 86 -40.13 1.64 7.34
N ARG A 87 -40.33 1.67 6.05
CA ARG A 87 -39.22 1.41 5.07
C ARG A 87 -38.74 2.73 4.51
N PHE A 88 -37.44 2.95 4.71
CA PHE A 88 -36.79 4.16 4.19
C PHE A 88 -35.53 3.79 3.52
N SER A 89 -34.93 4.69 2.78
CA SER A 89 -33.63 4.43 2.19
C SER A 89 -32.60 5.33 2.89
N VAL A 90 -31.38 4.86 2.93
CA VAL A 90 -30.23 5.62 3.42
C VAL A 90 -29.59 6.28 2.26
N SER A 91 -29.28 7.57 2.37
CA SER A 91 -28.57 8.30 1.35
C SER A 91 -27.10 8.06 1.46
N TRP A 92 -26.54 7.30 0.53
CA TRP A 92 -25.08 6.94 0.54
C TRP A 92 -24.24 8.24 0.65
N SER A 93 -24.64 9.33 -0.01
CA SER A 93 -23.85 10.56 0.03
CA SER A 93 -23.81 10.52 0.02
C SER A 93 -23.82 11.21 1.37
N ARG A 94 -24.70 10.88 2.30
CA ARG A 94 -24.67 11.39 3.66
C ARG A 94 -23.64 10.64 4.41
N VAL A 95 -23.44 9.34 4.13
CA VAL A 95 -22.58 8.43 4.88
C VAL A 95 -21.15 8.45 4.37
N PHE A 96 -20.96 8.40 3.07
CA PHE A 96 -19.65 8.56 2.39
C PHE A 96 -19.89 9.65 1.35
N PRO A 97 -19.57 10.90 1.70
CA PRO A 97 -19.80 12.02 0.79
C PRO A 97 -19.18 11.84 -0.58
N ASP A 98 -18.03 11.18 -0.63
CA ASP A 98 -17.37 10.88 -1.91
C ASP A 98 -17.60 9.45 -2.35
N GLY A 99 -18.50 8.67 -1.73
CA GLY A 99 -18.74 7.36 -2.09
C GLY A 99 -17.83 6.32 -1.45
N ASN A 100 -16.56 6.61 -1.48
CA ASN A 100 -15.52 5.82 -0.84
C ASN A 100 -14.73 6.87 -0.02
N GLY A 101 -13.65 6.48 0.57
CA GLY A 101 -13.04 7.52 1.48
C GLY A 101 -13.68 7.67 2.82
N ALA A 102 -13.63 8.83 3.44
CA ALA A 102 -13.88 8.93 4.83
C ALA A 102 -15.41 8.86 5.14
N VAL A 103 -15.71 8.14 6.21
CA VAL A 103 -17.07 8.04 6.69
C VAL A 103 -17.46 9.38 7.30
N ASN A 104 -18.68 9.81 7.18
CA ASN A 104 -19.24 10.98 7.76
CA ASN A 104 -19.27 11.02 7.74
C ASN A 104 -20.09 10.63 8.93
N GLU A 105 -19.61 10.89 10.16
CA GLU A 105 -20.33 10.51 11.30
C GLU A 105 -21.60 11.26 11.51
N LYS A 106 -21.70 12.52 11.09
CA LYS A 106 -22.95 13.24 11.20
C LYS A 106 -24.03 12.61 10.35
N GLY A 107 -23.64 12.00 9.24
CA GLY A 107 -24.64 11.36 8.30
C GLY A 107 -25.16 10.13 8.97
N LEU A 108 -24.30 9.27 9.52
CA LEU A 108 -24.72 8.12 10.26
C LEU A 108 -25.56 8.49 11.44
N ASP A 109 -25.19 9.61 12.09
CA ASP A 109 -25.97 9.99 13.24
C ASP A 109 -27.36 10.33 12.93
N PHE A 110 -27.70 10.89 11.76
CA PHE A 110 -29.09 11.11 11.37
C PHE A 110 -29.90 9.76 11.42
N TYR A 111 -29.33 8.78 10.69
CA TYR A 111 -29.99 7.52 10.62
C TYR A 111 -30.07 6.77 11.97
N ASP A 112 -29.07 7.00 12.81
CA ASP A 112 -29.15 6.45 14.15
CA ASP A 112 -29.13 6.46 14.17
C ASP A 112 -30.29 7.11 14.94
N ARG A 113 -30.41 8.43 14.80
CA ARG A 113 -31.54 9.15 15.46
C ARG A 113 -32.89 8.71 14.93
N LEU A 114 -33.01 8.55 13.63
CA LEU A 114 -34.25 8.04 13.03
C LEU A 114 -34.61 6.67 13.52
N ILE A 115 -33.65 5.76 13.50
CA ILE A 115 -33.84 4.37 13.95
C ILE A 115 -34.26 4.34 15.44
N GLU A 116 -33.62 5.17 16.21
CA GLU A 116 -34.00 5.27 17.68
C GLU A 116 -35.36 5.79 17.78
N GLU A 117 -35.75 6.77 17.02
CA GLU A 117 -37.10 7.34 17.07
C GLU A 117 -38.12 6.28 16.75
N LEU A 118 -37.89 5.56 15.62
CA LEU A 118 -38.75 4.44 15.26
C LEU A 118 -38.85 3.39 16.38
N ARG A 119 -37.75 2.95 16.85
CA ARG A 119 -37.82 1.89 17.83
CA ARG A 119 -37.62 1.91 17.91
C ARG A 119 -38.37 2.35 19.17
N ASN A 120 -38.21 3.59 19.52
CA ASN A 120 -38.89 4.12 20.77
C ASN A 120 -40.37 4.14 20.58
N HIS A 121 -40.90 4.10 19.40
CA HIS A 121 -42.30 4.05 19.16
C HIS A 121 -42.80 2.70 18.73
N GLY A 122 -41.98 1.67 18.87
CA GLY A 122 -42.43 0.36 18.52
C GLY A 122 -42.57 0.04 17.02
N ILE A 123 -41.86 0.77 16.16
CA ILE A 123 -41.97 0.61 14.72
C ILE A 123 -40.67 -0.04 14.24
N GLU A 124 -40.82 -1.09 13.44
CA GLU A 124 -39.70 -1.85 12.86
C GLU A 124 -39.08 -1.01 11.70
N PRO A 125 -37.84 -0.67 11.83
CA PRO A 125 -37.17 -0.09 10.65
C PRO A 125 -36.93 -1.11 9.57
N ILE A 126 -37.16 -0.78 8.34
CA ILE A 126 -36.73 -1.57 7.22
C ILE A 126 -35.77 -0.72 6.41
N VAL A 127 -34.50 -0.99 6.46
CA VAL A 127 -33.49 -0.14 5.82
C VAL A 127 -33.30 -0.54 4.37
N THR A 128 -33.39 0.35 3.39
CA THR A 128 -33.11 0.21 2.01
C THR A 128 -31.73 0.77 1.76
N LEU A 129 -30.80 -0.03 1.28
CA LEU A 129 -29.44 0.43 1.09
C LEU A 129 -29.39 1.44 -0.03
N TYR A 130 -30.06 1.24 -1.14
CA TYR A 130 -29.86 2.01 -2.39
C TYR A 130 -31.15 2.33 -3.07
N HIS A 131 -31.43 3.62 -3.11
CA HIS A 131 -32.50 4.13 -3.96
C HIS A 131 -31.98 5.26 -4.84
N TRP A 132 -31.06 4.92 -5.72
CA TRP A 132 -30.77 5.57 -6.97
C TRP A 132 -29.84 6.73 -6.83
N ASP A 133 -29.28 6.89 -5.69
CA ASP A 133 -28.55 8.15 -5.30
C ASP A 133 -27.09 7.93 -5.06
N VAL A 134 -26.41 7.22 -5.96
CA VAL A 134 -24.94 6.99 -5.82
C VAL A 134 -24.26 8.35 -5.75
N PRO A 135 -23.22 8.45 -4.92
CA PRO A 135 -22.52 9.73 -4.86
C PRO A 135 -21.90 10.17 -6.19
N GLN A 136 -22.07 11.46 -6.55
CA GLN A 136 -21.57 11.98 -7.78
C GLN A 136 -20.06 11.74 -7.87
N ALA A 137 -19.33 11.72 -6.76
CA ALA A 137 -17.87 11.53 -6.91
C ALA A 137 -17.53 10.21 -7.55
N LEU A 138 -18.36 9.14 -7.37
CA LEU A 138 -18.08 7.84 -7.98
C LEU A 138 -18.41 7.87 -9.44
N MET A 139 -19.43 8.62 -9.86
CA MET A 139 -19.66 8.84 -11.27
CA MET A 139 -19.69 8.86 -11.26
C MET A 139 -18.53 9.58 -11.95
N ASP A 140 -18.09 10.63 -11.24
CA ASP A 140 -16.96 11.42 -11.80
C ASP A 140 -15.69 10.56 -11.93
N ALA A 141 -15.39 9.73 -10.97
CA ALA A 141 -14.12 8.97 -10.95
C ALA A 141 -14.14 7.86 -11.98
N TYR A 142 -15.23 7.07 -12.02
CA TYR A 142 -15.20 5.81 -12.75
C TYR A 142 -16.53 5.47 -13.34
N GLY A 143 -17.45 6.32 -13.41
CA GLY A 143 -18.75 6.06 -14.09
C GLY A 143 -19.64 5.14 -13.20
N ALA A 144 -19.48 5.15 -11.92
CA ALA A 144 -20.46 4.55 -10.93
C ALA A 144 -20.71 3.12 -11.39
N TRP A 145 -21.97 2.83 -11.68
CA TRP A 145 -22.43 1.44 -11.92
C TRP A 145 -21.86 0.78 -13.15
N GLU A 146 -21.12 1.52 -14.00
CA GLU A 146 -20.40 0.89 -15.12
C GLU A 146 -19.05 0.38 -14.78
N SER A 147 -18.60 0.53 -13.57
CA SER A 147 -17.30 0.01 -13.15
C SER A 147 -17.42 -1.05 -12.08
N ARG A 148 -16.65 -2.12 -12.18
CA ARG A 148 -16.51 -3.09 -11.07
CA ARG A 148 -16.53 -3.08 -11.11
C ARG A 148 -16.02 -2.49 -9.80
N ARG A 149 -15.41 -1.30 -9.85
CA ARG A 149 -15.00 -0.64 -8.63
C ARG A 149 -16.16 -0.39 -7.70
N ILE A 150 -17.35 -0.26 -8.17
CA ILE A 150 -18.43 0.06 -7.33
C ILE A 150 -18.80 -1.18 -6.50
N ILE A 151 -18.45 -2.37 -6.85
CA ILE A 151 -18.82 -3.56 -6.04
C ILE A 151 -18.23 -3.41 -4.67
N ASP A 152 -16.91 -3.15 -4.62
CA ASP A 152 -16.28 -3.00 -3.33
C ASP A 152 -16.65 -1.72 -2.60
N ASP A 153 -16.94 -0.65 -3.32
CA ASP A 153 -17.28 0.60 -2.70
C ASP A 153 -18.69 0.48 -2.07
N PHE A 154 -19.62 -0.09 -2.83
CA PHE A 154 -20.96 -0.37 -2.29
C PHE A 154 -20.92 -1.32 -1.11
N ASP A 155 -20.09 -2.37 -1.20
CA ASP A 155 -19.95 -3.32 -0.10
C ASP A 155 -19.45 -2.59 1.12
N ARG A 156 -18.46 -1.72 1.00
CA ARG A 156 -17.91 -1.05 2.17
C ARG A 156 -19.00 -0.18 2.87
N TYR A 157 -19.84 0.50 2.06
CA TYR A 157 -20.90 1.30 2.52
C TYR A 157 -21.93 0.41 3.19
N ALA A 158 -22.37 -0.71 2.59
CA ALA A 158 -23.36 -1.58 3.22
C ALA A 158 -22.83 -2.13 4.57
N VAL A 159 -21.55 -2.61 4.55
CA VAL A 159 -20.96 -3.17 5.80
C VAL A 159 -20.93 -2.12 6.83
N THR A 160 -20.64 -0.87 6.52
CA THR A 160 -20.69 0.21 7.54
C THR A 160 -22.03 0.25 8.19
N LEU A 161 -23.11 0.23 7.39
CA LEU A 161 -24.45 0.26 7.92
C LEU A 161 -24.79 -0.98 8.74
N PHE A 162 -24.40 -2.13 8.24
CA PHE A 162 -24.64 -3.39 8.98
C PHE A 162 -23.94 -3.32 10.35
N GLN A 163 -22.76 -2.80 10.39
CA GLN A 163 -22.02 -2.73 11.67
C GLN A 163 -22.68 -1.74 12.59
N ARG A 164 -23.17 -0.60 12.14
CA ARG A 164 -23.73 0.42 13.01
CA ARG A 164 -23.70 0.41 12.99
C ARG A 164 -25.12 0.06 13.44
N PHE A 165 -25.93 -0.56 12.60
CA PHE A 165 -27.29 -0.72 12.77
C PHE A 165 -27.89 -2.14 12.85
N GLY A 166 -27.05 -3.11 12.55
CA GLY A 166 -27.51 -4.50 12.49
C GLY A 166 -28.10 -5.04 13.80
N ASP A 167 -27.69 -4.45 14.92
CA ASP A 167 -28.24 -4.81 16.26
C ASP A 167 -29.64 -4.44 16.40
N ARG A 168 -30.11 -3.47 15.68
CA ARG A 168 -31.41 -2.91 15.79
C ARG A 168 -32.35 -3.02 14.58
N VAL A 169 -31.81 -3.40 13.41
CA VAL A 169 -32.58 -3.54 12.18
C VAL A 169 -32.46 -4.99 11.70
N LYS A 170 -33.60 -5.63 11.65
CA LYS A 170 -33.70 -7.01 11.21
C LYS A 170 -33.85 -7.07 9.71
N TYR A 171 -34.70 -6.20 9.13
CA TYR A 171 -35.09 -6.29 7.76
C TYR A 171 -34.37 -5.28 6.89
N TRP A 172 -33.68 -5.72 5.84
CA TRP A 172 -32.85 -4.92 4.96
C TRP A 172 -33.22 -5.20 3.50
N VAL A 173 -33.30 -4.17 2.69
CA VAL A 173 -33.45 -4.25 1.24
C VAL A 173 -32.16 -3.74 0.64
N THR A 174 -31.66 -4.41 -0.39
CA THR A 174 -30.40 -3.98 -1.05
C THR A 174 -30.58 -2.92 -2.06
N LEU A 175 -30.75 -3.36 -3.29
CA LEU A 175 -31.02 -2.47 -4.42
C LEU A 175 -32.53 -2.39 -4.59
N ASN A 176 -33.08 -1.21 -4.63
CA ASN A 176 -34.50 -1.01 -4.80
C ASN A 176 -34.79 -0.65 -6.20
N GLN A 177 -35.46 -1.51 -6.95
CA GLN A 177 -35.84 -1.30 -8.30
CA GLN A 177 -35.87 -1.27 -8.32
C GLN A 177 -34.65 -1.08 -9.26
N GLN A 178 -33.77 -2.01 -9.23
CA GLN A 178 -32.59 -2.05 -10.09
C GLN A 178 -33.04 -1.94 -11.51
N ASN A 179 -34.09 -2.63 -11.93
CA ASN A 179 -34.54 -2.63 -13.26
C ASN A 179 -34.95 -1.22 -13.70
N ILE A 180 -35.46 -0.42 -12.83
CA ILE A 180 -35.78 0.97 -13.16
CA ILE A 180 -35.78 0.97 -13.15
C ILE A 180 -34.53 1.86 -13.18
N PHE A 181 -33.69 1.87 -12.17
CA PHE A 181 -32.56 2.82 -12.22
C PHE A 181 -31.61 2.45 -13.32
N ILE A 182 -31.46 1.19 -13.66
CA ILE A 182 -30.60 0.77 -14.74
C ILE A 182 -31.28 1.08 -16.08
N SER A 183 -32.50 0.73 -16.30
CA SER A 183 -33.09 0.99 -17.63
CA SER A 183 -33.16 0.99 -17.61
C SER A 183 -33.34 2.47 -17.84
N PHE A 184 -33.81 3.24 -16.87
CA PHE A 184 -34.05 4.63 -16.99
C PHE A 184 -32.71 5.34 -17.16
N GLY A 185 -31.65 4.92 -16.52
CA GLY A 185 -30.38 5.60 -16.54
C GLY A 185 -29.58 5.33 -17.77
N TYR A 186 -29.71 4.14 -18.36
CA TYR A 186 -28.82 3.68 -19.45
C TYR A 186 -29.49 3.36 -20.74
N ARG A 187 -30.84 3.14 -20.74
CA ARG A 187 -31.57 2.81 -21.97
CA ARG A 187 -31.54 2.84 -21.98
C ARG A 187 -32.42 3.95 -22.39
N LEU A 188 -33.18 4.52 -21.51
CA LEU A 188 -34.11 5.56 -21.83
C LEU A 188 -33.56 6.95 -21.68
N GLY A 189 -32.46 7.07 -20.92
CA GLY A 189 -31.87 8.34 -20.65
C GLY A 189 -32.65 9.33 -19.82
N LEU A 190 -33.64 8.83 -19.07
CA LEU A 190 -34.52 9.67 -18.29
C LEU A 190 -34.02 9.99 -16.91
N HIS A 191 -33.14 9.11 -16.40
CA HIS A 191 -32.54 9.19 -15.02
C HIS A 191 -31.03 9.26 -15.19
N PRO A 192 -30.28 9.61 -14.15
CA PRO A 192 -28.81 9.64 -14.24
C PRO A 192 -28.26 8.27 -14.60
N PRO A 193 -27.25 8.18 -15.49
CA PRO A 193 -26.51 9.29 -16.09
C PRO A 193 -27.06 9.78 -17.39
N GLY A 194 -28.27 9.49 -17.82
CA GLY A 194 -28.89 10.03 -19.00
C GLY A 194 -28.41 9.39 -20.24
N VAL A 195 -27.97 8.15 -20.19
CA VAL A 195 -27.40 7.35 -21.32
C VAL A 195 -28.53 6.64 -22.01
N LYS A 196 -28.40 6.45 -23.34
CA LYS A 196 -29.27 5.68 -24.18
C LYS A 196 -28.46 4.70 -24.97
N ASP A 197 -28.05 3.54 -24.41
CA ASP A 197 -27.11 2.65 -24.99
C ASP A 197 -27.37 1.29 -24.34
N MET A 198 -27.96 0.39 -25.04
CA MET A 198 -28.32 -0.88 -24.40
CA MET A 198 -28.33 -0.96 -24.49
C MET A 198 -27.10 -1.72 -24.04
N LYS A 199 -25.96 -1.69 -24.75
CA LYS A 199 -24.82 -2.42 -24.34
C LYS A 199 -24.35 -1.93 -22.98
N ARG A 200 -24.24 -0.61 -22.80
CA ARG A 200 -23.88 -0.06 -21.53
C ARG A 200 -24.88 -0.44 -20.47
N MET A 201 -26.16 -0.37 -20.79
CA MET A 201 -27.24 -0.78 -19.85
CA MET A 201 -27.15 -0.77 -19.78
C MET A 201 -26.94 -2.16 -19.24
N TYR A 202 -26.72 -3.12 -20.11
CA TYR A 202 -26.57 -4.49 -19.67
C TYR A 202 -25.29 -4.72 -18.89
N GLU A 203 -24.21 -3.99 -19.20
CA GLU A 203 -23.01 -4.04 -18.41
C GLU A 203 -23.19 -3.47 -17.02
N ALA A 204 -23.79 -2.32 -16.94
CA ALA A 204 -24.13 -1.75 -15.65
C ALA A 204 -25.03 -2.63 -14.78
N ASN A 205 -25.98 -3.23 -15.48
CA ASN A 205 -26.92 -4.14 -14.83
C ASN A 205 -26.17 -5.33 -14.22
N HIS A 206 -25.19 -5.90 -14.94
CA HIS A 206 -24.43 -7.03 -14.48
C HIS A 206 -23.59 -6.64 -13.25
N ILE A 207 -22.99 -5.46 -13.28
CA ILE A 207 -22.22 -4.98 -12.11
C ILE A 207 -23.12 -4.77 -10.91
N ALA A 208 -24.33 -4.25 -11.13
CA ALA A 208 -25.27 -4.12 -10.04
C ALA A 208 -25.65 -5.48 -9.45
N ASN A 209 -25.82 -6.45 -10.33
CA ASN A 209 -26.08 -7.79 -9.84
C ASN A 209 -24.99 -8.31 -8.91
N LEU A 210 -23.76 -8.08 -9.32
CA LEU A 210 -22.60 -8.50 -8.53
C LEU A 210 -22.52 -7.78 -7.22
N ALA A 211 -22.84 -6.48 -7.25
CA ALA A 211 -22.84 -5.69 -6.02
C ALA A 211 -23.92 -6.15 -5.05
N ASN A 212 -25.10 -6.48 -5.55
CA ASN A 212 -26.18 -7.05 -4.68
C ASN A 212 -25.69 -8.33 -4.05
N ALA A 213 -25.12 -9.24 -4.85
CA ALA A 213 -24.70 -10.51 -4.30
C ALA A 213 -23.59 -10.30 -3.28
N LYS A 214 -22.62 -9.42 -3.52
CA LYS A 214 -21.51 -9.19 -2.59
C LYS A 214 -22.07 -8.74 -1.26
N VAL A 215 -23.00 -7.81 -1.26
CA VAL A 215 -23.53 -7.30 -0.01
CA VAL A 215 -23.57 -7.28 -0.10
C VAL A 215 -24.35 -8.34 0.73
N ILE A 216 -25.07 -9.19 0.02
CA ILE A 216 -25.80 -10.26 0.78
C ILE A 216 -24.79 -11.19 1.42
N GLN A 217 -23.73 -11.51 0.72
CA GLN A 217 -22.65 -12.34 1.33
CA GLN A 217 -22.72 -12.36 1.39
C GLN A 217 -22.11 -11.68 2.55
N SER A 218 -21.82 -10.39 2.50
CA SER A 218 -21.31 -9.66 3.65
C SER A 218 -22.36 -9.67 4.76
N PHE A 219 -23.62 -9.50 4.47
CA PHE A 219 -24.66 -9.45 5.49
C PHE A 219 -24.68 -10.72 6.26
N ARG A 220 -24.41 -11.86 5.68
CA ARG A 220 -24.42 -13.18 6.48
C ARG A 220 -23.35 -13.13 7.53
N HIS A 221 -22.24 -12.45 7.31
CA HIS A 221 -21.20 -12.28 8.30
C HIS A 221 -21.55 -11.39 9.40
N TYR A 222 -22.18 -10.23 9.09
CA TYR A 222 -22.35 -9.15 10.07
C TYR A 222 -23.68 -9.06 10.74
N VAL A 223 -24.74 -9.64 10.14
CA VAL A 223 -26.06 -9.61 10.61
C VAL A 223 -26.71 -11.02 10.48
N PRO A 224 -26.18 -11.94 11.29
CA PRO A 224 -26.54 -13.29 11.01
C PRO A 224 -27.96 -13.62 11.38
N ASP A 225 -28.70 -12.88 12.17
CA ASP A 225 -30.09 -13.11 12.46
C ASP A 225 -31.06 -12.22 11.64
N GLY A 226 -30.44 -11.48 10.72
CA GLY A 226 -31.28 -10.59 9.90
C GLY A 226 -31.84 -11.20 8.63
N LYS A 227 -32.68 -10.44 7.95
CA LYS A 227 -33.29 -10.87 6.75
C LYS A 227 -33.05 -9.82 5.67
N ILE A 228 -32.61 -10.22 4.52
CA ILE A 228 -32.21 -9.30 3.44
C ILE A 228 -32.70 -9.75 2.12
N GLY A 229 -33.00 -8.84 1.22
CA GLY A 229 -33.29 -9.19 -0.12
C GLY A 229 -33.30 -7.93 -1.01
N PRO A 230 -33.21 -8.12 -2.34
CA PRO A 230 -33.42 -7.05 -3.28
C PRO A 230 -34.87 -6.75 -3.42
N SER A 231 -35.27 -5.62 -4.05
CA SER A 231 -36.66 -5.34 -4.32
C SER A 231 -36.78 -5.07 -5.76
N PHE A 232 -37.67 -5.69 -6.46
CA PHE A 232 -37.85 -5.65 -7.87
C PHE A 232 -39.13 -4.92 -8.27
N ALA A 233 -39.08 -4.02 -9.25
CA ALA A 233 -40.25 -3.37 -9.74
C ALA A 233 -40.97 -4.29 -10.73
N TYR A 234 -41.96 -5.00 -10.22
CA TYR A 234 -42.56 -6.15 -10.92
C TYR A 234 -43.90 -5.75 -11.57
N SER A 235 -43.95 -5.72 -12.88
CA SER A 235 -45.20 -5.72 -13.63
C SER A 235 -45.40 -7.09 -14.28
N PRO A 236 -46.22 -7.91 -13.61
CA PRO A 236 -46.50 -9.25 -14.21
C PRO A 236 -47.06 -9.10 -15.58
N MET A 237 -46.59 -9.91 -16.50
CA MET A 237 -47.09 -9.93 -17.87
C MET A 237 -48.29 -10.85 -18.03
N TYR A 238 -49.22 -10.45 -18.89
CA TYR A 238 -50.37 -11.24 -19.33
C TYR A 238 -50.29 -11.39 -20.85
N PRO A 239 -50.66 -12.59 -21.43
CA PRO A 239 -50.95 -12.59 -22.87
C PRO A 239 -52.29 -11.90 -23.14
N TYR A 240 -52.39 -11.30 -24.29
CA TYR A 240 -53.69 -10.69 -24.66
C TYR A 240 -54.87 -11.69 -24.68
N ASP A 241 -54.54 -12.85 -25.25
CA ASP A 241 -55.50 -13.91 -25.39
C ASP A 241 -54.84 -15.22 -25.68
N SER A 242 -55.60 -16.24 -26.02
CA SER A 242 -55.14 -17.57 -26.19
C SER A 242 -54.67 -17.84 -27.63
N ARG A 243 -54.45 -16.88 -28.47
CA ARG A 243 -53.75 -17.03 -29.69
C ARG A 243 -52.35 -17.53 -29.38
N PRO A 244 -51.89 -18.63 -29.94
CA PRO A 244 -50.54 -19.14 -29.60
C PRO A 244 -49.45 -18.06 -29.70
N GLU A 245 -49.47 -17.24 -30.71
CA GLU A 245 -48.43 -16.22 -30.88
C GLU A 245 -48.49 -15.19 -29.78
N ASN A 246 -49.64 -14.94 -29.18
CA ASN A 246 -49.76 -14.01 -28.07
C ASN A 246 -49.27 -14.64 -26.81
N VAL A 247 -49.51 -15.94 -26.58
CA VAL A 247 -48.94 -16.63 -25.46
C VAL A 247 -47.44 -16.68 -25.58
N LEU A 248 -46.88 -16.91 -26.70
CA LEU A 248 -45.46 -16.88 -26.89
C LEU A 248 -44.91 -15.50 -26.59
N ALA A 249 -45.56 -14.45 -26.99
CA ALA A 249 -45.17 -13.07 -26.68
C ALA A 249 -45.14 -12.89 -25.22
N PHE A 250 -46.06 -13.41 -24.43
CA PHE A 250 -46.09 -13.37 -22.99
C PHE A 250 -44.88 -14.18 -22.47
N GLU A 251 -44.56 -15.32 -22.98
CA GLU A 251 -43.38 -16.07 -22.49
C GLU A 251 -42.17 -15.21 -22.68
N ASN A 252 -41.99 -14.55 -23.82
CA ASN A 252 -40.90 -13.72 -24.09
C ASN A 252 -40.84 -12.51 -23.12
N ALA A 253 -41.96 -11.88 -22.92
CA ALA A 253 -42.03 -10.69 -22.11
C ALA A 253 -41.76 -10.98 -20.67
N GLU A 254 -42.38 -11.99 -20.07
CA GLU A 254 -42.15 -12.33 -18.72
C GLU A 254 -40.69 -12.68 -18.46
N GLU A 255 -40.05 -13.40 -19.34
CA GLU A 255 -38.65 -13.76 -19.18
C GLU A 255 -37.82 -12.50 -19.33
N PHE A 256 -38.00 -11.70 -20.36
CA PHE A 256 -37.08 -10.61 -20.69
C PHE A 256 -37.24 -9.44 -19.74
N GLN A 257 -38.45 -9.18 -19.25
CA GLN A 257 -38.71 -8.07 -18.41
C GLN A 257 -38.56 -8.39 -16.93
N ASN A 258 -38.89 -9.62 -16.55
CA ASN A 258 -39.03 -10.02 -15.17
C ASN A 258 -38.06 -11.07 -14.72
N HIS A 259 -38.02 -12.20 -15.34
CA HIS A 259 -37.03 -13.21 -14.99
C HIS A 259 -35.61 -12.78 -15.17
N TRP A 260 -35.36 -11.89 -16.07
CA TRP A 260 -33.99 -11.38 -16.33
C TRP A 260 -33.38 -10.88 -15.05
N TRP A 261 -34.18 -10.24 -14.19
CA TRP A 261 -33.79 -9.80 -12.84
C TRP A 261 -33.99 -10.81 -11.75
N MET A 262 -35.23 -11.32 -11.64
CA MET A 262 -35.54 -12.14 -10.51
C MET A 262 -34.84 -13.48 -10.50
N ASP A 263 -34.53 -14.05 -11.68
CA ASP A 263 -33.78 -15.31 -11.72
C ASP A 263 -32.38 -15.07 -11.24
N VAL A 264 -31.77 -13.92 -11.51
CA VAL A 264 -30.45 -13.66 -10.99
C VAL A 264 -30.50 -13.52 -9.49
N TYR A 265 -31.52 -12.84 -8.97
CA TYR A 265 -31.64 -12.67 -7.54
C TYR A 265 -31.84 -13.98 -6.84
N ALA A 266 -32.69 -14.84 -7.35
CA ALA A 266 -33.05 -16.10 -6.64
C ALA A 266 -32.07 -17.19 -6.94
N TRP A 267 -31.62 -17.32 -8.17
CA TRP A 267 -30.87 -18.52 -8.61
C TRP A 267 -29.46 -18.21 -9.08
N GLY A 268 -29.11 -16.94 -9.26
CA GLY A 268 -27.81 -16.56 -9.72
C GLY A 268 -27.58 -16.83 -11.16
N MET A 269 -28.62 -16.89 -11.97
CA MET A 269 -28.43 -17.18 -13.39
CA MET A 269 -28.59 -17.36 -13.39
C MET A 269 -29.41 -16.41 -14.24
N TYR A 270 -28.94 -15.90 -15.38
CA TYR A 270 -29.74 -15.27 -16.34
C TYR A 270 -30.56 -16.31 -17.17
N PRO A 271 -31.80 -16.01 -17.54
CA PRO A 271 -32.53 -16.94 -18.37
C PRO A 271 -31.94 -17.07 -19.76
N GLN A 272 -31.98 -18.25 -20.38
CA GLN A 272 -31.23 -18.52 -21.61
C GLN A 272 -31.73 -17.93 -22.83
N ALA A 273 -33.03 -17.91 -23.05
CA ALA A 273 -33.59 -17.34 -24.23
C ALA A 273 -33.26 -15.86 -24.32
N ALA A 274 -33.43 -15.16 -23.24
CA ALA A 274 -33.14 -13.73 -23.18
C ALA A 274 -31.66 -13.52 -23.35
N TRP A 275 -30.81 -14.30 -22.73
CA TRP A 275 -29.36 -14.23 -22.94
C TRP A 275 -28.99 -14.44 -24.37
N ASN A 276 -29.62 -15.38 -25.04
CA ASN A 276 -29.21 -15.70 -26.44
C ASN A 276 -29.73 -14.61 -27.31
N TYR A 277 -30.84 -13.98 -27.07
CA TYR A 277 -31.33 -12.85 -27.79
C TYR A 277 -30.31 -11.67 -27.67
N LEU A 278 -29.91 -11.37 -26.46
CA LEU A 278 -28.92 -10.31 -26.27
C LEU A 278 -27.60 -10.66 -26.98
N GLU A 279 -27.14 -11.86 -26.93
CA GLU A 279 -25.87 -12.25 -27.56
C GLU A 279 -26.08 -12.06 -29.08
N SER A 280 -27.23 -12.27 -29.66
CA SER A 280 -27.41 -12.18 -31.09
C SER A 280 -27.31 -10.70 -31.49
N GLN A 281 -27.64 -9.76 -30.59
CA GLN A 281 -27.56 -8.32 -30.78
C GLN A 281 -26.24 -7.72 -30.35
N GLY A 282 -25.27 -8.50 -29.86
CA GLY A 282 -24.00 -8.05 -29.26
C GLY A 282 -24.19 -7.25 -27.98
N LEU A 283 -25.17 -7.60 -27.16
CA LEU A 283 -25.57 -6.83 -25.96
C LEU A 283 -25.33 -7.59 -24.68
N GLU A 284 -24.94 -8.85 -24.68
CA GLU A 284 -24.82 -9.56 -23.43
C GLU A 284 -23.64 -8.99 -22.62
N PRO A 285 -23.74 -8.98 -21.28
CA PRO A 285 -22.67 -8.39 -20.49
C PRO A 285 -21.38 -9.20 -20.50
N THR A 286 -20.30 -8.56 -20.12
CA THR A 286 -19.00 -9.19 -19.96
C THR A 286 -18.98 -9.92 -18.62
N VAL A 287 -18.63 -11.20 -18.64
CA VAL A 287 -18.61 -12.02 -17.49
C VAL A 287 -17.17 -12.30 -17.09
N ALA A 288 -16.81 -12.16 -15.86
CA ALA A 288 -15.44 -12.44 -15.28
C ALA A 288 -15.46 -13.72 -14.59
N PRO A 289 -14.25 -14.33 -14.47
CA PRO A 289 -14.15 -15.44 -13.57
C PRO A 289 -14.64 -15.10 -12.16
N GLY A 290 -15.38 -16.01 -11.53
CA GLY A 290 -15.92 -15.78 -10.24
C GLY A 290 -17.32 -15.22 -10.19
N ASP A 291 -17.77 -14.65 -11.29
CA ASP A 291 -19.07 -13.95 -11.32
C ASP A 291 -20.20 -14.92 -11.04
N TRP A 292 -20.24 -16.07 -11.72
CA TRP A 292 -21.33 -17.03 -11.49
C TRP A 292 -21.37 -17.57 -10.13
N GLU A 293 -20.18 -17.85 -9.59
CA GLU A 293 -20.12 -18.42 -8.28
CA GLU A 293 -20.06 -18.40 -8.24
C GLU A 293 -20.62 -17.44 -7.20
N LEU A 294 -20.29 -16.15 -7.40
CA LEU A 294 -20.81 -15.10 -6.50
C LEU A 294 -22.31 -14.95 -6.54
N LEU A 295 -22.75 -14.86 -7.79
CA LEU A 295 -24.23 -14.69 -7.99
C LEU A 295 -25.05 -15.83 -7.45
N GLN A 296 -24.52 -17.06 -7.60
CA GLN A 296 -25.25 -18.25 -7.16
CA GLN A 296 -25.27 -18.24 -7.19
C GLN A 296 -25.18 -18.40 -5.65
N ALA A 297 -24.15 -17.92 -5.01
CA ALA A 297 -23.99 -18.07 -3.57
C ALA A 297 -24.47 -16.94 -2.71
N ALA A 298 -25.40 -16.23 -3.14
CA ALA A 298 -25.93 -15.08 -2.43
C ALA A 298 -27.44 -15.11 -2.41
N LYS A 299 -27.99 -16.16 -1.82
CA LYS A 299 -29.43 -16.31 -1.82
CA LYS A 299 -29.36 -16.39 -1.70
C LYS A 299 -30.05 -15.35 -0.79
N PRO A 300 -31.13 -14.75 -1.20
CA PRO A 300 -31.78 -13.82 -0.32
C PRO A 300 -32.78 -14.46 0.60
N ASP A 301 -33.22 -13.83 1.64
CA ASP A 301 -34.29 -14.30 2.52
C ASP A 301 -35.63 -14.07 1.96
N PHE A 302 -35.84 -13.06 1.09
CA PHE A 302 -37.11 -12.76 0.53
C PHE A 302 -36.90 -12.04 -0.75
N MET A 303 -37.95 -11.99 -1.56
CA MET A 303 -37.99 -11.12 -2.70
C MET A 303 -38.77 -9.92 -2.36
N GLY A 304 -38.25 -8.71 -2.51
CA GLY A 304 -39.01 -7.50 -2.36
C GLY A 304 -39.72 -7.24 -3.63
N VAL A 305 -40.97 -6.72 -3.58
CA VAL A 305 -41.78 -6.40 -4.72
C VAL A 305 -42.37 -5.05 -4.61
N ASN A 306 -42.06 -4.27 -5.59
CA ASN A 306 -42.70 -2.93 -5.85
C ASN A 306 -43.70 -3.16 -6.93
N TYR A 307 -45.01 -3.01 -6.61
CA TYR A 307 -46.07 -3.28 -7.54
C TYR A 307 -47.05 -2.15 -7.77
N TYR A 308 -47.29 -1.86 -8.99
CA TYR A 308 -48.39 -0.95 -9.40
C TYR A 308 -49.33 -1.54 -10.34
N GLN A 309 -48.92 -2.31 -11.36
CA GLN A 309 -49.82 -2.72 -12.44
C GLN A 309 -49.20 -3.90 -13.17
N THR A 310 -50.05 -4.63 -13.85
CA THR A 310 -49.70 -5.61 -14.84
C THR A 310 -49.53 -5.03 -16.17
N THR A 311 -48.97 -5.73 -17.14
CA THR A 311 -48.78 -5.39 -18.51
C THR A 311 -49.30 -6.44 -19.41
N THR A 312 -50.13 -6.18 -20.42
CA THR A 312 -50.62 -7.17 -21.34
C THR A 312 -49.83 -7.00 -22.58
N VAL A 313 -49.51 -8.10 -23.27
CA VAL A 313 -48.68 -8.16 -24.42
C VAL A 313 -49.30 -8.99 -25.54
N GLU A 314 -48.83 -8.71 -26.72
CA GLU A 314 -49.19 -9.45 -27.92
C GLU A 314 -48.05 -9.63 -28.84
N HIS A 315 -48.22 -10.48 -29.84
CA HIS A 315 -47.24 -10.69 -30.85
C HIS A 315 -46.72 -9.39 -31.54
N ASN A 316 -45.44 -9.35 -31.73
CA ASN A 316 -44.74 -8.17 -32.35
C ASN A 316 -43.80 -8.72 -33.40
N PRO A 317 -44.10 -8.54 -34.62
CA PRO A 317 -43.20 -9.05 -35.70
C PRO A 317 -41.84 -8.33 -35.79
N PRO A 318 -40.90 -8.92 -36.55
CA PRO A 318 -39.47 -8.46 -36.49
C PRO A 318 -39.22 -7.08 -37.06
N ASP A 319 -40.24 -6.50 -37.64
CA ASP A 319 -40.19 -5.12 -38.13
C ASP A 319 -41.26 -4.26 -37.43
N GLY A 320 -41.72 -4.71 -36.25
CA GLY A 320 -42.85 -4.07 -35.57
C GLY A 320 -42.39 -2.96 -34.62
N VAL A 321 -43.18 -2.79 -33.58
CA VAL A 321 -43.02 -1.73 -32.58
C VAL A 321 -41.73 -1.86 -31.80
N GLY A 322 -41.00 -0.75 -31.60
CA GLY A 322 -39.81 -0.67 -30.72
C GLY A 322 -39.89 0.43 -29.62
N THR A 336 -49.48 4.50 -25.56
CA THR A 336 -49.24 3.62 -26.72
C THR A 336 -48.02 2.60 -26.62
N SER A 337 -47.99 1.75 -27.63
CA SER A 337 -47.37 0.44 -27.47
C SER A 337 -45.85 0.58 -27.47
N SER A 338 -45.17 -0.23 -26.70
CA SER A 338 -43.76 -0.34 -26.66
C SER A 338 -43.46 -1.82 -26.74
N GLY A 339 -42.30 -2.15 -27.25
CA GLY A 339 -41.87 -3.53 -27.24
C GLY A 339 -40.55 -3.74 -27.88
N ILE A 340 -40.26 -4.99 -28.16
CA ILE A 340 -39.05 -5.48 -28.77
C ILE A 340 -39.43 -6.22 -29.99
N PRO A 341 -39.07 -5.71 -31.17
CA PRO A 341 -39.41 -6.43 -32.40
C PRO A 341 -39.01 -7.89 -32.39
N GLY A 342 -39.96 -8.71 -32.83
CA GLY A 342 -39.83 -10.14 -32.79
C GLY A 342 -40.02 -10.81 -31.43
N LEU A 343 -40.22 -10.04 -30.35
CA LEU A 343 -40.35 -10.63 -29.01
C LEU A 343 -41.76 -10.34 -28.47
N PHE A 344 -42.24 -9.10 -28.38
CA PHE A 344 -43.54 -8.77 -27.85
C PHE A 344 -43.80 -7.26 -28.05
N LYS A 345 -44.98 -6.89 -27.88
CA LYS A 345 -45.34 -5.48 -27.67
C LYS A 345 -46.47 -5.43 -26.70
N THR A 346 -46.58 -4.27 -26.04
CA THR A 346 -47.66 -4.00 -25.13
C THR A 346 -48.96 -3.66 -25.78
N VAL A 347 -50.04 -3.93 -25.15
CA VAL A 347 -51.36 -3.65 -25.65
C VAL A 347 -52.24 -3.34 -24.51
N ARG A 348 -53.21 -2.41 -24.64
CA ARG A 348 -54.07 -2.10 -23.57
C ARG A 348 -54.90 -3.30 -23.19
N ASN A 349 -55.14 -3.48 -21.90
CA ASN A 349 -55.90 -4.58 -21.41
C ASN A 349 -57.35 -4.13 -21.25
N PRO A 350 -58.25 -4.71 -22.05
CA PRO A 350 -59.64 -4.20 -21.99
C PRO A 350 -60.39 -4.58 -20.76
N HIS A 351 -59.83 -5.44 -19.89
CA HIS A 351 -60.49 -6.01 -18.79
C HIS A 351 -60.06 -5.50 -17.43
N VAL A 352 -59.25 -4.41 -17.38
CA VAL A 352 -58.98 -3.77 -16.11
C VAL A 352 -59.33 -2.25 -16.25
N ASP A 353 -59.58 -1.61 -15.10
CA ASP A 353 -59.72 -0.13 -15.04
C ASP A 353 -58.36 0.49 -15.15
N THR A 354 -58.32 1.80 -15.42
CA THR A 354 -57.07 2.54 -15.46
C THR A 354 -57.20 3.74 -14.50
N THR A 355 -56.04 4.16 -14.03
CA THR A 355 -55.88 5.43 -13.28
C THR A 355 -55.98 6.63 -14.30
N ASN A 356 -56.09 7.83 -13.76
CA ASN A 356 -56.10 9.02 -14.60
C ASN A 356 -54.83 9.26 -15.36
N TRP A 357 -53.73 8.58 -14.99
CA TRP A 357 -52.50 8.57 -15.80
C TRP A 357 -52.35 7.31 -16.65
N ASP A 358 -53.42 6.53 -16.78
CA ASP A 358 -53.39 5.40 -17.66
C ASP A 358 -52.51 4.23 -17.18
N TRP A 359 -52.31 4.13 -15.86
CA TRP A 359 -51.76 2.89 -15.31
C TRP A 359 -52.95 1.95 -15.10
N ALA A 360 -52.77 0.66 -15.36
CA ALA A 360 -53.81 -0.25 -14.99
C ALA A 360 -54.07 -0.21 -13.45
N ILE A 361 -55.29 -0.45 -13.01
CA ILE A 361 -55.64 -0.76 -11.65
C ILE A 361 -55.97 -2.26 -11.68
N ASP A 362 -55.09 -3.10 -11.11
CA ASP A 362 -55.25 -4.55 -11.25
C ASP A 362 -54.83 -5.21 -9.98
N PRO A 363 -55.63 -5.21 -8.90
CA PRO A 363 -55.29 -5.85 -7.67
C PRO A 363 -55.12 -7.34 -7.81
N VAL A 364 -55.92 -8.01 -8.65
CA VAL A 364 -55.74 -9.46 -8.81
C VAL A 364 -54.35 -9.71 -9.42
N GLY A 365 -53.84 -8.79 -10.22
CA GLY A 365 -52.48 -8.90 -10.70
C GLY A 365 -51.44 -8.94 -9.64
N LEU A 366 -51.66 -8.30 -8.50
CA LEU A 366 -50.75 -8.43 -7.40
C LEU A 366 -50.79 -9.89 -6.85
N ARG A 367 -51.96 -10.48 -6.67
CA ARG A 367 -52.06 -11.87 -6.29
C ARG A 367 -51.33 -12.74 -7.28
N ILE A 368 -51.54 -12.52 -8.54
CA ILE A 368 -50.84 -13.26 -9.61
C ILE A 368 -49.36 -13.17 -9.49
N GLY A 369 -48.85 -11.96 -9.30
CA GLY A 369 -47.42 -11.80 -9.17
C GLY A 369 -46.86 -12.51 -7.96
N LEU A 370 -47.50 -12.40 -6.84
CA LEU A 370 -47.13 -13.07 -5.65
C LEU A 370 -47.11 -14.60 -5.84
N ARG A 371 -48.19 -15.09 -6.48
CA ARG A 371 -48.24 -16.56 -6.76
C ARG A 371 -47.11 -16.94 -7.65
N ARG A 372 -46.78 -16.15 -8.64
CA ARG A 372 -45.70 -16.51 -9.60
C ARG A 372 -44.37 -16.56 -8.87
N ILE A 373 -44.07 -15.63 -7.97
CA ILE A 373 -42.82 -15.64 -7.23
C ILE A 373 -42.71 -16.87 -6.32
N ALA A 374 -43.78 -17.18 -5.61
CA ALA A 374 -43.75 -18.38 -4.77
C ALA A 374 -43.63 -19.58 -5.63
N ASN A 375 -44.34 -19.70 -6.71
CA ASN A 375 -44.30 -20.90 -7.55
C ASN A 375 -42.98 -21.08 -8.19
N ARG A 376 -42.25 -20.03 -8.59
CA ARG A 376 -41.00 -20.15 -9.31
C ARG A 376 -39.80 -20.29 -8.41
N TYR A 377 -39.79 -19.52 -7.30
CA TYR A 377 -38.62 -19.41 -6.43
C TYR A 377 -38.81 -19.90 -5.02
N GLN A 378 -40.06 -20.14 -4.61
CA GLN A 378 -40.39 -20.55 -3.24
C GLN A 378 -39.91 -19.55 -2.27
N LEU A 379 -39.87 -18.26 -2.56
CA LEU A 379 -39.38 -17.27 -1.62
C LEU A 379 -40.54 -16.57 -0.92
N PRO A 380 -40.33 -16.24 0.34
CA PRO A 380 -41.19 -15.19 0.94
C PRO A 380 -41.05 -13.88 0.20
N ILE A 381 -42.08 -13.10 0.35
CA ILE A 381 -42.21 -11.83 -0.36
C ILE A 381 -42.44 -10.70 0.62
N LEU A 382 -41.70 -9.62 0.53
CA LEU A 382 -42.01 -8.33 1.22
C LEU A 382 -42.54 -7.40 0.17
N ILE A 383 -43.74 -6.94 0.23
CA ILE A 383 -44.24 -5.95 -0.68
C ILE A 383 -43.74 -4.62 -0.19
N THR A 384 -42.77 -4.06 -0.94
CA THR A 384 -41.99 -2.87 -0.47
C THR A 384 -42.68 -1.59 -0.95
N GLU A 385 -43.59 -1.62 -1.87
CA GLU A 385 -44.20 -0.42 -2.42
C GLU A 385 -45.41 -0.80 -3.15
N ASN A 386 -46.54 -0.11 -2.90
CA ASN A 386 -47.80 -0.16 -3.65
C ASN A 386 -48.58 1.03 -3.17
N GLY A 387 -49.18 1.74 -4.13
CA GLY A 387 -49.96 2.93 -3.74
C GLY A 387 -50.58 3.55 -4.94
N LEU A 388 -51.37 4.64 -4.73
CA LEU A 388 -52.08 5.40 -5.72
C LEU A 388 -51.65 6.86 -5.70
N GLY A 389 -51.21 7.35 -6.82
CA GLY A 389 -50.91 8.73 -6.91
C GLY A 389 -52.05 9.44 -7.53
N GLU A 390 -52.44 10.58 -6.93
CA GLU A 390 -53.55 11.37 -7.46
C GLU A 390 -53.41 12.80 -7.00
N PHE A 391 -54.11 13.71 -7.68
CA PHE A 391 -54.20 15.10 -7.28
C PHE A 391 -55.11 14.99 -6.02
N ASP A 392 -54.70 15.40 -4.90
CA ASP A 392 -55.49 15.52 -3.75
C ASP A 392 -55.82 17.01 -3.55
N THR A 393 -57.07 17.28 -3.18
CA THR A 393 -57.51 18.63 -2.81
C THR A 393 -57.53 18.76 -1.32
N LEU A 394 -56.95 19.84 -0.83
CA LEU A 394 -56.96 20.23 0.53
C LEU A 394 -58.25 21.09 0.73
N GLU A 395 -59.19 20.54 1.46
CA GLU A 395 -60.53 21.22 1.60
C GLU A 395 -60.42 22.05 2.85
N PRO A 396 -61.34 23.06 2.96
CA PRO A 396 -61.38 23.83 4.21
C PRO A 396 -61.43 23.01 5.49
N GLY A 397 -60.70 23.42 6.51
CA GLY A 397 -60.64 22.70 7.76
C GLY A 397 -59.51 21.61 7.73
N ASP A 398 -58.66 21.73 6.70
CA ASP A 398 -57.50 20.81 6.50
C ASP A 398 -57.98 19.34 6.43
N ILE A 399 -58.84 19.16 5.47
CA ILE A 399 -59.46 17.86 5.19
C ILE A 399 -59.04 17.45 3.81
N VAL A 400 -58.58 16.19 3.66
CA VAL A 400 -58.37 15.60 2.35
C VAL A 400 -59.18 14.32 2.23
N ASN A 401 -60.17 14.28 1.36
CA ASN A 401 -61.00 13.12 1.29
C ASN A 401 -60.52 12.31 0.11
N ASP A 402 -59.60 11.38 0.39
CA ASP A 402 -59.00 10.56 -0.67
C ASP A 402 -59.58 9.18 -0.64
N ASP A 403 -60.90 9.05 -0.82
CA ASP A 403 -61.53 7.75 -0.89
C ASP A 403 -61.01 6.94 -2.07
N TYR A 404 -60.57 7.56 -3.13
CA TYR A 404 -59.98 6.88 -4.30
C TYR A 404 -58.74 6.12 -3.85
N ARG A 405 -58.01 6.65 -2.93
CA ARG A 405 -56.77 5.99 -2.42
C ARG A 405 -57.20 4.89 -1.52
N ILE A 406 -58.18 5.03 -0.61
CA ILE A 406 -58.66 3.97 0.21
C ILE A 406 -59.13 2.82 -0.68
N ASP A 407 -59.89 3.07 -1.69
CA ASP A 407 -60.45 2.01 -2.56
C ASP A 407 -59.27 1.25 -3.16
N TYR A 408 -58.25 1.93 -3.68
CA TYR A 408 -57.15 1.20 -4.35
C TYR A 408 -56.44 0.39 -3.35
N LEU A 409 -56.07 0.85 -2.19
CA LEU A 409 -55.30 0.18 -1.17
C LEU A 409 -56.14 -1.00 -0.66
N ARG A 410 -57.42 -0.80 -0.36
CA ARG A 410 -58.36 -1.83 0.05
CA ARG A 410 -58.22 -1.90 0.17
C ARG A 410 -58.25 -3.07 -0.83
N ARG A 411 -58.48 -2.82 -2.11
CA ARG A 411 -58.55 -3.90 -3.10
C ARG A 411 -57.22 -4.68 -3.08
N HIS A 412 -56.10 -3.99 -3.05
CA HIS A 412 -54.80 -4.70 -3.01
C HIS A 412 -54.64 -5.47 -1.82
N VAL A 413 -54.90 -4.97 -0.62
CA VAL A 413 -54.80 -5.67 0.59
C VAL A 413 -55.71 -6.95 0.62
N GLN A 414 -56.86 -6.82 0.06
CA GLN A 414 -57.80 -7.98 -0.07
C GLN A 414 -57.15 -9.14 -0.87
N GLU A 415 -56.48 -8.76 -1.94
CA GLU A 415 -55.80 -9.74 -2.82
C GLU A 415 -54.59 -10.32 -2.14
N ILE A 416 -53.86 -9.55 -1.35
CA ILE A 416 -52.78 -10.10 -0.58
C ILE A 416 -53.32 -11.18 0.33
N GLN A 417 -54.43 -10.95 1.04
CA GLN A 417 -54.94 -11.97 1.92
C GLN A 417 -55.30 -13.28 1.14
N ARG A 418 -55.80 -13.12 0.00
CA ARG A 418 -56.09 -14.29 -0.87
C ARG A 418 -54.83 -15.01 -1.24
N ALA A 419 -53.72 -14.27 -1.50
CA ALA A 419 -52.47 -14.93 -1.82
C ALA A 419 -51.90 -15.64 -0.62
N ILE A 420 -51.98 -15.07 0.57
CA ILE A 420 -51.58 -15.76 1.77
C ILE A 420 -52.41 -17.09 1.98
N THR A 421 -53.65 -16.98 1.73
CA THR A 421 -54.56 -18.15 1.84
C THR A 421 -54.18 -19.21 0.86
N ASP A 422 -53.78 -18.80 -0.37
CA ASP A 422 -53.22 -19.77 -1.37
C ASP A 422 -51.93 -20.42 -0.89
N GLY A 423 -51.14 -19.87 -0.01
CA GLY A 423 -49.92 -20.42 0.51
C GLY A 423 -48.68 -19.55 0.28
N VAL A 424 -48.84 -18.34 -0.24
CA VAL A 424 -47.67 -17.43 -0.35
C VAL A 424 -47.27 -16.88 0.97
N ASP A 425 -46.01 -16.85 1.33
CA ASP A 425 -45.51 -16.27 2.55
C ASP A 425 -45.26 -14.78 2.28
N VAL A 426 -46.17 -13.94 2.63
CA VAL A 426 -46.06 -12.47 2.52
C VAL A 426 -45.66 -11.95 3.85
N LEU A 427 -44.50 -11.33 3.94
CA LEU A 427 -43.91 -10.84 5.19
C LEU A 427 -44.49 -9.53 5.64
N GLY A 428 -44.97 -8.72 4.71
CA GLY A 428 -45.54 -7.42 5.03
C GLY A 428 -45.88 -6.67 3.78
N TYR A 429 -46.39 -5.48 3.98
CA TYR A 429 -46.95 -4.61 2.97
C TYR A 429 -46.60 -3.17 3.31
N CYS A 430 -45.84 -2.54 2.48
CA CYS A 430 -45.45 -1.13 2.66
C CYS A 430 -46.15 -0.30 1.66
N ALA A 431 -47.14 0.46 2.11
CA ALA A 431 -47.85 1.32 1.29
C ALA A 431 -46.97 2.52 0.84
N TRP A 432 -47.09 2.92 -0.38
CA TRP A 432 -46.32 4.02 -0.94
C TRP A 432 -47.25 5.18 -1.04
N SER A 433 -47.10 6.25 -0.26
CA SER A 433 -46.03 6.56 0.64
C SER A 433 -46.54 7.01 1.99
N PHE A 434 -45.69 7.17 2.97
CA PHE A 434 -46.18 7.66 4.25
C PHE A 434 -46.61 9.10 4.16
N THR A 435 -45.68 9.98 3.84
CA THR A 435 -46.03 11.35 3.55
C THR A 435 -46.03 11.59 2.09
N ASP A 436 -46.61 12.67 1.58
CA ASP A 436 -46.43 13.06 0.21
C ASP A 436 -44.91 13.34 0.05
N LEU A 437 -44.43 13.23 -1.17
CA LEU A 437 -43.04 13.41 -1.47
C LEU A 437 -42.78 13.93 -2.87
N LEU A 438 -41.53 14.26 -3.11
CA LEU A 438 -41.12 14.71 -4.40
C LEU A 438 -41.01 13.59 -5.41
N SER A 439 -41.63 13.67 -6.56
CA SER A 439 -41.36 12.69 -7.61
CA SER A 439 -41.41 12.78 -7.70
C SER A 439 -40.05 13.04 -8.30
N TRP A 440 -39.46 12.05 -8.93
CA TRP A 440 -38.16 12.17 -9.54
C TRP A 440 -38.17 13.26 -10.61
N LEU A 441 -39.16 13.24 -11.52
CA LEU A 441 -39.25 14.12 -12.62
C LEU A 441 -40.50 14.94 -12.76
N ASN A 442 -41.53 14.67 -11.93
CA ASN A 442 -42.82 15.28 -12.19
C ASN A 442 -43.28 16.15 -11.05
N GLY A 443 -42.42 16.62 -10.16
CA GLY A 443 -42.80 17.54 -9.10
C GLY A 443 -43.63 16.87 -8.05
N TYR A 444 -44.60 17.59 -7.49
CA TYR A 444 -45.29 17.24 -6.27
C TYR A 444 -46.80 16.97 -6.39
N GLN A 445 -47.41 17.37 -7.50
CA GLN A 445 -48.91 17.46 -7.44
C GLN A 445 -49.57 16.15 -7.51
N LYS A 446 -48.99 15.12 -8.13
CA LYS A 446 -49.53 13.75 -8.06
C LYS A 446 -49.06 13.10 -6.78
N ARG A 447 -49.87 13.10 -5.74
CA ARG A 447 -49.56 12.80 -4.41
C ARG A 447 -49.79 11.36 -4.07
N TYR A 448 -48.97 10.77 -3.23
CA TYR A 448 -49.08 9.40 -2.78
C TYR A 448 -49.26 9.16 -1.35
N GLY A 449 -49.17 10.16 -0.47
CA GLY A 449 -49.12 9.87 0.91
C GLY A 449 -50.41 9.59 1.65
N PHE A 450 -50.27 9.00 2.76
CA PHE A 450 -51.31 9.00 3.82
C PHE A 450 -51.38 10.40 4.44
N VAL A 451 -50.26 11.12 4.48
CA VAL A 451 -50.07 12.43 5.14
C VAL A 451 -49.87 13.42 4.05
N TYR A 452 -50.72 14.40 3.83
CA TYR A 452 -50.55 15.47 2.93
C TYR A 452 -49.50 16.42 3.46
N VAL A 453 -48.63 16.86 2.53
CA VAL A 453 -47.68 17.88 2.90
C VAL A 453 -48.02 19.11 2.11
N ASN A 454 -48.29 20.19 2.86
CA ASN A 454 -48.64 21.48 2.30
C ASN A 454 -47.43 22.19 1.64
N ARG A 455 -47.26 21.96 0.36
CA ARG A 455 -46.32 22.58 -0.51
C ARG A 455 -46.72 22.29 -1.94
N ASP A 456 -46.15 22.89 -2.90
CA ASP A 456 -46.41 22.55 -4.26
C ASP A 456 -45.20 22.74 -5.11
N ASP A 457 -45.34 22.87 -6.42
CA ASP A 457 -44.21 22.98 -7.31
C ASP A 457 -43.56 24.33 -7.27
N GLU A 458 -44.26 25.34 -6.82
CA GLU A 458 -43.69 26.71 -6.82
C GLU A 458 -42.99 27.06 -5.53
N SER A 459 -43.44 26.49 -4.42
CA SER A 459 -42.77 26.72 -3.15
C SER A 459 -43.09 25.69 -2.11
N GLU A 460 -42.26 25.73 -1.07
CA GLU A 460 -42.38 24.84 0.04
C GLU A 460 -43.52 25.22 0.95
N LYS A 461 -44.15 26.40 0.77
CA LYS A 461 -45.19 26.85 1.69
CA LYS A 461 -45.20 26.85 1.71
C LYS A 461 -44.73 26.69 3.12
N ASP A 462 -45.51 26.05 4.03
CA ASP A 462 -45.08 25.84 5.39
C ASP A 462 -44.70 24.37 5.72
N LEU A 463 -44.79 23.56 4.68
CA LEU A 463 -44.48 22.11 4.79
C LEU A 463 -45.32 21.39 5.81
N ARG A 464 -46.49 21.96 6.21
CA ARG A 464 -47.26 21.33 7.24
C ARG A 464 -47.80 19.90 6.81
N ARG A 465 -47.84 19.09 7.81
CA ARG A 465 -48.37 17.68 7.67
C ARG A 465 -49.85 17.65 8.02
N ILE A 466 -50.67 17.06 7.17
CA ILE A 466 -52.13 17.01 7.36
C ILE A 466 -52.57 15.58 7.09
N LYS A 467 -53.15 14.90 8.08
CA LYS A 467 -53.62 13.52 7.90
C LYS A 467 -54.71 13.46 6.92
N LYS A 468 -54.69 12.64 5.87
CA LYS A 468 -55.72 12.39 4.89
C LYS A 468 -56.71 11.31 5.46
N LYS A 469 -57.87 11.27 4.84
CA LYS A 469 -58.88 10.22 5.21
C LYS A 469 -58.22 8.81 5.28
N SER A 470 -57.35 8.55 4.24
CA SER A 470 -56.70 7.23 4.14
C SER A 470 -55.88 6.94 5.31
N PHE A 471 -55.29 7.93 6.03
CA PHE A 471 -54.51 7.72 7.19
C PHE A 471 -55.30 6.88 8.22
N TYR A 472 -56.50 7.44 8.47
CA TYR A 472 -57.39 6.84 9.48
C TYR A 472 -57.91 5.46 9.02
N TRP A 473 -58.16 5.31 7.77
CA TRP A 473 -58.48 3.97 7.18
C TRP A 473 -57.40 2.96 7.48
N TYR A 474 -56.13 3.31 7.19
CA TYR A 474 -55.06 2.35 7.42
C TYR A 474 -54.76 2.13 8.82
N GLN A 475 -54.95 3.15 9.70
CA GLN A 475 -54.80 2.97 11.10
C GLN A 475 -55.83 1.81 11.60
N ARG A 476 -57.00 1.93 11.09
CA ARG A 476 -57.98 0.90 11.39
CA ARG A 476 -57.93 0.80 11.50
C ARG A 476 -57.71 -0.66 10.84
N VAL A 477 -57.06 -0.60 9.65
CA VAL A 477 -56.60 -1.85 9.07
C VAL A 477 -55.59 -2.40 9.97
N ILE A 478 -54.61 -1.63 10.41
CA ILE A 478 -53.57 -2.13 11.26
C ILE A 478 -54.12 -2.59 12.61
N GLU A 479 -55.04 -1.78 13.18
CA GLU A 479 -55.55 -2.08 14.53
C GLU A 479 -56.24 -3.47 14.55
N THR A 480 -56.87 -3.78 13.50
CA THR A 480 -57.68 -5.01 13.33
C THR A 480 -56.93 -6.10 12.56
N ASN A 481 -55.62 -5.85 12.29
CA ASN A 481 -54.79 -6.82 11.53
C ASN A 481 -55.47 -7.21 10.32
N GLY A 482 -56.09 -6.30 9.56
CA GLY A 482 -56.69 -6.55 8.31
C GLY A 482 -57.99 -7.32 8.28
N ALA A 483 -58.61 -7.49 9.45
CA ALA A 483 -60.10 -7.93 9.39
C ALA A 483 -61.11 -6.84 9.02
N GLU A 484 -60.75 -5.54 9.13
CA GLU A 484 -61.64 -4.44 8.70
C GLU A 484 -60.96 -3.60 7.59
N LEU A 485 -61.35 -3.87 6.33
CA LEU A 485 -60.69 -3.23 5.18
C LEU A 485 -61.44 -2.01 4.45
N HIS B 12 16.89 3.87 19.79
CA HIS B 12 17.53 2.61 19.58
C HIS B 12 16.95 1.47 20.41
N LEU B 13 16.32 0.54 19.75
CA LEU B 13 15.70 -0.55 20.43
C LEU B 13 16.60 -1.69 20.76
N LYS B 14 16.26 -2.43 21.79
CA LYS B 14 16.94 -3.60 22.18
C LYS B 14 16.43 -4.73 21.28
N PRO B 15 17.27 -5.71 21.03
CA PRO B 15 16.79 -6.85 20.20
C PRO B 15 15.89 -7.72 21.07
N PHE B 16 15.09 -8.61 20.44
CA PHE B 16 14.47 -9.65 21.16
C PHE B 16 15.53 -10.55 21.78
N PRO B 17 15.40 -11.10 22.97
CA PRO B 17 16.43 -11.88 23.59
C PRO B 17 16.66 -13.19 22.83
N PRO B 18 17.84 -13.80 22.97
CA PRO B 18 18.13 -14.91 22.10
C PRO B 18 17.23 -16.08 22.26
N GLU B 19 16.69 -16.34 23.44
CA GLU B 19 15.86 -17.56 23.49
C GLU B 19 14.33 -17.19 23.50
N PHE B 20 14.03 -16.00 23.01
CA PHE B 20 12.62 -15.50 22.98
C PHE B 20 11.72 -16.56 22.35
N LEU B 21 10.64 -16.84 22.99
CA LEU B 21 9.74 -17.92 22.55
C LEU B 21 8.72 -17.39 21.54
N TRP B 22 9.07 -17.36 20.23
CA TRP B 22 8.17 -17.05 19.17
C TRP B 22 7.26 -18.24 19.00
N GLY B 23 6.01 -18.03 19.30
CA GLY B 23 5.02 -19.09 19.41
C GLY B 23 3.75 -18.83 18.63
N ALA B 24 2.87 -19.84 18.72
CA ALA B 24 1.52 -19.76 18.29
C ALA B 24 0.74 -20.69 19.20
N ALA B 25 -0.55 -20.57 19.25
CA ALA B 25 -1.39 -21.21 20.27
C ALA B 25 -2.74 -21.71 19.75
N SER B 26 -3.30 -22.59 20.54
CA SER B 26 -4.67 -23.12 20.29
C SER B 26 -5.24 -23.48 21.66
N ALA B 27 -6.47 -24.02 21.62
CA ALA B 27 -7.16 -24.58 22.77
C ALA B 27 -7.78 -25.89 22.35
N ALA B 28 -7.90 -26.83 23.25
CA ALA B 28 -8.22 -28.22 22.91
C ALA B 28 -9.62 -28.32 22.25
N TYR B 29 -10.63 -27.76 22.86
CA TYR B 29 -11.99 -27.91 22.34
C TYR B 29 -12.05 -27.26 20.97
N GLN B 30 -11.30 -26.19 20.75
CA GLN B 30 -11.35 -25.41 19.51
C GLN B 30 -10.72 -26.10 18.31
N VAL B 31 -9.81 -27.05 18.61
CA VAL B 31 -9.05 -27.68 17.51
C VAL B 31 -9.18 -29.17 17.40
N GLU B 32 -9.31 -29.87 18.53
CA GLU B 32 -9.02 -31.30 18.51
C GLU B 32 -10.05 -32.18 17.75
N GLY B 33 -11.30 -31.99 18.03
CA GLY B 33 -12.28 -33.00 17.60
C GLY B 33 -12.09 -34.25 18.42
N ALA B 34 -12.38 -35.42 17.84
CA ALA B 34 -12.27 -36.69 18.56
C ALA B 34 -12.93 -36.66 19.93
N TRP B 35 -14.14 -36.09 19.97
CA TRP B 35 -14.83 -35.76 21.24
C TRP B 35 -15.22 -36.97 22.06
N ASN B 36 -15.31 -38.12 21.41
CA ASN B 36 -15.80 -39.34 22.02
C ASN B 36 -14.81 -40.48 21.75
N GLU B 37 -13.57 -40.28 21.47
CA GLU B 37 -12.62 -41.31 21.05
C GLU B 37 -11.69 -41.62 22.14
N ASP B 38 -11.23 -42.87 22.12
CA ASP B 38 -10.08 -43.27 22.95
C ASP B 38 -10.42 -43.10 24.48
N GLY B 39 -11.61 -43.27 24.86
CA GLY B 39 -12.15 -43.22 26.17
C GLY B 39 -12.39 -41.81 26.75
N LYS B 40 -12.30 -40.81 25.88
CA LYS B 40 -12.57 -39.41 26.38
C LYS B 40 -13.90 -39.30 26.97
N GLY B 41 -14.07 -38.65 28.10
CA GLY B 41 -15.35 -38.36 28.72
C GLY B 41 -15.95 -37.04 28.21
N LEU B 42 -17.18 -36.80 28.53
CA LEU B 42 -17.85 -35.55 28.18
C LEU B 42 -17.25 -34.40 28.96
N SER B 43 -16.96 -33.32 28.27
CA SER B 43 -16.70 -32.04 28.97
C SER B 43 -17.95 -31.23 29.07
N VAL B 44 -17.90 -30.19 29.90
CA VAL B 44 -19.04 -29.30 30.02
C VAL B 44 -19.29 -28.64 28.69
N TRP B 45 -18.30 -28.42 27.83
CA TRP B 45 -18.53 -27.86 26.51
C TRP B 45 -19.13 -28.82 25.53
N ASP B 46 -18.81 -30.07 25.57
CA ASP B 46 -19.50 -31.11 24.75
C ASP B 46 -20.99 -30.96 24.99
N VAL B 47 -21.42 -30.89 26.25
CA VAL B 47 -22.86 -30.87 26.58
C VAL B 47 -23.40 -29.53 26.23
N PHE B 48 -22.79 -28.43 26.64
CA PHE B 48 -23.35 -27.08 26.44
C PHE B 48 -23.55 -26.75 25.00
N ALA B 49 -22.63 -27.04 24.14
CA ALA B 49 -22.71 -26.66 22.76
C ALA B 49 -23.82 -27.41 22.03
N LYS B 50 -24.26 -28.54 22.55
CA LYS B 50 -25.41 -29.30 21.93
C LYS B 50 -26.70 -28.80 22.43
N GLN B 51 -26.78 -27.81 23.29
CA GLN B 51 -28.09 -27.28 23.71
C GLN B 51 -28.59 -26.51 22.51
N PRO B 52 -29.90 -26.64 22.14
CA PRO B 52 -30.36 -25.89 20.98
C PRO B 52 -30.27 -24.43 21.09
N GLY B 53 -29.76 -23.81 20.00
CA GLY B 53 -29.61 -22.38 19.97
C GLY B 53 -28.40 -21.79 20.63
N ARG B 54 -27.56 -22.57 21.37
CA ARG B 54 -26.50 -22.03 22.08
C ARG B 54 -25.34 -21.51 21.12
N THR B 55 -25.07 -22.26 20.11
CA THR B 55 -23.98 -21.95 19.20
C THR B 55 -24.52 -21.65 17.86
N PHE B 56 -23.70 -20.89 17.11
CA PHE B 56 -24.12 -20.47 15.73
C PHE B 56 -24.20 -21.69 14.87
N LYS B 57 -25.35 -21.94 14.21
CA LYS B 57 -25.59 -23.01 13.32
C LYS B 57 -25.36 -24.38 13.96
N GLY B 58 -25.46 -24.39 15.26
CA GLY B 58 -25.26 -25.63 16.04
C GLY B 58 -23.84 -26.14 15.98
N THR B 59 -22.88 -25.34 15.62
CA THR B 59 -21.49 -25.78 15.51
C THR B 59 -21.02 -26.22 16.91
N ASN B 60 -20.12 -27.20 16.85
CA ASN B 60 -19.63 -27.78 18.09
C ASN B 60 -18.27 -28.43 17.84
N GLY B 61 -17.71 -28.93 18.95
CA GLY B 61 -16.36 -29.49 18.88
C GLY B 61 -16.22 -30.97 18.60
N ASP B 62 -17.26 -31.57 18.00
CA ASP B 62 -17.18 -33.01 17.75
C ASP B 62 -15.99 -33.28 16.85
N VAL B 63 -15.78 -32.49 15.81
CA VAL B 63 -14.72 -32.63 14.86
C VAL B 63 -13.78 -31.41 14.92
N ALA B 64 -14.36 -30.19 14.97
CA ALA B 64 -13.58 -28.94 14.96
C ALA B 64 -12.72 -28.96 13.75
N VAL B 65 -11.37 -28.84 13.86
CA VAL B 65 -10.46 -28.94 12.75
C VAL B 65 -9.71 -30.26 12.71
N ASP B 66 -10.11 -31.17 13.57
CA ASP B 66 -9.61 -32.51 13.57
C ASP B 66 -8.13 -32.60 13.86
N HIS B 67 -7.63 -31.73 14.71
CA HIS B 67 -6.24 -31.82 15.13
C HIS B 67 -5.85 -33.09 15.84
N TYR B 68 -6.77 -33.74 16.51
CA TYR B 68 -6.43 -35.03 17.17
C TYR B 68 -5.90 -36.01 16.17
N HIS B 69 -6.48 -36.02 14.97
CA HIS B 69 -6.00 -37.02 13.97
C HIS B 69 -5.03 -36.42 13.05
N ARG B 70 -4.87 -35.14 12.94
CA ARG B 70 -4.03 -34.44 11.94
C ARG B 70 -2.86 -33.69 12.59
N TYR B 71 -2.55 -34.04 13.84
CA TYR B 71 -1.48 -33.35 14.57
C TYR B 71 -0.14 -33.43 13.86
N GLN B 72 0.17 -34.55 13.16
CA GLN B 72 1.45 -34.66 12.52
C GLN B 72 1.55 -33.70 11.42
N GLU B 73 0.56 -33.47 10.60
CA GLU B 73 0.55 -32.51 9.59
C GLU B 73 0.75 -31.07 10.18
N ASP B 74 -0.07 -30.83 11.24
CA ASP B 74 0.00 -29.49 11.87
C ASP B 74 1.39 -29.21 12.42
N VAL B 75 1.98 -30.15 13.09
CA VAL B 75 3.31 -29.97 13.65
C VAL B 75 4.32 -29.78 12.47
N ALA B 76 4.15 -30.52 11.36
CA ALA B 76 5.08 -30.35 10.25
C ALA B 76 4.97 -28.95 9.71
N LEU B 77 3.78 -28.31 9.72
CA LEU B 77 3.60 -26.92 9.31
C LEU B 77 4.26 -25.98 10.34
N MET B 78 4.15 -26.31 11.61
CA MET B 78 4.87 -25.47 12.61
C MET B 78 6.38 -25.52 12.43
N ALA B 79 6.87 -26.68 12.04
CA ALA B 79 8.35 -26.79 11.78
C ALA B 79 8.74 -26.08 10.53
N GLU B 80 7.91 -26.08 9.51
CA GLU B 80 8.14 -25.33 8.30
C GLU B 80 8.19 -23.86 8.65
N MET B 81 7.27 -23.34 9.50
CA MET B 81 7.28 -21.94 9.93
C MET B 81 8.52 -21.67 10.77
N GLY B 82 9.06 -22.64 11.46
CA GLY B 82 10.13 -22.56 12.42
C GLY B 82 9.67 -22.06 13.75
N LEU B 83 8.43 -22.39 14.17
CA LEU B 83 8.01 -22.00 15.49
C LEU B 83 8.95 -22.37 16.57
N LYS B 84 9.26 -21.51 17.51
CA LYS B 84 10.05 -21.89 18.66
C LYS B 84 9.30 -22.54 19.75
N ALA B 85 7.96 -22.22 19.80
CA ALA B 85 7.11 -22.76 20.83
C ALA B 85 5.69 -22.93 20.23
N TYR B 86 4.96 -23.87 20.85
CA TYR B 86 3.55 -24.13 20.53
C TYR B 86 2.85 -24.30 21.83
N ARG B 87 1.89 -23.43 22.09
CA ARG B 87 1.07 -23.47 23.30
C ARG B 87 -0.27 -24.11 23.00
N PHE B 88 -0.57 -25.16 23.69
CA PHE B 88 -1.85 -25.90 23.56
C PHE B 88 -2.41 -26.20 24.87
N SER B 89 -3.65 -26.57 24.97
CA SER B 89 -4.24 -27.02 26.21
C SER B 89 -4.47 -28.53 26.20
N VAL B 90 -4.48 -29.08 27.37
CA VAL B 90 -4.74 -30.52 27.62
C VAL B 90 -6.24 -30.57 27.97
N SER B 91 -6.99 -31.50 27.35
CA SER B 91 -8.35 -31.75 27.66
C SER B 91 -8.44 -32.62 28.85
N TRP B 92 -8.85 -32.10 29.98
CA TRP B 92 -8.95 -32.89 31.26
C TRP B 92 -9.81 -34.11 30.98
N SER B 93 -10.90 -34.03 30.24
CA SER B 93 -11.78 -35.21 30.06
CA SER B 93 -11.81 -35.16 29.91
C SER B 93 -11.13 -36.29 29.20
N ARG B 94 -10.03 -36.09 28.51
CA ARG B 94 -9.27 -37.16 27.92
C ARG B 94 -8.52 -37.87 28.95
N VAL B 95 -7.97 -37.18 29.96
CA VAL B 95 -7.05 -37.77 30.94
C VAL B 95 -7.79 -38.40 32.07
N PHE B 96 -8.83 -37.77 32.62
CA PHE B 96 -9.73 -38.28 33.59
C PHE B 96 -11.11 -38.14 32.99
N PRO B 97 -11.69 -39.14 32.35
CA PRO B 97 -13.00 -39.03 31.78
C PRO B 97 -14.09 -38.59 32.71
N ASP B 98 -14.02 -39.01 33.96
CA ASP B 98 -14.98 -38.62 34.97
C ASP B 98 -14.45 -37.54 35.89
N GLY B 99 -13.35 -36.91 35.50
CA GLY B 99 -12.76 -35.81 36.28
C GLY B 99 -11.80 -36.23 37.40
N ASN B 100 -12.25 -37.23 38.15
CA ASN B 100 -11.53 -37.81 39.33
C ASN B 100 -11.60 -39.31 39.10
N GLY B 101 -11.24 -40.15 39.98
CA GLY B 101 -11.47 -41.46 39.24
C GLY B 101 -10.27 -41.97 38.39
N ALA B 102 -10.40 -43.01 37.55
CA ALA B 102 -9.30 -43.64 36.96
C ALA B 102 -8.68 -42.85 35.81
N VAL B 103 -7.39 -42.80 35.73
CA VAL B 103 -6.70 -42.18 34.64
C VAL B 103 -6.87 -42.92 33.37
N ASN B 104 -7.04 -42.24 32.23
CA ASN B 104 -7.13 -42.84 30.92
C ASN B 104 -5.81 -42.73 30.25
N GLU B 105 -5.08 -43.85 30.15
CA GLU B 105 -3.82 -43.88 29.51
C GLU B 105 -3.80 -43.51 28.08
N LYS B 106 -4.85 -43.85 27.33
CA LYS B 106 -4.93 -43.47 25.99
C LYS B 106 -5.02 -41.94 25.70
N GLY B 107 -5.61 -41.29 26.70
CA GLY B 107 -5.65 -39.80 26.67
C GLY B 107 -4.34 -39.20 26.88
N LEU B 108 -3.62 -39.69 27.90
CA LEU B 108 -2.30 -39.26 28.09
C LEU B 108 -1.41 -39.52 26.92
N ASP B 109 -1.64 -40.70 26.27
CA ASP B 109 -0.83 -41.03 25.17
C ASP B 109 -0.89 -40.11 23.97
N PHE B 110 -2.08 -39.50 23.74
CA PHE B 110 -2.19 -38.44 22.69
C PHE B 110 -1.23 -37.25 22.97
N TYR B 111 -1.28 -36.80 24.20
CA TYR B 111 -0.38 -35.68 24.52
C TYR B 111 1.12 -36.02 24.54
N ASP B 112 1.35 -37.29 24.88
CA ASP B 112 2.75 -37.77 24.74
C ASP B 112 3.19 -37.76 23.35
N ARG B 113 2.32 -38.26 22.44
CA ARG B 113 2.64 -38.23 21.01
C ARG B 113 2.82 -36.85 20.43
N LEU B 114 1.92 -35.95 20.86
CA LEU B 114 2.05 -34.56 20.45
C LEU B 114 3.40 -33.91 20.92
N ILE B 115 3.61 -34.07 22.18
CA ILE B 115 4.85 -33.58 22.79
C ILE B 115 6.13 -34.10 22.07
N GLU B 116 6.10 -35.40 21.83
CA GLU B 116 7.25 -36.00 21.09
C GLU B 116 7.39 -35.43 19.72
N GLU B 117 6.25 -35.22 19.01
CA GLU B 117 6.29 -34.68 17.75
C GLU B 117 6.94 -33.27 17.75
N LEU B 118 6.46 -32.41 18.66
CA LEU B 118 7.01 -31.06 18.84
C LEU B 118 8.53 -31.14 19.12
N ARG B 119 8.84 -31.98 20.07
CA ARG B 119 10.31 -32.09 20.52
C ARG B 119 11.17 -32.59 19.33
N ASN B 120 10.66 -33.52 18.57
CA ASN B 120 11.45 -34.09 17.42
C ASN B 120 11.64 -33.05 16.37
N HIS B 121 10.85 -31.96 16.34
CA HIS B 121 11.05 -30.87 15.45
C HIS B 121 11.62 -29.61 16.07
N GLY B 122 12.11 -29.72 17.29
CA GLY B 122 12.76 -28.66 17.97
C GLY B 122 11.82 -27.52 18.39
N ILE B 123 10.54 -27.86 18.70
CA ILE B 123 9.55 -26.85 19.14
C ILE B 123 9.33 -27.10 20.60
N GLU B 124 9.37 -26.00 21.37
CA GLU B 124 9.10 -26.12 22.82
C GLU B 124 7.57 -26.24 23.11
N PRO B 125 7.15 -27.26 23.77
CA PRO B 125 5.71 -27.30 24.13
C PRO B 125 5.47 -26.36 25.27
N ILE B 126 4.38 -25.63 25.24
CA ILE B 126 3.91 -24.85 26.39
C ILE B 126 2.57 -25.48 26.80
N VAL B 127 2.46 -26.18 27.87
CA VAL B 127 1.29 -26.89 28.20
C VAL B 127 0.38 -26.04 29.04
N THR B 128 -0.86 -25.86 28.61
CA THR B 128 -1.90 -25.17 29.33
C THR B 128 -2.78 -26.14 30.04
N LEU B 129 -2.89 -26.14 31.34
CA LEU B 129 -3.61 -27.14 32.08
C LEU B 129 -5.12 -27.07 31.81
N TYR B 130 -5.67 -25.85 31.70
CA TYR B 130 -7.10 -25.69 31.75
C TYR B 130 -7.52 -24.59 30.76
N HIS B 131 -8.35 -24.99 29.76
CA HIS B 131 -9.05 -24.07 28.88
C HIS B 131 -10.50 -24.45 28.82
N TRP B 132 -11.17 -24.42 29.94
CA TRP B 132 -12.59 -24.17 30.09
C TRP B 132 -13.41 -25.45 30.00
N ASP B 133 -12.78 -26.56 29.92
CA ASP B 133 -13.43 -27.84 29.58
C ASP B 133 -13.38 -28.85 30.71
N VAL B 134 -13.80 -28.42 31.88
CA VAL B 134 -13.91 -29.34 33.04
C VAL B 134 -14.78 -30.53 32.64
N PRO B 135 -14.52 -31.76 33.12
CA PRO B 135 -15.41 -32.86 32.77
C PRO B 135 -16.77 -32.65 33.31
N GLN B 136 -17.76 -32.99 32.51
CA GLN B 136 -19.13 -32.90 32.88
C GLN B 136 -19.44 -33.69 34.16
N ALA B 137 -18.77 -34.80 34.38
CA ALA B 137 -19.07 -35.60 35.62
C ALA B 137 -18.85 -34.79 36.87
N LEU B 138 -17.86 -33.85 36.84
CA LEU B 138 -17.63 -33.03 38.05
C LEU B 138 -18.65 -31.98 38.20
N MET B 139 -19.19 -31.41 37.10
CA MET B 139 -20.35 -30.56 37.16
CA MET B 139 -20.34 -30.56 37.16
C MET B 139 -21.57 -31.29 37.82
N ASP B 140 -21.82 -32.49 37.28
CA ASP B 140 -22.97 -33.25 37.77
C ASP B 140 -22.73 -33.58 39.25
N ALA B 141 -21.58 -33.94 39.70
CA ALA B 141 -21.30 -34.44 41.08
C ALA B 141 -21.46 -33.28 42.03
N TYR B 142 -20.79 -32.15 41.74
CA TYR B 142 -20.59 -31.15 42.78
C TYR B 142 -20.60 -29.76 42.20
N GLY B 143 -20.98 -29.48 40.97
CA GLY B 143 -21.05 -28.13 40.40
C GLY B 143 -19.64 -27.64 40.08
N ALA B 144 -18.68 -28.47 39.83
CA ALA B 144 -17.36 -28.14 39.27
C ALA B 144 -16.75 -26.97 40.05
N TRP B 145 -16.56 -25.79 39.45
CA TRP B 145 -15.75 -24.72 40.08
C TRP B 145 -16.49 -24.08 41.21
N GLU B 146 -17.75 -24.40 41.52
CA GLU B 146 -18.43 -23.92 42.71
C GLU B 146 -18.18 -24.71 43.95
N SER B 147 -17.46 -25.81 43.85
CA SER B 147 -17.13 -26.61 45.03
C SER B 147 -15.65 -26.63 45.30
N ARG B 148 -15.28 -26.56 46.57
CA ARG B 148 -13.94 -26.81 46.99
C ARG B 148 -13.33 -28.12 46.63
N ARG B 149 -14.19 -29.14 46.35
CA ARG B 149 -13.72 -30.42 45.89
C ARG B 149 -12.89 -30.30 44.64
N ILE B 150 -13.18 -29.32 43.78
CA ILE B 150 -12.39 -29.21 42.58
C ILE B 150 -10.90 -28.88 42.82
N ILE B 151 -10.58 -28.31 44.00
CA ILE B 151 -9.17 -28.00 44.22
C ILE B 151 -8.28 -29.25 44.22
N ASP B 152 -8.70 -30.25 44.97
CA ASP B 152 -7.87 -31.46 44.97
C ASP B 152 -8.03 -32.25 43.70
N ASP B 153 -9.22 -32.20 43.08
CA ASP B 153 -9.41 -32.91 41.83
C ASP B 153 -8.49 -32.32 40.70
N PHE B 154 -8.54 -30.99 40.60
CA PHE B 154 -7.66 -30.28 39.68
C PHE B 154 -6.20 -30.54 39.97
N ASP B 155 -5.84 -30.51 41.25
CA ASP B 155 -4.45 -30.79 41.62
C ASP B 155 -4.02 -32.20 41.18
N ARG B 156 -4.92 -33.17 41.41
CA ARG B 156 -4.56 -34.54 40.99
C ARG B 156 -4.29 -34.69 39.52
N TYR B 157 -5.17 -34.01 38.73
CA TYR B 157 -5.00 -33.90 37.31
C TYR B 157 -3.71 -33.28 36.91
N ALA B 158 -3.41 -32.07 37.49
CA ALA B 158 -2.22 -31.34 37.16
C ALA B 158 -0.97 -32.19 37.50
N VAL B 159 -0.96 -32.75 38.71
CA VAL B 159 0.20 -33.61 39.13
C VAL B 159 0.43 -34.80 38.22
N THR B 160 -0.67 -35.35 37.70
CA THR B 160 -0.55 -36.45 36.72
C THR B 160 0.23 -35.99 35.57
N LEU B 161 -0.15 -34.80 35.01
CA LEU B 161 0.59 -34.25 33.90
C LEU B 161 2.07 -33.91 34.16
N PHE B 162 2.25 -33.25 35.35
CA PHE B 162 3.63 -32.90 35.76
C PHE B 162 4.50 -34.20 35.85
N GLN B 163 3.92 -35.26 36.42
CA GLN B 163 4.70 -36.52 36.56
C GLN B 163 4.98 -37.08 35.15
N ARG B 164 4.02 -37.08 34.20
CA ARG B 164 4.20 -37.69 32.90
CA ARG B 164 4.21 -37.69 32.89
C ARG B 164 5.06 -36.89 31.97
N PHE B 165 4.97 -35.55 32.03
CA PHE B 165 5.58 -34.70 31.07
C PHE B 165 6.56 -33.66 31.56
N GLY B 166 6.71 -33.54 32.88
CA GLY B 166 7.62 -32.50 33.41
C GLY B 166 9.11 -32.62 32.97
N ASP B 167 9.52 -33.84 32.55
CA ASP B 167 10.87 -34.07 32.00
C ASP B 167 11.10 -33.42 30.70
N ARG B 168 10.03 -33.13 29.95
CA ARG B 168 10.06 -32.70 28.65
C ARG B 168 9.35 -31.31 28.32
N VAL B 169 8.67 -30.80 29.38
CA VAL B 169 7.99 -29.54 29.25
C VAL B 169 8.48 -28.60 30.38
N LYS B 170 9.07 -27.50 29.95
CA LYS B 170 9.56 -26.53 30.89
C LYS B 170 8.48 -25.49 31.22
N TYR B 171 7.70 -25.06 30.24
CA TYR B 171 6.76 -23.95 30.38
C TYR B 171 5.33 -24.42 30.53
N TRP B 172 4.64 -24.07 31.60
CA TRP B 172 3.30 -24.45 31.92
C TRP B 172 2.46 -23.26 32.23
N VAL B 173 1.23 -23.26 31.74
CA VAL B 173 0.22 -22.30 32.10
C VAL B 173 -0.84 -23.02 32.88
N THR B 174 -1.40 -22.45 33.99
CA THR B 174 -2.38 -23.09 34.79
C THR B 174 -3.77 -22.89 34.22
N LEU B 175 -4.42 -21.90 34.72
CA LEU B 175 -5.78 -21.48 34.28
C LEU B 175 -5.60 -20.46 33.17
N ASN B 176 -6.24 -20.73 32.06
CA ASN B 176 -6.14 -19.73 31.01
C ASN B 176 -7.39 -18.94 30.97
N GLN B 177 -7.29 -17.62 31.20
CA GLN B 177 -8.39 -16.70 31.17
C GLN B 177 -9.50 -17.06 32.15
N GLN B 178 -9.11 -17.22 33.40
CA GLN B 178 -10.04 -17.44 34.50
C GLN B 178 -11.06 -16.41 34.52
N ASN B 179 -10.74 -15.12 34.29
CA ASN B 179 -11.67 -14.09 34.36
C ASN B 179 -12.74 -14.22 33.29
N ILE B 180 -12.44 -14.79 32.14
CA ILE B 180 -13.40 -15.10 31.11
CA ILE B 180 -13.40 -15.08 31.13
C ILE B 180 -14.27 -16.30 31.49
N PHE B 181 -13.68 -17.42 31.83
CA PHE B 181 -14.55 -18.59 32.05
C PHE B 181 -15.43 -18.38 33.21
N ILE B 182 -14.93 -17.69 34.26
CA ILE B 182 -15.73 -17.38 35.44
C ILE B 182 -16.79 -16.35 35.09
N SER B 183 -16.47 -15.24 34.49
CA SER B 183 -17.45 -14.22 34.21
CA SER B 183 -17.46 -14.23 34.25
CA SER B 183 -17.44 -14.20 34.21
C SER B 183 -18.47 -14.68 33.22
N PHE B 184 -18.06 -15.32 32.10
CA PHE B 184 -18.96 -15.72 31.07
C PHE B 184 -19.81 -16.89 31.57
N GLY B 185 -19.31 -17.76 32.44
CA GLY B 185 -20.05 -18.83 32.98
C GLY B 185 -21.02 -18.51 34.06
N TYR B 186 -20.73 -17.53 34.87
CA TYR B 186 -21.49 -17.27 36.09
C TYR B 186 -22.04 -15.89 36.23
N ARG B 187 -21.63 -14.95 35.39
CA ARG B 187 -22.21 -13.58 35.40
CA ARG B 187 -22.25 -13.61 35.41
C ARG B 187 -23.03 -13.33 34.20
N LEU B 188 -22.50 -13.60 33.01
CA LEU B 188 -23.19 -13.34 31.73
C LEU B 188 -23.99 -14.46 31.20
N GLY B 189 -23.80 -15.70 31.71
CA GLY B 189 -24.57 -16.83 31.28
C GLY B 189 -24.28 -17.28 29.86
N LEU B 190 -23.15 -16.92 29.29
CA LEU B 190 -22.83 -17.22 27.89
C LEU B 190 -22.12 -18.49 27.69
N HIS B 191 -21.37 -18.88 28.68
CA HIS B 191 -20.57 -20.12 28.67
C HIS B 191 -21.03 -21.01 29.81
N PRO B 192 -20.62 -22.29 29.85
CA PRO B 192 -21.11 -23.20 30.90
C PRO B 192 -20.69 -22.71 32.28
N PRO B 193 -21.56 -22.76 33.30
CA PRO B 193 -22.84 -23.45 33.27
C PRO B 193 -24.02 -22.60 32.89
N GLY B 194 -23.85 -21.42 32.34
CA GLY B 194 -24.91 -20.57 31.83
C GLY B 194 -25.63 -19.84 32.95
N VAL B 195 -24.95 -19.52 34.00
CA VAL B 195 -25.47 -18.86 35.24
C VAL B 195 -25.29 -17.36 35.09
N LYS B 196 -26.22 -16.61 35.71
CA LYS B 196 -26.21 -15.18 35.77
C LYS B 196 -26.40 -14.75 37.21
N ASP B 197 -25.39 -14.77 38.00
CA ASP B 197 -25.49 -14.63 39.46
CA ASP B 197 -25.46 -14.55 39.43
C ASP B 197 -24.12 -14.18 39.99
N MET B 198 -24.00 -12.91 40.34
CA MET B 198 -22.69 -12.43 40.71
CA MET B 198 -22.70 -12.38 40.76
C MET B 198 -22.19 -13.07 42.02
N LYS B 199 -23.04 -13.38 42.98
CA LYS B 199 -22.59 -14.01 44.15
C LYS B 199 -21.90 -15.32 43.82
N ARG B 200 -22.54 -16.13 43.02
CA ARG B 200 -21.99 -17.40 42.59
C ARG B 200 -20.68 -17.23 41.80
N MET B 201 -20.67 -16.21 40.96
CA MET B 201 -19.45 -15.89 40.21
CA MET B 201 -19.46 -15.89 40.22
C MET B 201 -18.21 -15.71 41.12
N TYR B 202 -18.38 -14.87 42.15
CA TYR B 202 -17.28 -14.57 42.99
C TYR B 202 -16.82 -15.73 43.84
N GLU B 203 -17.78 -16.59 44.23
CA GLU B 203 -17.43 -17.81 44.95
C GLU B 203 -16.63 -18.78 44.11
N ALA B 204 -17.11 -19.03 42.89
CA ALA B 204 -16.42 -19.88 41.95
C ALA B 204 -15.00 -19.35 41.64
N ASN B 205 -14.98 -18.01 41.53
CA ASN B 205 -13.65 -17.35 41.24
C ASN B 205 -12.65 -17.63 42.34
N HIS B 206 -13.15 -17.54 43.61
CA HIS B 206 -12.28 -17.78 44.74
C HIS B 206 -11.71 -19.20 44.76
N ILE B 207 -12.61 -20.16 44.48
CA ILE B 207 -12.18 -21.55 44.40
C ILE B 207 -11.17 -21.76 43.30
N ALA B 208 -11.39 -21.14 42.13
CA ALA B 208 -10.41 -21.19 41.05
C ALA B 208 -9.03 -20.64 41.48
N ASN B 209 -9.11 -19.51 42.22
CA ASN B 209 -7.87 -18.98 42.78
C ASN B 209 -7.07 -19.97 43.68
N LEU B 210 -7.85 -20.67 44.51
CA LEU B 210 -7.24 -21.70 45.36
C LEU B 210 -6.67 -22.87 44.56
N ALA B 211 -7.41 -23.24 43.53
CA ALA B 211 -6.94 -24.34 42.69
C ALA B 211 -5.64 -23.99 41.98
N ASN B 212 -5.54 -22.76 41.45
CA ASN B 212 -4.35 -22.26 40.81
C ASN B 212 -3.17 -22.29 41.79
N ALA B 213 -3.39 -21.75 42.97
CA ALA B 213 -2.32 -21.75 43.96
C ALA B 213 -1.88 -23.16 44.37
N LYS B 214 -2.82 -24.06 44.52
CA LYS B 214 -2.50 -25.39 44.95
C LYS B 214 -1.62 -26.05 43.91
N VAL B 215 -1.95 -25.90 42.65
CA VAL B 215 -1.22 -26.48 41.58
C VAL B 215 0.21 -25.94 41.47
N ILE B 216 0.33 -24.64 41.62
CA ILE B 216 1.70 -24.02 41.56
C ILE B 216 2.51 -24.59 42.72
N GLN B 217 1.92 -24.70 43.90
CA GLN B 217 2.65 -25.34 45.00
CA GLN B 217 2.69 -25.35 44.98
C GLN B 217 3.15 -26.77 44.63
N SER B 218 2.25 -27.60 44.05
CA SER B 218 2.60 -28.90 43.63
C SER B 218 3.68 -28.91 42.60
N PHE B 219 3.65 -28.00 41.64
CA PHE B 219 4.61 -27.90 40.61
C PHE B 219 6.07 -27.78 41.13
N ARG B 220 6.21 -27.03 42.21
CA ARG B 220 7.54 -26.80 42.79
C ARG B 220 8.10 -28.15 43.24
N HIS B 221 7.26 -29.06 43.64
CA HIS B 221 7.72 -30.42 44.04
C HIS B 221 8.03 -31.28 42.92
N TYR B 222 7.25 -31.23 41.84
CA TYR B 222 7.34 -32.20 40.77
C TYR B 222 8.17 -31.77 39.59
N VAL B 223 8.27 -30.44 39.34
CA VAL B 223 8.95 -29.90 38.21
C VAL B 223 9.79 -28.68 38.69
N PRO B 224 10.84 -29.01 39.44
CA PRO B 224 11.57 -27.95 40.11
C PRO B 224 12.33 -27.03 39.18
N ASP B 225 12.67 -27.35 37.94
CA ASP B 225 13.37 -26.49 37.07
C ASP B 225 12.41 -25.93 35.98
N GLY B 226 11.13 -26.16 36.20
CA GLY B 226 10.14 -25.54 35.26
C GLY B 226 9.69 -24.16 35.57
N LYS B 227 8.88 -23.60 34.68
CA LYS B 227 8.33 -22.28 34.86
C LYS B 227 6.82 -22.35 34.70
N ILE B 228 6.08 -21.78 35.59
CA ILE B 228 4.62 -21.89 35.58
C ILE B 228 4.01 -20.56 35.91
N GLY B 229 2.84 -20.30 35.38
CA GLY B 229 2.04 -19.15 35.71
C GLY B 229 0.65 -19.30 35.22
N PRO B 230 -0.29 -18.48 35.76
CA PRO B 230 -1.63 -18.31 35.16
C PRO B 230 -1.58 -17.41 33.97
N SER B 231 -2.65 -17.41 33.21
CA SER B 231 -2.76 -16.46 32.11
C SER B 231 -4.02 -15.68 32.23
N PHE B 232 -3.92 -14.38 32.18
CA PHE B 232 -5.00 -13.46 32.39
C PHE B 232 -5.45 -12.74 31.13
N ALA B 233 -6.72 -12.68 30.86
CA ALA B 233 -7.22 -11.94 29.75
C ALA B 233 -7.28 -10.43 30.08
N TYR B 234 -6.27 -9.73 29.67
CA TYR B 234 -6.01 -8.40 30.16
C TYR B 234 -6.45 -7.31 29.15
N SER B 235 -7.46 -6.54 29.52
CA SER B 235 -7.83 -5.29 28.79
C SER B 235 -7.41 -4.11 29.70
N PRO B 236 -6.26 -3.53 29.47
CA PRO B 236 -5.82 -2.37 30.31
C PRO B 236 -6.82 -1.26 30.17
N MET B 237 -7.15 -0.65 31.31
CA MET B 237 -8.11 0.44 31.33
C MET B 237 -7.43 1.77 31.11
N TYR B 238 -8.14 2.65 30.45
CA TYR B 238 -7.80 4.07 30.29
C TYR B 238 -8.86 4.97 30.85
N PRO B 239 -8.53 6.13 31.44
CA PRO B 239 -9.55 7.15 31.60
C PRO B 239 -9.87 7.80 30.28
N TYR B 240 -11.12 8.29 30.18
CA TYR B 240 -11.52 9.03 28.95
C TYR B 240 -10.71 10.31 28.83
N ASP B 241 -10.51 11.01 29.93
CA ASP B 241 -9.77 12.24 29.92
C ASP B 241 -9.36 12.61 31.34
N SER B 242 -8.84 13.82 31.52
CA SER B 242 -8.23 14.29 32.76
C SER B 242 -9.30 14.92 33.64
N ARG B 243 -10.56 14.71 33.48
CA ARG B 243 -11.51 15.08 34.48
CA ARG B 243 -11.57 15.06 34.48
C ARG B 243 -11.29 14.20 35.65
N PRO B 244 -11.18 14.75 36.88
CA PRO B 244 -10.91 13.88 38.04
C PRO B 244 -11.89 12.75 38.16
N GLU B 245 -13.15 12.94 37.91
CA GLU B 245 -14.10 11.84 38.10
CA GLU B 245 -14.09 11.84 38.07
C GLU B 245 -13.83 10.73 37.06
N ASN B 246 -13.29 11.05 35.91
CA ASN B 246 -12.98 10.01 34.92
C ASN B 246 -11.69 9.30 35.30
N VAL B 247 -10.73 9.97 35.90
CA VAL B 247 -9.54 9.32 36.38
C VAL B 247 -9.95 8.41 37.53
N LEU B 248 -10.81 8.80 38.42
CA LEU B 248 -11.28 7.93 39.48
C LEU B 248 -11.97 6.71 38.92
N ALA B 249 -12.80 6.86 37.89
CA ALA B 249 -13.47 5.75 37.25
C ALA B 249 -12.44 4.79 36.74
N PHE B 250 -11.35 5.27 36.17
CA PHE B 250 -10.22 4.45 35.71
C PHE B 250 -9.59 3.73 36.87
N GLU B 251 -9.42 4.36 38.01
CA GLU B 251 -8.84 3.64 39.20
C GLU B 251 -9.76 2.54 39.60
N ASN B 252 -11.04 2.79 39.61
CA ASN B 252 -12.02 1.76 40.00
C ASN B 252 -11.99 0.64 38.99
N ALA B 253 -11.97 0.91 37.74
CA ALA B 253 -12.05 -0.12 36.66
C ALA B 253 -10.81 -0.95 36.60
N GLU B 254 -9.66 -0.33 36.66
CA GLU B 254 -8.41 -1.13 36.62
C GLU B 254 -8.37 -2.05 37.80
N GLU B 255 -8.76 -1.61 38.97
CA GLU B 255 -8.73 -2.45 40.15
C GLU B 255 -9.77 -3.53 40.03
N PHE B 256 -10.98 -3.25 39.67
CA PHE B 256 -12.09 -4.17 39.67
C PHE B 256 -11.99 -5.19 38.57
N GLN B 257 -11.54 -4.81 37.40
CA GLN B 257 -11.47 -5.66 36.29
C GLN B 257 -10.17 -6.42 36.17
N ASN B 258 -9.05 -5.83 36.60
CA ASN B 258 -7.73 -6.33 36.37
C ASN B 258 -7.02 -6.74 37.64
N HIS B 259 -6.82 -5.86 38.59
CA HIS B 259 -6.13 -6.16 39.81
C HIS B 259 -6.87 -7.26 40.57
N TRP B 260 -8.16 -7.32 40.49
CA TRP B 260 -8.93 -8.36 41.22
C TRP B 260 -8.36 -9.75 40.95
N TRP B 261 -7.94 -9.99 39.71
CA TRP B 261 -7.28 -11.22 39.37
C TRP B 261 -5.79 -11.18 39.56
N MET B 262 -5.12 -10.21 38.94
CA MET B 262 -3.68 -10.25 38.94
C MET B 262 -3.00 -10.07 40.30
N ASP B 263 -3.65 -9.32 41.19
CA ASP B 263 -3.12 -9.18 42.55
C ASP B 263 -3.17 -10.47 43.31
N VAL B 264 -4.20 -11.29 43.05
CA VAL B 264 -4.27 -12.62 43.67
C VAL B 264 -3.19 -13.48 43.10
N TYR B 265 -3.02 -13.44 41.80
CA TYR B 265 -1.94 -14.27 41.22
C TYR B 265 -0.56 -13.89 41.71
N ALA B 266 -0.28 -12.60 41.81
CA ALA B 266 1.08 -12.17 42.13
C ALA B 266 1.32 -12.09 43.63
N TRP B 267 0.37 -11.65 44.40
CA TRP B 267 0.52 -11.25 45.80
C TRP B 267 -0.31 -12.07 46.73
N GLY B 268 -1.29 -12.84 46.23
CA GLY B 268 -2.20 -13.62 47.10
C GLY B 268 -3.21 -12.82 47.78
N MET B 269 -3.53 -11.63 47.34
CA MET B 269 -4.48 -10.79 48.01
CA MET B 269 -4.36 -10.62 48.01
C MET B 269 -5.41 -10.03 47.09
N TYR B 270 -6.63 -9.95 47.48
CA TYR B 270 -7.60 -9.16 46.74
C TYR B 270 -7.42 -7.67 47.06
N PRO B 271 -7.67 -6.78 46.12
CA PRO B 271 -7.57 -5.32 46.41
C PRO B 271 -8.74 -4.90 47.27
N GLN B 272 -8.48 -3.97 48.20
CA GLN B 272 -9.46 -3.60 49.27
C GLN B 272 -10.61 -2.86 48.81
N ALA B 273 -10.49 -1.87 47.94
CA ALA B 273 -11.63 -1.13 47.54
C ALA B 273 -12.67 -1.99 46.81
N ALA B 274 -12.17 -2.87 45.94
CA ALA B 274 -13.08 -3.80 45.29
C ALA B 274 -13.70 -4.77 46.31
N TRP B 275 -12.90 -5.31 47.20
CA TRP B 275 -13.44 -6.18 48.23
C TRP B 275 -14.52 -5.48 48.98
N ASN B 276 -14.34 -4.23 49.34
CA ASN B 276 -15.29 -3.54 50.22
C ASN B 276 -16.54 -3.22 49.43
N TYR B 277 -16.47 -2.92 48.15
CA TYR B 277 -17.62 -2.76 47.29
C TYR B 277 -18.40 -4.05 47.22
N LEU B 278 -17.71 -5.17 47.01
CA LEU B 278 -18.49 -6.41 46.93
C LEU B 278 -19.09 -6.71 48.27
N GLU B 279 -18.38 -6.54 49.37
CA GLU B 279 -18.93 -6.76 50.74
C GLU B 279 -20.21 -5.94 50.91
N SER B 280 -20.29 -4.74 50.39
CA SER B 280 -21.44 -3.81 50.60
C SER B 280 -22.62 -4.38 49.83
N GLN B 281 -22.41 -5.18 48.77
CA GLN B 281 -23.46 -5.71 47.90
C GLN B 281 -23.77 -7.16 48.29
N GLY B 282 -23.14 -7.70 49.33
CA GLY B 282 -23.17 -9.12 49.83
C GLY B 282 -22.62 -10.11 48.81
N LEU B 283 -21.54 -9.74 48.11
CA LEU B 283 -21.02 -10.53 47.00
C LEU B 283 -19.59 -11.03 47.30
N GLU B 284 -18.94 -10.69 48.39
CA GLU B 284 -17.57 -11.12 48.58
C GLU B 284 -17.53 -12.64 48.84
N PRO B 285 -16.51 -13.34 48.38
CA PRO B 285 -16.46 -14.77 48.56
C PRO B 285 -16.26 -15.16 50.00
N THR B 286 -16.61 -16.40 50.24
CA THR B 286 -16.40 -17.11 51.52
C THR B 286 -14.97 -17.54 51.65
N VAL B 287 -14.34 -17.12 52.72
CA VAL B 287 -12.94 -17.37 52.96
C VAL B 287 -12.80 -18.41 54.10
N ALA B 288 -12.00 -19.41 53.87
CA ALA B 288 -11.78 -20.43 54.87
C ALA B 288 -10.44 -20.29 55.49
N PRO B 289 -10.23 -20.82 56.73
CA PRO B 289 -8.87 -20.86 57.24
C PRO B 289 -7.90 -21.56 56.31
N GLY B 290 -6.73 -20.96 56.17
CA GLY B 290 -5.72 -21.47 55.29
C GLY B 290 -5.71 -20.86 53.85
N ASP B 291 -6.82 -20.19 53.52
CA ASP B 291 -6.92 -19.67 52.12
C ASP B 291 -5.87 -18.62 51.84
N TRP B 292 -5.74 -17.62 52.73
CA TRP B 292 -4.74 -16.64 52.46
C TRP B 292 -3.34 -17.12 52.42
N GLU B 293 -3.05 -18.05 53.32
CA GLU B 293 -1.70 -18.60 53.38
C GLU B 293 -1.36 -19.34 52.05
N LEU B 294 -2.36 -20.09 51.55
CA LEU B 294 -2.15 -20.84 50.28
C LEU B 294 -1.95 -19.86 49.08
N LEU B 295 -2.85 -18.86 49.03
CA LEU B 295 -2.77 -17.89 47.94
C LEU B 295 -1.47 -17.08 47.95
N GLN B 296 -0.98 -16.76 49.14
CA GLN B 296 0.26 -16.00 49.23
C GLN B 296 1.50 -16.80 48.99
N ALA B 297 1.47 -18.10 49.20
CA ALA B 297 2.66 -18.87 49.01
C ALA B 297 2.81 -19.55 47.70
N ALA B 298 2.11 -19.14 46.73
CA ALA B 298 2.15 -19.79 45.40
C ALA B 298 2.55 -18.78 44.38
N LYS B 299 3.76 -18.28 44.44
CA LYS B 299 4.17 -17.23 43.54
CA LYS B 299 4.26 -17.26 43.57
C LYS B 299 4.51 -17.89 42.19
N PRO B 300 4.06 -17.27 41.13
CA PRO B 300 4.31 -17.76 39.77
C PRO B 300 5.65 -17.36 39.24
N ASP B 301 6.15 -17.98 38.22
CA ASP B 301 7.35 -17.52 37.53
C ASP B 301 7.13 -16.41 36.58
N PHE B 302 5.88 -16.29 36.01
CA PHE B 302 5.55 -15.26 35.04
C PHE B 302 4.05 -15.06 35.11
N MET B 303 3.65 -13.91 34.57
CA MET B 303 2.27 -13.63 34.29
C MET B 303 1.99 -13.93 32.85
N GLY B 304 1.05 -14.81 32.53
CA GLY B 304 0.55 -14.96 31.18
C GLY B 304 -0.43 -13.88 30.85
N VAL B 305 -0.33 -13.37 29.63
CA VAL B 305 -1.26 -12.30 29.16
C VAL B 305 -1.89 -12.65 27.85
N ASN B 306 -3.19 -12.69 27.86
CA ASN B 306 -3.97 -12.79 26.62
C ASN B 306 -4.44 -11.42 26.30
N TYR B 307 -4.05 -10.81 25.20
CA TYR B 307 -4.35 -9.39 24.92
C TYR B 307 -4.99 -9.23 23.57
N TYR B 308 -6.07 -8.51 23.57
CA TYR B 308 -6.67 -8.00 22.33
C TYR B 308 -6.87 -6.52 22.25
N GLN B 309 -7.27 -5.85 23.34
CA GLN B 309 -7.67 -4.45 23.27
CA GLN B 309 -7.49 -4.45 23.26
C GLN B 309 -7.61 -3.86 24.65
N THR B 310 -7.52 -2.53 24.68
CA THR B 310 -7.79 -1.72 25.88
C THR B 310 -9.19 -1.39 25.99
N THR B 311 -9.61 -0.82 27.12
CA THR B 311 -10.92 -0.31 27.40
C THR B 311 -10.86 1.07 27.98
N THR B 312 -11.61 2.03 27.49
CA THR B 312 -11.71 3.36 28.02
C THR B 312 -12.92 3.48 28.85
N VAL B 313 -12.83 4.18 30.00
CA VAL B 313 -13.93 4.34 30.98
C VAL B 313 -14.15 5.80 31.38
N GLU B 314 -15.32 6.02 31.90
CA GLU B 314 -15.66 7.33 32.42
C GLU B 314 -16.54 7.11 33.63
N HIS B 315 -16.81 8.24 34.30
CA HIS B 315 -17.67 8.25 35.45
C HIS B 315 -19.09 7.68 35.20
N ASN B 316 -19.56 6.94 36.15
CA ASN B 316 -20.90 6.32 36.03
C ASN B 316 -21.63 6.52 37.40
N PRO B 317 -22.56 7.44 37.44
CA PRO B 317 -23.29 7.69 38.72
C PRO B 317 -24.12 6.49 39.26
N PRO B 318 -24.44 6.53 40.57
CA PRO B 318 -25.04 5.36 41.22
C PRO B 318 -26.40 4.96 40.63
N ASP B 319 -27.06 5.84 39.87
CA ASP B 319 -28.23 5.39 39.07
C ASP B 319 -27.90 5.19 37.57
N GLY B 320 -26.67 4.75 37.27
CA GLY B 320 -26.13 4.78 35.93
C GLY B 320 -26.22 3.46 35.19
N VAL B 321 -25.31 3.28 34.24
CA VAL B 321 -25.26 2.14 33.29
C VAL B 321 -24.87 0.87 34.05
N GLY B 322 -25.53 -0.26 33.75
CA GLY B 322 -25.25 -1.51 34.40
C GLY B 322 -26.10 -1.62 35.66
N THR B 336 -22.58 -0.88 22.96
CA THR B 336 -23.08 0.06 23.97
C THR B 336 -22.28 -0.09 25.30
N SER B 337 -22.38 0.95 26.11
CA SER B 337 -21.64 1.00 27.35
C SER B 337 -22.07 -0.10 28.33
N SER B 338 -21.11 -0.66 29.04
CA SER B 338 -21.33 -1.51 30.18
C SER B 338 -20.62 -0.89 31.39
N GLY B 339 -21.00 -1.29 32.57
CA GLY B 339 -20.32 -0.79 33.73
C GLY B 339 -20.97 -1.21 35.00
N ILE B 340 -20.51 -0.59 36.06
CA ILE B 340 -21.02 -0.80 37.39
C ILE B 340 -21.43 0.52 37.98
N PRO B 341 -22.69 0.73 38.35
CA PRO B 341 -23.11 2.00 38.83
C PRO B 341 -22.32 2.45 40.01
N GLY B 342 -21.90 3.70 39.95
CA GLY B 342 -21.06 4.30 41.01
C GLY B 342 -19.56 4.04 40.84
N LEU B 343 -19.19 3.15 39.92
CA LEU B 343 -17.79 2.78 39.80
C LEU B 343 -17.24 3.26 38.48
N PHE B 344 -17.79 2.83 37.35
CA PHE B 344 -17.28 3.20 36.05
C PHE B 344 -18.25 2.76 34.94
N LYS B 345 -18.12 3.33 33.77
CA LYS B 345 -18.73 2.74 32.58
C LYS B 345 -17.78 2.88 31.45
N THR B 346 -17.92 1.98 30.46
CA THR B 346 -17.15 2.02 29.25
C THR B 346 -17.60 3.08 28.28
N VAL B 347 -16.71 3.57 27.46
CA VAL B 347 -16.99 4.56 26.48
C VAL B 347 -16.03 4.31 25.33
N ARG B 348 -16.46 4.54 24.09
CA ARG B 348 -15.62 4.37 22.96
C ARG B 348 -14.45 5.31 23.01
N ASN B 349 -13.28 4.81 22.65
CA ASN B 349 -12.07 5.56 22.61
C ASN B 349 -11.94 6.22 21.19
N PRO B 350 -11.99 7.58 21.13
CA PRO B 350 -11.94 8.18 19.78
C PRO B 350 -10.55 8.13 19.21
N HIS B 351 -9.50 7.66 19.93
CA HIS B 351 -8.19 7.77 19.52
C HIS B 351 -7.53 6.47 19.07
N VAL B 352 -8.33 5.41 18.92
CA VAL B 352 -7.77 4.16 18.39
C VAL B 352 -8.66 3.67 17.19
N ASP B 353 -8.02 2.93 16.31
CA ASP B 353 -8.63 2.25 15.17
C ASP B 353 -9.51 1.14 15.74
N THR B 354 -10.37 0.53 14.91
CA THR B 354 -11.18 -0.60 15.33
C THR B 354 -11.13 -1.67 14.25
N THR B 355 -11.40 -2.90 14.70
CA THR B 355 -11.58 -4.06 13.82
C THR B 355 -13.04 -4.00 13.37
N ASN B 356 -13.42 -4.78 12.39
N ASN B 356 -13.29 -4.75 12.32
CA ASN B 356 -14.77 -4.81 11.83
CA ASN B 356 -14.64 -4.89 11.82
C ASN B 356 -16.15 -5.05 12.60
C ASN B 356 -15.63 -5.65 12.69
N TRP B 357 -16.64 -4.07 13.42
N TRP B 357 -15.27 -6.22 13.85
CA TRP B 357 -16.18 -2.61 13.72
CA TRP B 357 -16.07 -6.25 15.11
C TRP B 357 -16.00 -2.28 15.16
C TRP B 357 -16.06 -5.30 16.22
N ASP B 358 -15.82 -3.31 15.91
N ASP B 358 -15.51 -4.17 15.90
CA ASP B 358 -15.67 -2.95 17.22
CA ASP B 358 -15.53 -3.07 16.81
C ASP B 358 -14.94 -3.70 18.27
C ASP B 358 -14.77 -3.34 18.08
N TRP B 359 -13.78 -4.19 17.92
CA TRP B 359 -12.70 -4.36 18.95
C TRP B 359 -11.71 -3.23 18.63
N ALA B 360 -11.12 -2.67 19.65
CA ALA B 360 -10.12 -1.59 19.45
C ALA B 360 -8.92 -2.33 18.79
N ILE B 361 -8.15 -1.70 17.94
CA ILE B 361 -6.83 -2.08 17.60
C ILE B 361 -5.90 -1.09 18.28
N ASP B 362 -5.20 -1.55 19.33
CA ASP B 362 -4.46 -0.65 20.21
C ASP B 362 -3.18 -1.34 20.58
N PRO B 363 -2.17 -1.42 19.66
CA PRO B 363 -0.93 -2.04 19.95
C PRO B 363 -0.15 -1.36 21.09
N VAL B 364 -0.22 0.00 21.12
CA VAL B 364 0.46 0.71 22.22
C VAL B 364 -0.17 0.24 23.54
N GLY B 365 -1.43 -0.04 23.56
CA GLY B 365 -2.05 -0.68 24.75
C GLY B 365 -1.39 -1.90 25.26
N LEU B 366 -0.84 -2.75 24.38
CA LEU B 366 -0.11 -3.89 24.77
C LEU B 366 1.15 -3.43 25.49
N ARG B 367 1.94 -2.51 24.98
CA ARG B 367 3.07 -1.95 25.68
C ARG B 367 2.68 -1.41 27.08
N ILE B 368 1.58 -0.72 27.13
CA ILE B 368 1.07 -0.16 28.42
C ILE B 368 0.81 -1.32 29.38
N GLY B 369 0.10 -2.36 28.92
CA GLY B 369 -0.24 -3.43 29.79
C GLY B 369 1.00 -4.14 30.30
N LEU B 370 1.97 -4.37 29.41
CA LEU B 370 3.25 -4.99 29.79
C LEU B 370 3.97 -4.16 30.88
N ARG B 371 4.00 -2.87 30.58
CA ARG B 371 4.64 -1.92 31.52
C ARG B 371 3.93 -1.97 32.85
N ARG B 372 2.63 -2.02 32.87
CA ARG B 372 1.90 -2.04 34.14
C ARG B 372 2.14 -3.26 34.94
N ILE B 373 2.31 -4.40 34.28
CA ILE B 373 2.55 -5.64 35.03
C ILE B 373 3.95 -5.64 35.61
N ALA B 374 4.92 -5.21 34.82
CA ALA B 374 6.27 -5.10 35.35
C ALA B 374 6.32 -4.08 36.48
N ASN B 375 5.69 -2.98 36.34
CA ASN B 375 5.74 -1.90 37.36
C ASN B 375 5.07 -2.37 38.62
N ARG B 376 3.96 -3.07 38.59
CA ARG B 376 3.22 -3.47 39.78
C ARG B 376 3.73 -4.70 40.44
N TYR B 377 4.14 -5.71 39.65
CA TYR B 377 4.48 -7.02 40.15
C TYR B 377 5.91 -7.50 39.94
N GLN B 378 6.62 -6.79 39.10
CA GLN B 378 8.04 -7.13 38.71
C GLN B 378 8.10 -8.52 38.16
N LEU B 379 7.09 -8.95 37.46
CA LEU B 379 7.06 -10.30 36.89
C LEU B 379 7.43 -10.29 35.42
N PRO B 380 8.16 -11.32 34.97
CA PRO B 380 8.21 -11.61 33.55
C PRO B 380 6.84 -11.97 33.00
N ILE B 381 6.70 -11.70 31.71
CA ILE B 381 5.43 -11.88 31.03
C ILE B 381 5.59 -12.87 29.91
N LEU B 382 4.67 -13.81 29.81
CA LEU B 382 4.52 -14.60 28.54
C LEU B 382 3.26 -14.13 27.84
N ILE B 383 3.33 -13.61 26.63
CA ILE B 383 2.12 -13.23 25.94
C ILE B 383 1.62 -14.52 25.31
N THR B 384 0.51 -15.00 25.90
CA THR B 384 -0.05 -16.29 25.58
C THR B 384 -1.01 -16.27 24.44
N GLU B 385 -1.49 -15.11 24.04
CA GLU B 385 -2.51 -15.00 22.99
C GLU B 385 -2.60 -13.60 22.55
N ASN B 386 -2.51 -13.37 21.25
CA ASN B 386 -2.79 -12.08 20.56
C ASN B 386 -2.96 -12.41 19.10
N GLY B 387 -3.97 -11.85 18.51
CA GLY B 387 -4.23 -12.08 17.06
C GLY B 387 -5.46 -11.40 16.60
N LEU B 388 -5.70 -11.56 15.30
CA LEU B 388 -6.82 -10.91 14.57
C LEU B 388 -7.74 -11.86 13.91
N GLY B 389 -8.99 -11.75 14.24
CA GLY B 389 -10.05 -12.58 13.61
C GLY B 389 -10.63 -11.81 12.47
N GLU B 390 -10.71 -12.45 11.32
CA GLU B 390 -11.32 -11.79 10.12
C GLU B 390 -11.89 -12.84 9.21
N PHE B 391 -12.76 -12.45 8.33
CA PHE B 391 -13.41 -13.30 7.33
C PHE B 391 -12.28 -13.41 6.31
N ASP B 392 -11.57 -14.45 6.19
CA ASP B 392 -10.60 -14.62 5.18
C ASP B 392 -11.18 -15.31 3.95
N THR B 393 -10.79 -14.82 2.79
CA THR B 393 -11.25 -15.40 1.52
C THR B 393 -10.18 -16.32 0.96
N LEU B 394 -10.60 -17.51 0.52
CA LEU B 394 -9.79 -18.44 -0.13
C LEU B 394 -9.85 -18.15 -1.64
N GLU B 395 -8.79 -17.62 -2.17
CA GLU B 395 -8.78 -17.23 -3.60
C GLU B 395 -8.28 -18.37 -4.42
N PRO B 396 -8.59 -18.34 -5.74
CA PRO B 396 -8.05 -19.36 -6.62
C PRO B 396 -6.56 -19.59 -6.51
N GLY B 397 -6.21 -20.85 -6.60
CA GLY B 397 -4.86 -21.29 -6.40
C GLY B 397 -4.51 -21.57 -4.91
N ASP B 398 -5.56 -21.61 -4.09
CA ASP B 398 -5.38 -21.80 -2.61
C ASP B 398 -4.49 -20.68 -2.02
N ILE B 399 -4.87 -19.46 -2.30
CA ILE B 399 -4.19 -18.29 -1.77
C ILE B 399 -5.06 -17.54 -0.81
N VAL B 400 -4.48 -17.14 0.36
CA VAL B 400 -5.21 -16.31 1.30
C VAL B 400 -4.37 -15.08 1.55
N ASN B 401 -4.82 -13.95 1.07
CA ASN B 401 -4.08 -12.75 1.22
C ASN B 401 -4.61 -11.98 2.46
N ASP B 402 -3.91 -12.27 3.57
CA ASP B 402 -4.36 -11.64 4.82
C ASP B 402 -3.40 -10.60 5.31
N ASP B 403 -3.20 -9.57 4.52
CA ASP B 403 -2.34 -8.44 4.89
C ASP B 403 -2.89 -7.73 6.13
N TYR B 404 -4.15 -7.74 6.37
CA TYR B 404 -4.78 -7.11 7.56
C TYR B 404 -4.26 -7.82 8.79
N ARG B 405 -4.01 -9.10 8.75
CA ARG B 405 -3.50 -9.87 9.91
C ARG B 405 -2.03 -9.60 10.06
N ILE B 406 -1.24 -9.57 9.01
CA ILE B 406 0.18 -9.13 9.06
C ILE B 406 0.24 -7.77 9.69
N ASP B 407 -0.54 -6.82 9.25
CA ASP B 407 -0.43 -5.46 9.77
C ASP B 407 -0.71 -5.45 11.27
N TYR B 408 -1.72 -6.16 11.73
CA TYR B 408 -2.06 -6.19 13.18
C TYR B 408 -0.99 -6.83 13.91
N LEU B 409 -0.49 -7.97 13.56
CA LEU B 409 0.54 -8.65 14.27
C LEU B 409 1.83 -7.81 14.28
N ARG B 410 2.24 -7.27 13.15
CA ARG B 410 3.43 -6.46 13.08
C ARG B 410 3.35 -5.30 14.13
N ARG B 411 2.26 -4.61 14.18
CA ARG B 411 2.18 -3.46 15.07
C ARG B 411 2.32 -3.94 16.52
N HIS B 412 1.74 -5.05 16.89
CA HIS B 412 1.91 -5.58 18.26
C HIS B 412 3.29 -6.05 18.57
N VAL B 413 3.96 -6.79 17.68
CA VAL B 413 5.34 -7.22 17.89
C VAL B 413 6.22 -5.95 17.99
N GLN B 414 5.98 -4.92 17.23
CA GLN B 414 6.80 -3.68 17.34
C GLN B 414 6.67 -3.08 18.72
N GLU B 415 5.46 -3.09 19.31
CA GLU B 415 5.28 -2.53 20.64
C GLU B 415 5.81 -3.40 21.68
N ILE B 416 5.86 -4.76 21.54
CA ILE B 416 6.52 -5.61 22.45
C ILE B 416 8.01 -5.27 22.52
N GLN B 417 8.63 -5.07 21.35
CA GLN B 417 10.02 -4.72 21.33
C GLN B 417 10.30 -3.39 22.14
N ARG B 418 9.39 -2.46 21.95
CA ARG B 418 9.53 -1.20 22.75
C ARG B 418 9.40 -1.50 24.26
N ALA B 419 8.50 -2.38 24.68
CA ALA B 419 8.42 -2.74 26.08
C ALA B 419 9.64 -3.40 26.53
N ILE B 420 10.25 -4.31 25.76
CA ILE B 420 11.48 -4.94 26.13
C ILE B 420 12.60 -3.85 26.31
N THR B 421 12.56 -2.92 25.42
CA THR B 421 13.59 -1.79 25.42
C THR B 421 13.40 -0.98 26.74
N ASP B 422 12.16 -0.83 27.20
CA ASP B 422 11.82 -0.13 28.46
C ASP B 422 12.31 -0.91 29.63
N GLY B 423 12.50 -2.21 29.59
CA GLY B 423 12.92 -2.98 30.72
C GLY B 423 11.97 -4.12 31.15
N VAL B 424 10.89 -4.34 30.39
CA VAL B 424 9.99 -5.47 30.67
C VAL B 424 10.61 -6.74 30.21
N ASP B 425 10.54 -7.76 31.02
CA ASP B 425 11.06 -9.11 30.67
C ASP B 425 9.95 -9.89 30.01
N VAL B 426 9.91 -9.91 28.70
CA VAL B 426 8.92 -10.65 27.94
C VAL B 426 9.55 -11.94 27.51
N LEU B 427 9.00 -13.09 27.90
CA LEU B 427 9.55 -14.39 27.62
C LEU B 427 9.23 -14.87 26.25
N GLY B 428 8.09 -14.48 25.66
CA GLY B 428 7.70 -14.94 24.36
C GLY B 428 6.36 -14.34 24.02
N TYR B 429 5.94 -14.73 22.83
CA TYR B 429 4.75 -14.17 22.13
C TYR B 429 4.06 -15.28 21.38
N CYS B 430 2.87 -15.66 21.80
CA CYS B 430 2.12 -16.73 21.15
C CYS B 430 1.03 -16.11 20.33
N ALA B 431 1.15 -16.08 19.00
CA ALA B 431 0.14 -15.60 18.15
C ALA B 431 -1.11 -16.52 18.19
N TRP B 432 -2.29 -15.91 18.20
CA TRP B 432 -3.55 -16.66 18.24
C TRP B 432 -4.13 -16.55 16.85
N SER B 433 -4.22 -17.63 16.07
CA SER B 433 -3.92 -19.00 16.39
C SER B 433 -3.02 -19.61 15.32
N PHE B 434 -2.59 -20.83 15.54
CA PHE B 434 -1.74 -21.47 14.54
C PHE B 434 -2.55 -21.80 13.29
N THR B 435 -3.55 -22.65 13.49
CA THR B 435 -4.55 -22.93 12.47
C THR B 435 -5.84 -22.25 12.81
N ASP B 436 -6.70 -22.13 11.81
CA ASP B 436 -8.05 -21.71 12.07
C ASP B 436 -8.68 -22.74 13.04
N LEU B 437 -9.66 -22.27 13.75
CA LEU B 437 -10.29 -23.10 14.75
C LEU B 437 -11.77 -22.79 14.98
N LEU B 438 -12.40 -23.62 15.75
CA LEU B 438 -13.82 -23.44 16.11
C LEU B 438 -13.91 -22.38 17.18
N SER B 439 -14.75 -21.33 16.97
CA SER B 439 -15.07 -20.43 18.05
CA SER B 439 -15.13 -20.41 18.03
C SER B 439 -16.10 -21.06 18.99
N TRP B 440 -16.09 -20.59 20.21
CA TRP B 440 -16.97 -21.13 21.25
C TRP B 440 -18.44 -21.09 20.90
N LEU B 441 -18.87 -19.91 20.38
CA LEU B 441 -20.25 -19.69 20.12
C LEU B 441 -20.57 -19.24 18.69
N ASN B 442 -19.54 -18.89 17.91
CA ASN B 442 -19.78 -18.16 16.68
C ASN B 442 -19.33 -18.96 15.42
N GLY B 443 -19.15 -20.25 15.51
CA GLY B 443 -18.72 -21.07 14.35
C GLY B 443 -17.34 -20.82 13.93
N TYR B 444 -17.12 -20.92 12.61
CA TYR B 444 -15.82 -20.89 12.03
C TYR B 444 -15.47 -19.73 11.13
N GLN B 445 -16.43 -18.85 10.74
CA GLN B 445 -16.19 -17.95 9.61
CA GLN B 445 -16.13 -17.99 9.61
C GLN B 445 -15.23 -16.86 9.96
N LYS B 446 -15.17 -16.39 11.22
CA LYS B 446 -14.20 -15.38 11.66
C LYS B 446 -12.93 -16.12 12.05
N ARG B 447 -11.94 -16.08 11.20
CA ARG B 447 -10.77 -16.95 11.24
C ARG B 447 -9.60 -16.25 11.90
N TYR B 448 -8.79 -16.99 12.65
CA TYR B 448 -7.66 -16.45 13.35
C TYR B 448 -6.34 -17.05 12.98
N GLY B 449 -6.27 -18.09 12.14
CA GLY B 449 -5.04 -18.76 11.94
C GLY B 449 -4.04 -18.16 10.99
N PHE B 450 -2.80 -18.60 11.15
CA PHE B 450 -1.77 -18.49 10.09
C PHE B 450 -2.08 -19.55 8.97
N VAL B 451 -2.74 -20.64 9.32
CA VAL B 451 -3.04 -21.77 8.45
C VAL B 451 -4.53 -21.80 8.30
N TYR B 452 -5.04 -21.57 7.10
CA TYR B 452 -6.44 -21.68 6.79
C TYR B 452 -6.83 -23.13 6.81
N VAL B 453 -7.97 -23.44 7.41
CA VAL B 453 -8.52 -24.79 7.38
C VAL B 453 -9.80 -24.76 6.53
N ASN B 454 -9.80 -25.61 5.49
CA ASN B 454 -10.91 -25.65 4.52
C ASN B 454 -12.08 -26.43 5.14
N ARG B 455 -12.98 -25.73 5.83
CA ARG B 455 -14.22 -26.17 6.40
C ARG B 455 -15.05 -24.96 6.65
N ASP B 456 -16.34 -25.14 6.91
CA ASP B 456 -17.17 -24.01 7.30
C ASP B 456 -18.16 -24.47 8.35
N ASP B 457 -19.25 -23.71 8.56
CA ASP B 457 -20.23 -24.02 9.53
C ASP B 457 -21.19 -25.15 9.17
N GLU B 458 -21.22 -25.48 7.91
CA GLU B 458 -22.13 -26.51 7.43
C GLU B 458 -21.46 -27.87 7.40
N SER B 459 -20.17 -27.94 7.11
CA SER B 459 -19.50 -29.25 7.07
C SER B 459 -18.01 -29.08 7.22
N GLU B 460 -17.36 -30.22 7.43
CA GLU B 460 -15.89 -30.30 7.56
C GLU B 460 -15.20 -30.16 6.26
N LYS B 461 -15.93 -30.25 5.10
CA LYS B 461 -15.28 -30.26 3.78
C LYS B 461 -14.20 -31.34 3.78
N ASP B 462 -13.00 -30.98 3.35
CA ASP B 462 -11.87 -31.83 3.34
C ASP B 462 -10.83 -31.59 4.47
N LEU B 463 -11.07 -30.56 5.26
CA LEU B 463 -10.17 -30.17 6.42
C LEU B 463 -8.79 -29.83 5.90
N ARG B 464 -8.59 -29.48 4.64
CA ARG B 464 -7.27 -29.20 4.16
C ARG B 464 -6.67 -27.96 4.85
N ARG B 465 -5.37 -28.02 5.01
CA ARG B 465 -4.59 -26.86 5.59
C ARG B 465 -3.99 -26.06 4.46
N ILE B 466 -4.15 -24.75 4.44
CA ILE B 466 -3.57 -23.92 3.41
C ILE B 466 -2.83 -22.79 4.13
N LYS B 467 -1.56 -22.60 3.86
CA LYS B 467 -0.80 -21.51 4.47
C LYS B 467 -1.23 -20.17 4.00
N LYS B 468 -1.59 -19.22 4.86
CA LYS B 468 -1.96 -17.90 4.50
C LYS B 468 -0.68 -17.06 4.25
N LYS B 469 -0.82 -15.87 3.67
CA LYS B 469 0.30 -14.96 3.52
C LYS B 469 1.00 -14.68 4.86
N SER B 470 0.20 -14.56 5.96
CA SER B 470 0.80 -14.25 7.26
C SER B 470 1.65 -15.36 7.73
N PHE B 471 1.44 -16.58 7.32
CA PHE B 471 2.30 -17.66 7.64
C PHE B 471 3.77 -17.36 7.31
N TYR B 472 3.95 -16.95 6.07
CA TYR B 472 5.28 -16.64 5.60
C TYR B 472 5.85 -15.39 6.22
N TRP B 473 5.04 -14.40 6.51
CA TRP B 473 5.46 -13.19 7.26
C TRP B 473 6.08 -13.63 8.59
N TYR B 474 5.34 -14.45 9.34
CA TYR B 474 5.78 -14.83 10.65
C TYR B 474 6.99 -15.73 10.62
N GLN B 475 7.08 -16.62 9.60
CA GLN B 475 8.25 -17.39 9.40
C GLN B 475 9.50 -16.48 9.27
N ARG B 476 9.33 -15.38 8.63
CA ARG B 476 10.49 -14.46 8.49
C ARG B 476 10.78 -13.63 9.74
N VAL B 477 9.73 -13.30 10.52
CA VAL B 477 9.92 -12.71 11.82
C VAL B 477 10.75 -13.63 12.65
N ILE B 478 10.43 -14.96 12.73
CA ILE B 478 11.11 -15.87 13.56
C ILE B 478 12.60 -16.06 13.12
N GLU B 479 12.75 -16.27 11.84
CA GLU B 479 14.06 -16.48 11.26
C GLU B 479 15.02 -15.34 11.60
N THR B 480 14.49 -14.14 11.65
CA THR B 480 15.35 -12.95 11.94
C THR B 480 15.21 -12.51 13.37
N ASN B 481 14.62 -13.33 14.24
CA ASN B 481 14.41 -12.94 15.62
C ASN B 481 13.77 -11.61 15.72
N GLY B 482 12.83 -11.22 14.90
CA GLY B 482 12.19 -9.98 14.95
C GLY B 482 12.86 -8.82 14.44
N ALA B 483 14.03 -8.97 13.82
CA ALA B 483 14.62 -7.81 13.08
C ALA B 483 13.94 -7.42 11.84
N GLU B 484 13.26 -8.37 11.15
CA GLU B 484 12.51 -8.07 9.95
C GLU B 484 11.05 -8.29 10.30
N LEU B 485 10.40 -7.17 10.58
CA LEU B 485 8.95 -7.07 10.79
C LEU B 485 8.34 -6.40 9.56
N HIS C 12 15.04 46.92 -36.44
CA HIS C 12 16.15 45.96 -36.71
C HIS C 12 15.98 44.79 -35.69
N LEU C 13 15.45 43.69 -36.20
CA LEU C 13 15.29 42.50 -35.35
C LEU C 13 16.62 41.86 -35.17
N LYS C 14 16.91 41.29 -34.06
CA LYS C 14 18.02 40.45 -33.80
C LYS C 14 17.79 39.12 -34.49
N PRO C 15 18.88 38.44 -34.91
CA PRO C 15 18.77 37.08 -35.37
C PRO C 15 18.46 36.15 -34.23
N PHE C 16 17.96 34.98 -34.62
CA PHE C 16 17.93 33.91 -33.64
C PHE C 16 19.34 33.50 -33.23
N PRO C 17 19.57 33.08 -32.04
CA PRO C 17 20.94 32.69 -31.61
C PRO C 17 21.42 31.49 -32.37
N PRO C 18 22.75 31.32 -32.56
CA PRO C 18 23.21 30.25 -33.43
C PRO C 18 22.86 28.88 -32.90
N GLU C 19 22.66 28.66 -31.67
CA GLU C 19 22.32 27.22 -31.51
C GLU C 19 20.88 27.10 -31.05
N PHE C 20 20.06 28.02 -31.56
CA PHE C 20 18.62 28.03 -31.09
C PHE C 20 18.10 26.62 -31.40
N LEU C 21 17.31 26.09 -30.44
CA LEU C 21 16.77 24.72 -30.55
C LEU C 21 15.45 24.75 -31.33
N TRP C 22 15.47 24.70 -32.64
CA TRP C 22 14.33 24.49 -33.47
C TRP C 22 13.84 23.05 -33.25
N GLY C 23 12.65 22.91 -32.71
CA GLY C 23 12.22 21.60 -32.23
C GLY C 23 10.82 21.32 -32.65
N ALA C 24 10.39 20.10 -32.23
CA ALA C 24 9.02 19.61 -32.33
C ALA C 24 8.84 18.66 -31.22
N ALA C 25 7.63 18.38 -30.87
CA ALA C 25 7.36 17.64 -29.63
C ALA C 25 6.22 16.68 -29.76
N SER C 26 6.18 15.78 -28.75
CA SER C 26 5.12 14.78 -28.54
C SER C 26 4.96 14.47 -27.08
N ALA C 27 4.04 13.58 -26.75
CA ALA C 27 3.86 12.99 -25.42
C ALA C 27 3.62 11.51 -25.58
N ALA C 28 4.11 10.73 -24.62
CA ALA C 28 4.23 9.28 -24.79
C ALA C 28 2.82 8.64 -25.04
N TYR C 29 1.82 8.94 -24.23
CA TYR C 29 0.55 8.28 -24.43
C TYR C 29 -0.08 8.62 -25.73
N GLN C 30 0.22 9.83 -26.24
CA GLN C 30 -0.38 10.31 -27.45
C GLN C 30 0.23 9.71 -28.69
N VAL C 31 1.44 9.21 -28.61
CA VAL C 31 2.15 8.68 -29.79
C VAL C 31 2.57 7.25 -29.75
N GLU C 32 2.93 6.71 -28.59
CA GLU C 32 3.70 5.48 -28.60
C GLU C 32 2.96 4.22 -28.98
N GLY C 33 1.77 4.03 -28.44
CA GLY C 33 1.16 2.69 -28.51
C GLY C 33 1.92 1.72 -27.65
N ALA C 34 1.96 0.47 -28.09
CA ALA C 34 2.68 -0.58 -27.33
C ALA C 34 2.33 -0.53 -25.88
N TRP C 35 1.03 -0.43 -25.57
CA TRP C 35 0.55 -0.14 -24.19
C TRP C 35 0.81 -1.26 -23.17
N ASN C 36 0.92 -2.46 -23.72
CA ASN C 36 1.15 -3.65 -22.87
C ASN C 36 2.31 -4.44 -23.30
N GLU C 37 3.25 -3.87 -23.98
CA GLU C 37 4.37 -4.64 -24.54
C GLU C 37 5.58 -4.44 -23.75
N ASP C 38 6.46 -5.48 -23.77
CA ASP C 38 7.82 -5.42 -23.20
C ASP C 38 7.72 -5.04 -21.76
N GLY C 39 6.76 -5.56 -21.09
CA GLY C 39 6.65 -5.46 -19.61
C GLY C 39 6.00 -4.14 -19.09
N LYS C 40 5.53 -3.28 -20.01
CA LYS C 40 4.95 -2.03 -19.55
C LYS C 40 3.74 -2.25 -18.70
N GLY C 41 3.65 -1.50 -17.61
CA GLY C 41 2.51 -1.60 -16.75
C GLY C 41 1.39 -0.62 -17.09
N LEU C 42 0.25 -0.70 -16.51
CA LEU C 42 -0.81 0.20 -16.77
C LEU C 42 -0.50 1.56 -16.20
N SER C 43 -0.77 2.59 -17.04
CA SER C 43 -0.86 3.94 -16.56
C SER C 43 -2.29 4.30 -16.15
N VAL C 44 -2.45 5.41 -15.46
CA VAL C 44 -3.80 5.88 -15.14
C VAL C 44 -4.56 6.19 -16.36
N TRP C 45 -3.88 6.57 -17.45
CA TRP C 45 -4.63 6.88 -18.70
C TRP C 45 -5.03 5.66 -19.41
N ASP C 46 -4.28 4.55 -19.39
CA ASP C 46 -4.65 3.31 -19.99
C ASP C 46 -5.99 2.90 -19.39
N VAL C 47 -6.17 3.01 -18.10
CA VAL C 47 -7.37 2.62 -17.36
C VAL C 47 -8.47 3.64 -17.62
N PHE C 48 -8.25 4.93 -17.48
CA PHE C 48 -9.28 5.91 -17.60
C PHE C 48 -9.91 5.94 -18.97
N ALA C 49 -9.12 5.83 -20.02
CA ALA C 49 -9.64 5.96 -21.37
C ALA C 49 -10.47 4.75 -21.77
N LYS C 50 -10.40 3.67 -21.04
CA LYS C 50 -11.27 2.45 -21.35
C LYS C 50 -12.58 2.57 -20.65
N GLN C 51 -12.85 3.55 -19.85
CA GLN C 51 -14.17 3.72 -19.26
C GLN C 51 -15.13 4.05 -20.39
N PRO C 52 -16.29 3.33 -20.48
CA PRO C 52 -17.21 3.71 -21.56
C PRO C 52 -17.68 5.06 -21.52
N GLY C 53 -17.71 5.67 -22.70
CA GLY C 53 -18.13 7.01 -22.84
C GLY C 53 -17.09 8.13 -22.55
N ARG C 54 -15.89 7.76 -22.03
CA ARG C 54 -14.92 8.76 -21.59
C ARG C 54 -14.25 9.42 -22.80
N THR C 55 -13.96 8.71 -23.85
CA THR C 55 -13.23 9.24 -24.98
C THR C 55 -14.04 9.11 -26.23
N PHE C 56 -13.73 9.98 -27.18
CA PHE C 56 -14.52 9.98 -28.42
C PHE C 56 -14.33 8.70 -29.20
N LYS C 57 -15.47 8.03 -29.52
CA LYS C 57 -15.46 6.78 -30.23
C LYS C 57 -14.61 5.70 -29.54
N GLY C 58 -14.40 5.77 -28.21
CA GLY C 58 -13.61 4.83 -27.46
C GLY C 58 -12.15 4.83 -27.82
N THR C 59 -11.65 5.87 -28.49
CA THR C 59 -10.27 5.99 -28.85
C THR C 59 -9.36 5.94 -27.63
N ASN C 60 -8.24 5.31 -27.76
CA ASN C 60 -7.30 5.17 -26.64
C ASN C 60 -5.87 4.95 -27.14
N GLY C 61 -4.94 4.85 -26.21
CA GLY C 61 -3.57 4.79 -26.52
C GLY C 61 -2.95 3.42 -26.72
N ASP C 62 -3.81 2.44 -26.98
CA ASP C 62 -3.27 1.07 -27.14
C ASP C 62 -2.26 0.98 -28.28
N VAL C 63 -2.59 1.66 -29.37
CA VAL C 63 -1.73 1.76 -30.55
C VAL C 63 -1.33 3.22 -30.83
N ALA C 64 -2.26 4.16 -30.69
CA ALA C 64 -2.00 5.60 -31.04
C ALA C 64 -1.47 5.69 -32.45
N VAL C 65 -0.32 6.27 -32.68
CA VAL C 65 0.32 6.28 -34.02
C VAL C 65 1.47 5.35 -34.09
N ASP C 66 1.62 4.52 -33.08
CA ASP C 66 2.58 3.41 -33.09
C ASP C 66 4.00 3.85 -33.22
N HIS C 67 4.36 4.95 -32.58
CA HIS C 67 5.73 5.43 -32.56
C HIS C 67 6.68 4.44 -31.86
N TYR C 68 6.16 3.68 -30.95
CA TYR C 68 7.06 2.67 -30.31
C TYR C 68 7.76 1.71 -31.32
N HIS C 69 7.01 1.35 -32.34
CA HIS C 69 7.56 0.46 -33.39
C HIS C 69 8.12 1.20 -34.54
N ARG C 70 7.66 2.43 -34.80
CA ARG C 70 7.95 3.26 -35.97
CA ARG C 70 7.96 3.25 -35.97
C ARG C 70 8.98 4.38 -35.72
N TYR C 71 9.60 4.38 -34.58
CA TYR C 71 10.51 5.44 -34.18
C TYR C 71 11.63 5.70 -35.17
N GLN C 72 12.15 4.67 -35.82
CA GLN C 72 13.23 4.88 -36.78
C GLN C 72 12.75 5.70 -37.95
N GLU C 73 11.59 5.40 -38.50
CA GLU C 73 11.03 6.19 -39.58
C GLU C 73 10.79 7.62 -39.12
N ASP C 74 10.25 7.75 -37.92
CA ASP C 74 9.89 9.10 -37.47
C ASP C 74 11.14 9.91 -37.27
N VAL C 75 12.20 9.38 -36.70
CA VAL C 75 13.47 10.08 -36.52
C VAL C 75 14.09 10.39 -37.88
N ALA C 76 13.96 9.46 -38.86
CA ALA C 76 14.51 9.76 -40.17
C ALA C 76 13.80 10.97 -40.76
N LEU C 77 12.50 11.14 -40.55
CA LEU C 77 11.76 12.31 -41.02
C LEU C 77 12.18 13.57 -40.28
N MET C 78 12.50 13.47 -38.99
CA MET C 78 13.04 14.60 -38.26
C MET C 78 14.36 15.04 -38.88
N ALA C 79 15.19 14.10 -39.23
CA ALA C 79 16.48 14.44 -39.82
C ALA C 79 16.25 15.03 -41.18
N GLU C 80 15.35 14.58 -41.96
CA GLU C 80 15.03 15.15 -43.29
C GLU C 80 14.61 16.61 -43.10
N MET C 81 13.80 16.90 -42.07
CA MET C 81 13.43 18.24 -41.76
C MET C 81 14.56 19.10 -41.28
N GLY C 82 15.55 18.50 -40.68
CA GLY C 82 16.66 19.18 -40.06
C GLY C 82 16.38 19.62 -38.69
N LEU C 83 15.50 18.96 -37.97
CA LEU C 83 15.22 19.36 -36.62
C LEU C 83 16.40 19.47 -35.76
N LYS C 84 16.58 20.46 -34.92
CA LYS C 84 17.60 20.59 -34.00
C LYS C 84 17.42 19.86 -32.72
N ALA C 85 16.12 19.70 -32.35
CA ALA C 85 15.76 19.08 -31.08
C ALA C 85 14.42 18.43 -31.25
N TYR C 86 14.23 17.33 -30.49
CA TYR C 86 12.97 16.62 -30.41
C TYR C 86 12.64 16.43 -28.96
N ARG C 87 11.50 16.97 -28.52
CA ARG C 87 11.07 16.84 -27.17
C ARG C 87 10.01 15.76 -27.04
N PHE C 88 10.26 14.77 -26.20
CA PHE C 88 9.32 13.67 -25.98
C PHE C 88 9.21 13.44 -24.55
N SER C 89 8.19 12.66 -24.11
CA SER C 89 8.10 12.24 -22.72
C SER C 89 8.43 10.78 -22.59
N VAL C 90 8.88 10.44 -21.40
CA VAL C 90 9.14 9.06 -21.03
C VAL C 90 7.96 8.53 -20.23
N SER C 91 7.45 7.39 -20.62
CA SER C 91 6.34 6.75 -19.92
C SER C 91 6.84 6.04 -18.63
N TRP C 92 6.53 6.57 -17.50
CA TRP C 92 6.94 6.04 -16.22
C TRP C 92 6.50 4.58 -16.12
N SER C 93 5.34 4.21 -16.62
CA SER C 93 4.91 2.79 -16.51
CA SER C 93 4.87 2.79 -16.56
C SER C 93 5.67 1.88 -17.40
N ARG C 94 6.41 2.33 -18.39
CA ARG C 94 7.34 1.49 -19.10
C ARG C 94 8.54 1.18 -18.34
N VAL C 95 9.07 2.10 -17.52
CA VAL C 95 10.29 2.00 -16.77
C VAL C 95 10.13 1.37 -15.45
N PHE C 96 9.08 1.72 -14.72
CA PHE C 96 8.67 1.08 -13.43
C PHE C 96 7.22 0.69 -13.63
N PRO C 97 6.91 -0.50 -14.07
CA PRO C 97 5.51 -0.96 -14.30
C PRO C 97 4.61 -0.78 -13.12
N ASP C 98 5.15 -0.91 -11.92
CA ASP C 98 4.44 -0.70 -10.68
C ASP C 98 4.73 0.57 -9.99
N GLY C 99 5.38 1.49 -10.70
CA GLY C 99 5.69 2.78 -10.20
C GLY C 99 6.92 2.89 -9.33
N ASN C 100 7.03 1.93 -8.40
CA ASN C 100 8.22 1.84 -7.57
C ASN C 100 8.63 0.38 -7.73
N GLY C 101 9.48 -0.11 -6.92
CA GLY C 101 9.86 -1.51 -7.27
C GLY C 101 10.83 -1.67 -8.40
N ALA C 102 10.72 -2.77 -9.13
CA ALA C 102 11.78 -3.19 -10.01
C ALA C 102 11.83 -2.39 -11.35
N VAL C 103 13.00 -1.98 -11.77
CA VAL C 103 13.16 -1.36 -13.08
C VAL C 103 12.92 -2.34 -14.20
N ASN C 104 12.23 -1.94 -15.26
CA ASN C 104 11.97 -2.72 -16.45
CA ASN C 104 12.01 -2.70 -16.41
C ASN C 104 13.03 -2.33 -17.46
N GLU C 105 14.07 -3.14 -17.60
CA GLU C 105 15.12 -2.82 -18.49
C GLU C 105 14.67 -2.75 -19.95
N LYS C 106 13.71 -3.51 -20.39
CA LYS C 106 13.19 -3.45 -21.74
C LYS C 106 12.50 -2.09 -22.05
N GLY C 107 11.89 -1.54 -21.01
CA GLY C 107 11.28 -0.17 -21.18
C GLY C 107 12.33 0.85 -21.31
N LEU C 108 13.37 0.88 -20.48
CA LEU C 108 14.51 1.73 -20.61
C LEU C 108 15.14 1.62 -21.92
N ASP C 109 15.28 0.38 -22.46
CA ASP C 109 15.91 0.17 -23.70
C ASP C 109 15.26 0.83 -24.88
N PHE C 110 13.93 0.94 -24.83
CA PHE C 110 13.25 1.75 -25.90
C PHE C 110 13.73 3.22 -25.93
N TYR C 111 13.81 3.84 -24.76
CA TYR C 111 14.28 5.19 -24.74
C TYR C 111 15.72 5.32 -25.10
N ASP C 112 16.52 4.30 -24.78
CA ASP C 112 17.90 4.31 -25.19
CA ASP C 112 17.91 4.32 -25.15
C ASP C 112 18.02 4.23 -26.68
N ARG C 113 17.27 3.35 -27.29
CA ARG C 113 17.25 3.21 -28.73
C ARG C 113 16.80 4.52 -29.47
N LEU C 114 15.76 5.14 -28.85
CA LEU C 114 15.29 6.41 -29.42
C LEU C 114 16.36 7.49 -29.28
N ILE C 115 16.97 7.63 -28.10
CA ILE C 115 18.00 8.61 -27.89
C ILE C 115 19.22 8.37 -28.85
N GLU C 116 19.58 7.09 -29.01
CA GLU C 116 20.67 6.81 -29.99
C GLU C 116 20.30 7.19 -31.36
N GLU C 117 19.05 6.92 -31.80
CA GLU C 117 18.63 7.32 -33.10
C GLU C 117 18.74 8.82 -33.31
N LEU C 118 18.24 9.57 -32.32
CA LEU C 118 18.32 11.01 -32.38
C LEU C 118 19.79 11.50 -32.44
N ARG C 119 20.61 10.97 -31.58
CA ARG C 119 21.98 11.42 -31.53
C ARG C 119 22.74 11.04 -32.79
N ASN C 120 22.44 9.93 -33.39
CA ASN C 120 23.10 9.48 -34.65
C ASN C 120 22.73 10.37 -35.77
N HIS C 121 21.58 11.07 -35.67
CA HIS C 121 21.19 12.05 -36.62
C HIS C 121 21.46 13.48 -36.24
N GLY C 122 22.18 13.71 -35.21
CA GLY C 122 22.51 15.04 -34.84
C GLY C 122 21.33 15.89 -34.25
N ILE C 123 20.30 15.23 -33.69
CA ILE C 123 19.25 15.90 -33.03
C ILE C 123 19.33 15.88 -31.58
N GLU C 124 19.15 16.96 -30.87
CA GLU C 124 19.20 17.05 -29.43
C GLU C 124 17.95 16.47 -28.80
N PRO C 125 18.05 15.43 -28.00
CA PRO C 125 16.85 14.96 -27.27
C PRO C 125 16.53 15.93 -26.17
N ILE C 126 15.23 16.20 -25.98
CA ILE C 126 14.76 16.98 -24.81
C ILE C 126 13.85 16.02 -24.06
N VAL C 127 14.27 15.46 -22.94
CA VAL C 127 13.50 14.46 -22.26
C VAL C 127 12.56 15.06 -21.27
N THR C 128 11.28 14.77 -21.35
CA THR C 128 10.23 15.18 -20.44
C THR C 128 9.90 14.06 -19.49
N LEU C 129 10.11 14.28 -18.21
CA LEU C 129 9.91 13.22 -17.24
C LEU C 129 8.49 12.79 -17.10
N TYR C 130 7.56 13.72 -17.12
CA TYR C 130 6.17 13.42 -16.73
C TYR C 130 5.19 14.12 -17.65
N HIS C 131 4.39 13.33 -18.38
CA HIS C 131 3.23 13.88 -19.13
C HIS C 131 2.01 13.03 -18.78
N TRP C 132 1.63 13.06 -17.51
CA TRP C 132 0.27 12.79 -17.05
C TRP C 132 -0.01 11.36 -16.81
N ASP C 133 0.96 10.50 -16.89
CA ASP C 133 0.79 9.02 -17.03
C ASP C 133 1.36 8.28 -15.86
N VAL C 134 1.10 8.73 -14.63
CA VAL C 134 1.54 7.99 -13.45
C VAL C 134 1.07 6.55 -13.55
N PRO C 135 1.92 5.59 -13.09
CA PRO C 135 1.42 4.22 -13.07
C PRO C 135 0.18 4.02 -12.22
N GLN C 136 -0.78 3.26 -12.78
CA GLN C 136 -1.98 2.94 -12.05
C GLN C 136 -1.69 2.27 -10.66
N ALA C 137 -0.57 1.52 -10.61
CA ALA C 137 -0.22 0.86 -9.29
C ALA C 137 -0.04 1.88 -8.23
N LEU C 138 0.47 3.11 -8.49
CA LEU C 138 0.64 4.10 -7.49
C LEU C 138 -0.63 4.77 -7.08
N MET C 139 -1.52 4.94 -8.02
CA MET C 139 -2.86 5.37 -7.74
CA MET C 139 -2.86 5.38 -7.70
C MET C 139 -3.57 4.38 -6.80
N ASP C 140 -3.45 3.12 -7.14
CA ASP C 140 -4.07 2.09 -6.27
C ASP C 140 -3.39 2.01 -4.92
N ALA C 141 -2.10 2.15 -4.83
CA ALA C 141 -1.36 1.94 -3.57
C ALA C 141 -1.65 3.07 -2.62
N TYR C 142 -1.61 4.35 -3.05
CA TYR C 142 -1.66 5.46 -2.16
C TYR C 142 -2.25 6.73 -2.74
N GLY C 143 -2.94 6.66 -3.87
CA GLY C 143 -3.61 7.81 -4.45
C GLY C 143 -2.66 8.74 -5.24
N ALA C 144 -1.56 8.22 -5.70
CA ALA C 144 -0.63 8.93 -6.58
C ALA C 144 -0.33 10.32 -6.07
N TRP C 145 -0.70 11.38 -6.80
CA TRP C 145 -0.29 12.75 -6.49
C TRP C 145 -0.91 13.32 -5.24
N GLU C 146 -1.89 12.63 -4.62
CA GLU C 146 -2.35 13.04 -3.34
C GLU C 146 -1.57 12.54 -2.11
N SER C 147 -0.57 11.76 -2.35
CA SER C 147 0.31 11.30 -1.24
C SER C 147 1.71 11.80 -1.39
N ARG C 148 2.33 12.19 -0.25
CA ARG C 148 3.71 12.54 -0.23
C ARG C 148 4.62 11.39 -0.59
N ARG C 149 4.10 10.16 -0.60
CA ARG C 149 4.89 9.02 -1.05
C ARG C 149 5.40 9.12 -2.47
N ILE C 150 4.61 9.85 -3.31
CA ILE C 150 5.02 10.01 -4.65
C ILE C 150 6.25 10.81 -4.82
N ILE C 151 6.66 11.66 -3.86
CA ILE C 151 7.82 12.45 -4.02
C ILE C 151 9.04 11.57 -4.22
N ASP C 152 9.24 10.62 -3.28
CA ASP C 152 10.38 9.82 -3.39
C ASP C 152 10.30 8.81 -4.51
N ASP C 153 9.06 8.34 -4.83
CA ASP C 153 8.88 7.45 -5.93
C ASP C 153 9.20 8.12 -7.33
N PHE C 154 8.69 9.35 -7.47
CA PHE C 154 9.04 10.12 -8.67
C PHE C 154 10.54 10.41 -8.73
N ASP C 155 11.15 10.77 -7.58
CA ASP C 155 12.61 11.06 -7.56
C ASP C 155 13.36 9.75 -7.97
N ARG C 156 12.98 8.61 -7.47
CA ARG C 156 13.71 7.38 -7.86
C ARG C 156 13.67 7.11 -9.30
N TYR C 157 12.47 7.37 -9.88
CA TYR C 157 12.27 7.27 -11.33
C TYR C 157 13.17 8.25 -12.12
N ALA C 158 13.09 9.51 -11.72
CA ALA C 158 13.88 10.50 -12.34
C ALA C 158 15.38 10.16 -12.32
N VAL C 159 15.87 9.85 -11.12
CA VAL C 159 17.30 9.48 -10.97
C VAL C 159 17.67 8.33 -11.89
N THR C 160 16.83 7.34 -12.07
CA THR C 160 17.07 6.28 -12.94
C THR C 160 17.34 6.78 -14.33
N LEU C 161 16.45 7.68 -14.82
CA LEU C 161 16.67 8.30 -16.12
C LEU C 161 17.90 9.18 -16.22
N PHE C 162 18.14 9.95 -15.18
CA PHE C 162 19.37 10.77 -15.13
C PHE C 162 20.66 9.95 -15.31
N GLN C 163 20.62 8.85 -14.59
CA GLN C 163 21.81 7.93 -14.60
C GLN C 163 21.98 7.27 -15.92
N ARG C 164 20.92 6.87 -16.56
CA ARG C 164 20.98 6.17 -17.78
CA ARG C 164 20.98 6.15 -17.82
C ARG C 164 21.34 7.08 -18.96
N PHE C 165 20.73 8.27 -18.98
CA PHE C 165 20.71 9.16 -20.13
C PHE C 165 21.39 10.48 -19.98
N GLY C 166 21.83 10.87 -18.80
CA GLY C 166 22.40 12.17 -18.52
C GLY C 166 23.68 12.49 -19.33
N ASP C 167 24.39 11.44 -19.75
CA ASP C 167 25.55 11.52 -20.68
CA ASP C 167 25.57 11.83 -20.52
C ASP C 167 25.25 12.05 -22.01
N ARG C 168 24.02 11.85 -22.46
CA ARG C 168 23.57 12.02 -23.80
C ARG C 168 22.48 13.07 -23.96
N VAL C 169 21.90 13.49 -22.85
CA VAL C 169 20.75 14.42 -22.85
C VAL C 169 21.12 15.58 -21.93
N LYS C 170 21.19 16.76 -22.51
CA LYS C 170 21.51 17.98 -21.82
C LYS C 170 20.23 18.67 -21.27
N TYR C 171 19.14 18.64 -22.05
CA TYR C 171 17.92 19.39 -21.76
C TYR C 171 16.84 18.46 -21.26
N TRP C 172 16.31 18.78 -20.08
CA TRP C 172 15.29 18.01 -19.40
C TRP C 172 14.17 18.89 -18.91
N VAL C 173 12.95 18.39 -19.07
CA VAL C 173 11.75 19.00 -18.52
C VAL C 173 11.20 18.10 -17.43
N THR C 174 10.76 18.62 -16.29
CA THR C 174 10.25 17.83 -15.26
C THR C 174 8.82 17.46 -15.40
N LEU C 175 7.95 18.27 -14.81
CA LEU C 175 6.53 18.12 -14.94
C LEU C 175 6.07 18.99 -16.09
N ASN C 176 5.39 18.36 -17.02
CA ASN C 176 4.82 19.13 -18.16
C ASN C 176 3.41 19.48 -17.85
N GLN C 177 3.13 20.77 -17.78
CA GLN C 177 1.79 21.31 -17.59
C GLN C 177 1.17 20.74 -16.31
N GLN C 178 1.85 20.91 -15.23
CA GLN C 178 1.33 20.53 -13.89
C GLN C 178 0.02 21.23 -13.66
N ASN C 179 -0.17 22.48 -14.05
CA ASN C 179 -1.39 23.17 -13.84
C ASN C 179 -2.54 22.51 -14.59
N ILE C 180 -2.30 21.90 -15.71
CA ILE C 180 -3.32 21.20 -16.44
C ILE C 180 -3.61 19.85 -15.80
N PHE C 181 -2.60 19.02 -15.54
CA PHE C 181 -2.94 17.65 -15.01
C PHE C 181 -3.56 17.78 -13.67
N ILE C 182 -3.14 18.73 -12.87
CA ILE C 182 -3.72 18.95 -11.54
C ILE C 182 -5.09 19.52 -11.68
N SER C 183 -5.34 20.56 -12.43
CA SER C 183 -6.67 21.19 -12.60
CA SER C 183 -6.66 21.14 -12.47
CA SER C 183 -6.65 21.15 -12.51
C SER C 183 -7.64 20.24 -13.24
N PHE C 184 -7.26 19.64 -14.36
CA PHE C 184 -8.17 18.75 -15.11
C PHE C 184 -8.42 17.52 -14.32
N GLY C 185 -7.49 17.03 -13.54
CA GLY C 185 -7.65 15.80 -12.79
C GLY C 185 -8.39 15.94 -11.51
N TYR C 186 -8.31 17.11 -10.84
CA TYR C 186 -8.82 17.35 -9.51
C TYR C 186 -9.81 18.42 -9.32
N ARG C 187 -9.94 19.33 -10.27
CA ARG C 187 -10.95 20.39 -10.21
CA ARG C 187 -10.95 20.37 -10.18
C ARG C 187 -12.04 20.18 -11.21
N LEU C 188 -11.71 19.92 -12.46
CA LEU C 188 -12.64 19.79 -13.52
C LEU C 188 -13.12 18.35 -13.68
N GLY C 189 -12.38 17.36 -13.17
CA GLY C 189 -12.74 15.96 -13.33
C GLY C 189 -12.66 15.42 -14.73
N LEU C 190 -12.00 16.09 -15.65
CA LEU C 190 -11.90 15.71 -17.04
C LEU C 190 -10.90 14.62 -17.28
N HIS C 191 -9.83 14.63 -16.49
CA HIS C 191 -8.67 13.73 -16.64
C HIS C 191 -8.54 12.92 -15.36
N PRO C 192 -7.70 11.87 -15.38
CA PRO C 192 -7.53 11.08 -14.16
C PRO C 192 -7.04 11.94 -13.01
N PRO C 193 -7.53 11.71 -11.81
CA PRO C 193 -8.40 10.66 -11.32
C PRO C 193 -9.84 10.98 -11.40
N GLY C 194 -10.27 11.97 -12.10
CA GLY C 194 -11.74 12.25 -12.28
C GLY C 194 -12.30 12.86 -11.10
N VAL C 195 -11.68 13.78 -10.45
CA VAL C 195 -12.07 14.41 -9.19
C VAL C 195 -12.43 15.86 -9.41
N LYS C 196 -13.48 16.36 -8.71
CA LYS C 196 -13.96 17.71 -8.75
C LYS C 196 -13.96 18.22 -7.33
N ASP C 197 -12.84 18.64 -6.77
CA ASP C 197 -12.70 19.01 -5.37
C ASP C 197 -11.44 19.90 -5.24
N MET C 198 -11.71 21.19 -5.07
CA MET C 198 -10.60 22.13 -5.00
CA MET C 198 -10.61 22.18 -4.96
C MET C 198 -9.67 21.88 -3.83
N LYS C 199 -10.14 21.46 -2.69
CA LYS C 199 -9.26 21.11 -1.57
C LYS C 199 -8.22 20.08 -2.00
N ARG C 200 -8.71 19.00 -2.61
CA ARG C 200 -7.84 17.97 -3.03
C ARG C 200 -6.91 18.45 -4.15
N MET C 201 -7.39 19.30 -5.04
CA MET C 201 -6.58 19.83 -6.09
CA MET C 201 -6.58 19.82 -6.08
C MET C 201 -5.37 20.52 -5.49
N TYR C 202 -5.57 21.43 -4.52
CA TYR C 202 -4.45 22.21 -4.00
C TYR C 202 -3.53 21.35 -3.20
N GLU C 203 -3.95 20.25 -2.57
CA GLU C 203 -3.03 19.36 -1.88
C GLU C 203 -2.19 18.58 -2.87
N ALA C 204 -2.82 18.03 -3.91
CA ALA C 204 -2.09 17.34 -4.94
C ALA C 204 -1.06 18.23 -5.59
N ASN C 205 -1.48 19.47 -5.82
CA ASN C 205 -0.61 20.44 -6.44
C ASN C 205 0.61 20.74 -5.61
N HIS C 206 0.43 20.87 -4.32
CA HIS C 206 1.57 21.08 -3.45
C HIS C 206 2.56 19.90 -3.45
N ILE C 207 2.03 18.70 -3.43
CA ILE C 207 2.88 17.51 -3.49
C ILE C 207 3.62 17.48 -4.83
N ALA C 208 2.99 17.81 -5.95
CA ALA C 208 3.66 17.92 -7.20
C ALA C 208 4.79 18.97 -7.19
N ASN C 209 4.52 20.10 -6.51
CA ASN C 209 5.56 21.11 -6.35
C ASN C 209 6.81 20.56 -5.68
N LEU C 210 6.57 19.79 -4.61
CA LEU C 210 7.66 19.18 -3.84
C LEU C 210 8.42 18.16 -4.69
N ALA C 211 7.70 17.37 -5.46
CA ALA C 211 8.31 16.39 -6.36
C ALA C 211 9.15 17.04 -7.40
N ASN C 212 8.70 18.13 -8.00
CA ASN C 212 9.49 18.87 -8.96
C ASN C 212 10.78 19.34 -8.30
N ALA C 213 10.66 19.95 -7.15
CA ALA C 213 11.87 20.49 -6.49
C ALA C 213 12.82 19.33 -6.16
N LYS C 214 12.35 18.24 -5.63
CA LYS C 214 13.20 17.13 -5.25
C LYS C 214 13.97 16.67 -6.42
N VAL C 215 13.37 16.52 -7.60
CA VAL C 215 14.11 15.98 -8.78
CA VAL C 215 14.06 16.01 -8.76
C VAL C 215 15.07 16.98 -9.33
N ILE C 216 14.78 18.27 -9.27
CA ILE C 216 15.75 19.30 -9.69
C ILE C 216 16.99 19.19 -8.74
N GLN C 217 16.76 19.01 -7.46
CA GLN C 217 17.95 18.89 -6.56
C GLN C 217 18.68 17.66 -6.96
N SER C 218 18.03 16.56 -7.24
CA SER C 218 18.79 15.36 -7.66
C SER C 218 19.57 15.56 -8.92
N PHE C 219 19.00 16.21 -9.91
CA PHE C 219 19.61 16.53 -11.16
C PHE C 219 20.92 17.22 -11.01
N ARG C 220 21.04 18.08 -10.03
CA ARG C 220 22.30 18.85 -9.89
C ARG C 220 23.42 17.97 -9.51
N HIS C 221 23.17 16.85 -8.92
CA HIS C 221 24.21 15.81 -8.72
C HIS C 221 24.50 14.96 -9.94
N TYR C 222 23.48 14.36 -10.57
CA TYR C 222 23.60 13.41 -11.60
C TYR C 222 23.94 13.94 -13.00
N VAL C 223 23.52 15.18 -13.27
CA VAL C 223 23.69 15.80 -14.61
C VAL C 223 24.21 17.18 -14.45
N PRO C 224 25.50 17.26 -13.99
CA PRO C 224 26.08 18.50 -13.61
C PRO C 224 26.11 19.56 -14.64
N ASP C 225 26.18 19.18 -15.88
CA ASP C 225 26.27 20.14 -16.97
C ASP C 225 24.93 20.31 -17.69
N GLY C 226 23.90 19.66 -17.16
CA GLY C 226 22.57 19.71 -17.87
C GLY C 226 21.82 20.92 -17.49
N LYS C 227 20.67 21.04 -18.21
CA LYS C 227 19.72 22.16 -18.00
C LYS C 227 18.30 21.56 -17.76
N ILE C 228 17.66 21.98 -16.72
CA ILE C 228 16.38 21.38 -16.32
C ILE C 228 15.44 22.51 -15.99
N GLY C 229 14.15 22.26 -16.23
CA GLY C 229 13.09 23.09 -15.71
C GLY C 229 11.72 22.41 -15.86
N PRO C 230 10.75 22.94 -15.13
CA PRO C 230 9.33 22.56 -15.31
C PRO C 230 8.82 23.21 -16.55
N SER C 231 7.67 22.78 -17.06
CA SER C 231 6.99 23.47 -18.19
C SER C 231 5.62 23.81 -17.78
N PHE C 232 5.25 25.07 -17.91
CA PHE C 232 3.98 25.62 -17.49
C PHE C 232 3.06 25.93 -18.67
N ALA C 233 1.79 25.54 -18.55
CA ALA C 233 0.75 25.87 -19.58
C ALA C 233 0.30 27.32 -19.30
N TYR C 234 0.91 28.24 -20.02
CA TYR C 234 0.79 29.65 -19.73
C TYR C 234 -0.23 30.32 -20.64
N SER C 235 -1.34 30.76 -20.05
CA SER C 235 -2.28 31.68 -20.68
C SER C 235 -2.13 33.05 -20.00
N PRO C 236 -1.32 33.96 -20.60
CA PRO C 236 -1.16 35.27 -19.97
C PRO C 236 -2.52 35.99 -19.90
N MET C 237 -2.77 36.61 -18.77
CA MET C 237 -4.02 37.36 -18.57
C MET C 237 -3.95 38.77 -19.05
N TYR C 238 -5.03 39.29 -19.56
CA TYR C 238 -5.21 40.68 -19.96
C TYR C 238 -6.39 41.26 -19.19
N PRO C 239 -6.31 42.54 -18.78
CA PRO C 239 -7.56 43.18 -18.35
C PRO C 239 -8.39 43.51 -19.56
N TYR C 240 -9.72 43.57 -19.41
CA TYR C 240 -10.57 43.89 -20.56
C TYR C 240 -10.38 45.30 -21.03
N ASP C 241 -10.20 46.21 -20.06
CA ASP C 241 -10.00 47.62 -20.35
C ASP C 241 -9.36 48.29 -19.17
N SER C 242 -9.28 49.63 -19.21
CA SER C 242 -8.59 50.45 -18.22
C SER C 242 -9.49 50.85 -17.06
N ARG C 243 -10.64 50.29 -16.93
CA ARG C 243 -11.47 50.44 -15.73
C ARG C 243 -10.66 49.96 -14.57
N PRO C 244 -10.48 50.67 -13.45
CA PRO C 244 -9.63 50.16 -12.37
C PRO C 244 -10.13 48.82 -11.89
N GLU C 245 -11.39 48.50 -11.77
CA GLU C 245 -11.86 47.20 -11.30
CA GLU C 245 -11.83 47.17 -11.27
C GLU C 245 -11.44 46.07 -12.24
N ASN C 246 -11.38 46.38 -13.52
CA ASN C 246 -10.94 45.32 -14.48
C ASN C 246 -9.43 45.11 -14.40
N VAL C 247 -8.65 46.15 -14.19
CA VAL C 247 -7.23 45.98 -13.94
C VAL C 247 -6.99 45.26 -12.68
N LEU C 248 -7.74 45.46 -11.59
CA LEU C 248 -7.61 44.68 -10.41
C LEU C 248 -7.99 43.21 -10.66
N ALA C 249 -9.02 42.97 -11.44
CA ALA C 249 -9.37 41.62 -11.82
C ALA C 249 -8.17 40.92 -12.50
N PHE C 250 -7.52 41.62 -13.39
CA PHE C 250 -6.30 41.12 -14.03
C PHE C 250 -5.24 40.85 -12.99
N GLU C 251 -4.99 41.64 -11.98
CA GLU C 251 -4.02 41.40 -10.98
C GLU C 251 -4.34 40.08 -10.34
N ASN C 252 -5.59 39.90 -9.92
CA ASN C 252 -6.03 38.74 -9.26
C ASN C 252 -5.85 37.51 -10.17
N ALA C 253 -6.23 37.59 -11.40
CA ALA C 253 -6.19 36.46 -12.31
C ALA C 253 -4.80 36.06 -12.63
N GLU C 254 -3.91 36.99 -12.95
CA GLU C 254 -2.53 36.61 -13.30
C GLU C 254 -1.93 35.97 -12.08
N GLU C 255 -2.16 36.45 -10.88
CA GLU C 255 -1.60 35.84 -9.69
C GLU C 255 -2.17 34.47 -9.45
N PHE C 256 -3.48 34.30 -9.51
CA PHE C 256 -4.12 33.11 -9.19
C PHE C 256 -3.92 31.99 -10.17
N GLN C 257 -3.86 32.33 -11.46
CA GLN C 257 -3.80 31.37 -12.55
C GLN C 257 -2.38 31.05 -12.97
N ASN C 258 -1.48 32.04 -12.80
CA ASN C 258 -0.11 32.00 -13.38
C ASN C 258 0.97 32.06 -12.31
N HIS C 259 0.98 33.09 -11.48
CA HIS C 259 2.05 33.17 -10.48
C HIS C 259 1.94 32.05 -9.47
N TRP C 260 0.74 31.52 -9.21
CA TRP C 260 0.52 30.42 -8.29
C TRP C 260 1.48 29.26 -8.57
N TRP C 261 1.69 28.98 -9.85
CA TRP C 261 2.65 28.00 -10.29
C TRP C 261 4.04 28.56 -10.50
N MET C 262 4.19 29.59 -11.30
CA MET C 262 5.54 29.99 -11.70
C MET C 262 6.33 30.59 -10.57
N ASP C 263 5.70 31.25 -9.61
CA ASP C 263 6.43 31.77 -8.49
C ASP C 263 6.97 30.64 -7.68
N VAL C 264 6.27 29.52 -7.55
CA VAL C 264 6.82 28.39 -6.84
C VAL C 264 7.99 27.83 -7.59
N TYR C 265 7.89 27.63 -8.87
CA TYR C 265 9.00 27.15 -9.70
C TYR C 265 10.21 28.05 -9.59
N ALA C 266 10.05 29.32 -9.61
CA ALA C 266 11.17 30.24 -9.71
C ALA C 266 11.68 30.66 -8.35
N TRP C 267 10.85 30.87 -7.40
CA TRP C 267 11.19 31.44 -6.10
C TRP C 267 10.87 30.58 -4.97
N GLY C 268 10.14 29.48 -5.11
CA GLY C 268 9.79 28.65 -4.05
C GLY C 268 8.75 29.16 -3.14
N MET C 269 7.92 30.12 -3.57
CA MET C 269 6.92 30.65 -2.66
CA MET C 269 6.94 30.72 -2.66
CA MET C 269 7.00 30.86 -2.74
C MET C 269 5.63 30.93 -3.41
N TYR C 270 4.53 30.66 -2.76
CA TYR C 270 3.22 30.98 -3.30
C TYR C 270 2.95 32.45 -3.12
N PRO C 271 2.21 33.09 -4.01
CA PRO C 271 1.88 34.49 -3.83
C PRO C 271 0.91 34.68 -2.71
N GLN C 272 1.01 35.79 -1.98
CA GLN C 272 0.26 35.94 -0.74
C GLN C 272 -1.14 36.24 -0.89
N ALA C 273 -1.62 37.10 -1.76
CA ALA C 273 -3.01 37.40 -1.89
C ALA C 273 -3.79 36.13 -2.23
N ALA C 274 -3.28 35.32 -3.18
CA ALA C 274 -3.94 34.10 -3.55
C ALA C 274 -3.91 33.14 -2.39
N TRP C 275 -2.82 32.98 -1.72
CA TRP C 275 -2.71 32.12 -0.52
C TRP C 275 -3.79 32.52 0.49
N ASN C 276 -3.92 33.81 0.77
CA ASN C 276 -4.86 34.26 1.81
C ASN C 276 -6.24 34.06 1.35
N TYR C 277 -6.57 34.18 0.10
CA TYR C 277 -7.88 33.88 -0.42
C TYR C 277 -8.18 32.40 -0.24
N LEU C 278 -7.24 31.51 -0.57
CA LEU C 278 -7.49 30.11 -0.43
C LEU C 278 -7.61 29.75 1.05
N GLU C 279 -6.83 30.33 1.92
CA GLU C 279 -6.91 30.09 3.39
C GLU C 279 -8.31 30.48 3.86
N SER C 280 -8.90 31.55 3.37
CA SER C 280 -10.25 32.00 3.78
C SER C 280 -11.30 31.03 3.39
N GLN C 281 -11.06 30.23 2.37
CA GLN C 281 -12.02 29.25 1.83
C GLN C 281 -11.69 27.88 2.44
N GLY C 282 -10.67 27.68 3.25
CA GLY C 282 -10.18 26.42 3.72
C GLY C 282 -9.59 25.53 2.69
N LEU C 283 -8.91 26.13 1.69
CA LEU C 283 -8.43 25.42 0.52
C LEU C 283 -6.90 25.39 0.46
N GLU C 284 -6.19 26.11 1.28
CA GLU C 284 -4.75 26.14 1.17
C GLU C 284 -4.18 24.78 1.50
N PRO C 285 -3.06 24.41 0.89
CA PRO C 285 -2.52 23.08 1.12
C PRO C 285 -1.86 22.97 2.49
N THR C 286 -1.68 21.76 2.90
CA THR C 286 -1.00 21.37 4.15
C THR C 286 0.49 21.47 3.91
N VAL C 287 1.16 22.19 4.76
CA VAL C 287 2.63 22.46 4.67
C VAL C 287 3.30 21.73 5.79
N ALA C 288 4.30 21.03 5.47
CA ALA C 288 5.12 20.25 6.41
C ALA C 288 6.41 21.00 6.60
N PRO C 289 7.04 20.79 7.80
CA PRO C 289 8.44 21.24 7.98
C PRO C 289 9.38 20.78 6.89
N GLY C 290 10.18 21.69 6.39
CA GLY C 290 11.06 21.33 5.34
C GLY C 290 10.54 21.71 3.94
N ASP C 291 9.26 21.94 3.84
CA ASP C 291 8.69 22.16 2.47
C ASP C 291 9.21 23.46 1.84
N TRP C 292 9.26 24.56 2.58
CA TRP C 292 9.69 25.81 2.03
C TRP C 292 11.15 25.75 1.67
N GLU C 293 11.96 25.09 2.52
CA GLU C 293 13.37 25.05 2.23
CA GLU C 293 13.38 24.98 2.26
C GLU C 293 13.65 24.26 0.94
N LEU C 294 12.88 23.18 0.75
CA LEU C 294 13.03 22.36 -0.44
C LEU C 294 12.62 23.15 -1.70
N LEU C 295 11.43 23.78 -1.56
CA LEU C 295 10.96 24.55 -2.75
C LEU C 295 11.84 25.70 -3.19
N GLN C 296 12.47 26.33 -2.18
CA GLN C 296 13.35 27.46 -2.41
C GLN C 296 14.73 27.13 -2.88
N ALA C 297 15.15 25.92 -2.68
CA ALA C 297 16.51 25.45 -3.03
C ALA C 297 16.60 24.61 -4.30
N ALA C 298 15.63 24.78 -5.15
CA ALA C 298 15.54 23.97 -6.38
C ALA C 298 15.26 24.88 -7.55
N LYS C 299 16.22 25.77 -7.84
CA LYS C 299 16.01 26.74 -8.91
CA LYS C 299 16.14 26.72 -8.86
C LYS C 299 16.30 26.06 -10.22
N PRO C 300 15.44 26.31 -11.19
CA PRO C 300 15.60 25.71 -12.50
C PRO C 300 16.47 26.44 -13.40
N ASP C 301 16.96 25.88 -14.49
CA ASP C 301 17.76 26.63 -15.44
C ASP C 301 16.93 27.44 -16.41
N PHE C 302 15.65 27.05 -16.61
CA PHE C 302 14.76 27.77 -17.56
C PHE C 302 13.35 27.47 -17.10
N MET C 303 12.44 28.30 -17.64
CA MET C 303 10.99 28.07 -17.53
C MET C 303 10.55 27.49 -18.84
N GLY C 304 9.96 26.30 -18.85
CA GLY C 304 9.30 25.76 -20.03
C GLY C 304 7.91 26.43 -20.16
N VAL C 305 7.57 26.74 -21.39
CA VAL C 305 6.26 27.37 -21.66
C VAL C 305 5.55 26.62 -22.76
N ASN C 306 4.33 26.18 -22.39
CA ASN C 306 3.35 25.65 -23.36
C ASN C 306 2.39 26.74 -23.63
N TYR C 307 2.28 27.20 -24.86
CA TYR C 307 1.43 28.38 -25.15
C TYR C 307 0.49 28.12 -26.29
N TYR C 308 -0.76 28.46 -26.05
CA TYR C 308 -1.80 28.53 -27.11
C TYR C 308 -2.50 29.81 -27.16
N GLN C 309 -2.87 30.46 -26.06
CA GLN C 309 -3.66 31.69 -26.14
C GLN C 309 -3.61 32.41 -24.80
N THR C 310 -3.94 33.70 -24.89
CA THR C 310 -4.19 34.57 -23.73
C THR C 310 -5.63 34.42 -23.29
N THR C 311 -5.91 35.02 -22.15
CA THR C 311 -7.20 35.08 -21.50
C THR C 311 -7.44 36.48 -21.10
N THR C 312 -8.63 37.03 -21.36
CA THR C 312 -9.04 38.40 -20.93
C THR C 312 -9.99 38.26 -19.80
N VAL C 313 -9.92 39.13 -18.82
CA VAL C 313 -10.75 39.10 -17.61
C VAL C 313 -11.32 40.46 -17.28
N GLU C 314 -12.38 40.40 -16.49
CA GLU C 314 -13.01 41.59 -15.97
C GLU C 314 -13.48 41.30 -14.56
N HIS C 315 -13.96 42.38 -13.92
CA HIS C 315 -14.46 42.38 -12.59
CA HIS C 315 -14.35 42.26 -12.57
C HIS C 315 -15.60 41.38 -12.42
N ASN C 316 -15.64 40.70 -11.28
CA ASN C 316 -16.66 39.68 -10.99
C ASN C 316 -17.18 39.86 -9.56
N PRO C 317 -18.32 40.49 -9.45
CA PRO C 317 -19.02 40.63 -8.10
C PRO C 317 -18.96 39.39 -7.16
N PRO C 318 -19.05 39.61 -5.85
CA PRO C 318 -19.07 38.44 -4.95
C PRO C 318 -20.22 37.44 -5.20
N ASP C 319 -21.33 37.95 -5.72
CA ASP C 319 -22.50 37.14 -6.14
C ASP C 319 -22.32 36.41 -7.53
N GLY C 320 -21.19 36.63 -8.23
CA GLY C 320 -21.11 36.33 -9.67
C GLY C 320 -20.72 34.92 -10.10
N VAL C 321 -20.08 34.88 -11.26
CA VAL C 321 -19.67 33.66 -12.02
C VAL C 321 -18.64 32.80 -11.25
N GLY C 322 -18.88 31.47 -11.16
CA GLY C 322 -17.93 30.48 -10.56
C GLY C 322 -17.51 29.35 -11.54
N THR C 336 -18.52 29.84 -22.57
CA THR C 336 -18.86 30.97 -21.68
C THR C 336 -17.86 31.21 -20.51
N SER C 337 -18.25 32.15 -19.64
CA SER C 337 -17.34 32.75 -18.66
C SER C 337 -17.07 31.78 -17.55
N SER C 338 -15.87 31.78 -17.03
CA SER C 338 -15.55 31.10 -15.79
C SER C 338 -14.82 32.15 -14.90
N GLY C 339 -14.71 31.90 -13.63
CA GLY C 339 -14.04 32.78 -12.73
C GLY C 339 -14.22 32.42 -11.30
N ILE C 340 -13.75 33.32 -10.47
CA ILE C 340 -13.87 33.19 -9.04
C ILE C 340 -14.61 34.37 -8.55
N PRO C 341 -15.75 34.17 -7.83
CA PRO C 341 -16.47 35.34 -7.39
C PRO C 341 -15.67 36.25 -6.49
N GLY C 342 -15.77 37.55 -6.74
CA GLY C 342 -14.99 38.49 -6.01
C GLY C 342 -13.60 38.73 -6.54
N LEU C 343 -13.16 37.93 -7.50
CA LEU C 343 -11.79 38.06 -7.93
C LEU C 343 -11.72 38.40 -9.40
N PHE C 344 -12.32 37.64 -10.32
CA PHE C 344 -12.22 37.89 -11.71
C PHE C 344 -13.21 36.93 -12.43
N LYS C 345 -13.51 37.23 -13.65
CA LYS C 345 -14.16 36.29 -14.54
C LYS C 345 -13.63 36.55 -15.96
N THR C 346 -13.65 35.51 -16.78
CA THR C 346 -13.17 35.59 -18.12
C THR C 346 -14.18 36.30 -19.01
N VAL C 347 -13.79 36.90 -20.06
CA VAL C 347 -14.66 37.57 -21.04
C VAL C 347 -13.98 37.41 -22.38
N ARG C 348 -14.77 37.27 -23.47
CA ARG C 348 -14.26 37.17 -24.79
C ARG C 348 -13.46 38.43 -25.06
N ASN C 349 -12.30 38.28 -25.70
CA ASN C 349 -11.50 39.39 -26.13
C ASN C 349 -11.87 39.75 -27.59
N PRO C 350 -12.42 40.93 -27.81
CA PRO C 350 -12.88 41.20 -29.13
C PRO C 350 -11.73 41.58 -30.05
N HIS C 351 -10.45 41.64 -29.62
CA HIS C 351 -9.32 42.08 -30.34
C HIS C 351 -8.34 41.00 -30.74
N VAL C 352 -8.78 39.75 -30.68
CA VAL C 352 -7.96 38.66 -31.15
C VAL C 352 -8.72 37.79 -32.15
N ASP C 353 -7.95 37.17 -33.03
CA ASP C 353 -8.47 36.13 -34.00
C ASP C 353 -8.85 34.86 -33.23
N THR C 354 -9.46 33.90 -33.90
CA THR C 354 -9.84 32.69 -33.29
C THR C 354 -9.61 31.51 -34.25
N THR C 355 -9.31 30.34 -33.69
CA THR C 355 -9.32 29.08 -34.41
C THR C 355 -10.75 28.71 -34.70
N ASN C 356 -10.89 27.64 -35.54
CA ASN C 356 -12.23 27.10 -35.85
C ASN C 356 -12.83 26.34 -34.66
N TRP C 357 -12.13 26.22 -33.54
CA TRP C 357 -12.68 25.70 -32.28
C TRP C 357 -12.86 26.83 -31.26
N ASP C 358 -12.80 28.07 -31.73
CA ASP C 358 -12.97 29.29 -30.92
C ASP C 358 -11.88 29.44 -29.83
N TRP C 359 -10.71 28.84 -29.99
CA TRP C 359 -9.54 29.18 -29.16
C TRP C 359 -9.04 30.55 -29.76
N ALA C 360 -8.49 31.36 -28.95
CA ALA C 360 -7.91 32.59 -29.45
C ALA C 360 -6.68 32.23 -30.20
N ILE C 361 -6.32 33.01 -31.21
CA ILE C 361 -5.05 33.05 -31.89
C ILE C 361 -4.46 34.42 -31.54
N ASP C 362 -3.39 34.44 -30.76
CA ASP C 362 -2.84 35.66 -30.22
C ASP C 362 -1.33 35.50 -30.21
N PRO C 363 -0.62 35.71 -31.33
CA PRO C 363 0.81 35.54 -31.32
C PRO C 363 1.54 36.59 -30.48
N VAL C 364 1.04 37.83 -30.46
CA VAL C 364 1.62 38.90 -29.59
C VAL C 364 1.55 38.48 -28.19
N GLY C 365 0.50 37.77 -27.80
CA GLY C 365 0.40 37.23 -26.45
C GLY C 365 1.54 36.31 -26.08
N LEU C 366 2.14 35.58 -27.00
CA LEU C 366 3.33 34.85 -26.70
C LEU C 366 4.49 35.78 -26.39
N ARG C 367 4.69 36.84 -27.17
CA ARG C 367 5.76 37.84 -26.83
C ARG C 367 5.49 38.39 -25.45
N ILE C 368 4.26 38.71 -25.12
CA ILE C 368 3.88 39.21 -23.80
C ILE C 368 4.24 38.26 -22.71
N GLY C 369 3.87 36.95 -22.87
CA GLY C 369 4.20 35.99 -21.88
C GLY C 369 5.68 35.84 -21.68
N LEU C 370 6.42 35.76 -22.75
CA LEU C 370 7.87 35.67 -22.71
C LEU C 370 8.48 36.87 -21.94
N ARG C 371 8.00 38.05 -22.32
CA ARG C 371 8.44 39.27 -21.62
C ARG C 371 8.15 39.22 -20.17
N ARG C 372 6.99 38.73 -19.75
CA ARG C 372 6.63 38.66 -18.37
C ARG C 372 7.47 37.74 -17.56
N ILE C 373 7.79 36.59 -18.12
CA ILE C 373 8.66 35.66 -17.42
C ILE C 373 10.12 36.20 -17.26
N ALA C 374 10.59 36.78 -18.30
CA ALA C 374 11.92 37.46 -18.17
C ALA C 374 11.84 38.56 -17.15
N ASN C 375 10.87 39.39 -17.20
CA ASN C 375 10.74 40.58 -16.30
C ASN C 375 10.57 40.13 -14.89
N ARG C 376 9.84 39.08 -14.58
CA ARG C 376 9.55 38.70 -13.18
C ARG C 376 10.62 37.81 -12.59
N TYR C 377 11.19 36.89 -13.38
CA TYR C 377 12.03 35.81 -12.90
C TYR C 377 13.45 35.81 -13.47
N GLN C 378 13.69 36.56 -14.51
CA GLN C 378 15.00 36.66 -15.20
C GLN C 378 15.40 35.31 -15.71
N LEU C 379 14.49 34.46 -16.06
CA LEU C 379 14.81 33.13 -16.54
C LEU C 379 14.80 33.01 -18.03
N PRO C 380 15.75 32.23 -18.58
CA PRO C 380 15.58 31.78 -19.98
C PRO C 380 14.31 30.95 -20.09
N ILE C 381 13.84 30.91 -21.32
CA ILE C 381 12.58 30.24 -21.64
C ILE C 381 12.83 29.17 -22.71
N LEU C 382 12.32 27.96 -22.54
CA LEU C 382 12.18 27.00 -23.64
C LEU C 382 10.72 26.92 -23.96
N ILE C 383 10.34 27.26 -25.17
CA ILE C 383 8.93 27.08 -25.60
C ILE C 383 8.79 25.61 -25.95
N THR C 384 8.06 24.89 -25.11
CA THR C 384 7.95 23.45 -25.19
C THR C 384 6.82 22.96 -26.00
N GLU C 385 5.89 23.82 -26.32
CA GLU C 385 4.68 23.47 -27.11
C GLU C 385 4.01 24.69 -27.62
N ASN C 386 3.69 24.71 -28.88
CA ASN C 386 2.87 25.76 -29.54
C ASN C 386 2.48 25.18 -30.89
N GLY C 387 1.24 25.19 -31.29
CA GLY C 387 0.84 24.63 -32.59
C GLY C 387 -0.61 24.83 -32.82
N LEU C 388 -1.06 24.34 -33.99
CA LEU C 388 -2.43 24.52 -34.45
C LEU C 388 -3.02 23.17 -34.80
N GLY C 389 -4.16 22.89 -34.19
CA GLY C 389 -4.94 21.71 -34.45
C GLY C 389 -6.06 21.97 -35.44
N GLU C 390 -6.15 21.15 -36.48
CA GLU C 390 -7.15 21.35 -37.53
CA GLU C 390 -7.19 21.36 -37.50
C GLU C 390 -7.49 20.06 -38.18
N PHE C 391 -8.63 19.97 -38.82
CA PHE C 391 -9.01 18.85 -39.67
C PHE C 391 -8.05 19.07 -40.88
N ASP C 392 -7.14 18.27 -41.15
CA ASP C 392 -6.39 18.33 -42.35
C ASP C 392 -6.92 17.28 -43.30
N THR C 393 -6.91 17.60 -44.59
CA THR C 393 -7.40 16.72 -45.64
C THR C 393 -6.24 16.13 -46.36
N LEU C 394 -6.33 14.79 -46.54
CA LEU C 394 -5.37 14.07 -47.36
C LEU C 394 -5.89 14.08 -48.83
N GLU C 395 -5.17 14.77 -49.68
CA GLU C 395 -5.50 14.89 -51.10
C GLU C 395 -4.82 13.81 -51.83
N PRO C 396 -5.44 13.48 -53.00
CA PRO C 396 -4.73 12.57 -53.89
C PRO C 396 -3.24 12.86 -54.13
N GLY C 397 -2.41 11.83 -54.23
CA GLY C 397 -1.05 11.98 -54.39
C GLY C 397 -0.30 12.19 -53.05
N ASP C 398 -1.05 11.91 -51.97
CA ASP C 398 -0.50 12.06 -50.56
C ASP C 398 0.05 13.50 -50.34
N ILE C 399 -0.86 14.40 -50.58
CA ILE C 399 -0.59 15.80 -50.41
C ILE C 399 -1.49 16.29 -49.30
N VAL C 400 -0.91 17.09 -48.37
CA VAL C 400 -1.66 17.80 -47.33
C VAL C 400 -1.30 19.28 -47.33
N ASN C 401 -2.22 20.10 -47.75
CA ASN C 401 -1.91 21.50 -47.79
C ASN C 401 -2.53 22.19 -46.60
N ASP C 402 -1.59 22.55 -45.72
CA ASP C 402 -1.91 23.17 -44.46
C ASP C 402 -1.39 24.55 -44.32
N ASP C 403 -1.62 25.47 -45.27
CA ASP C 403 -1.14 26.81 -45.18
C ASP C 403 -1.68 27.54 -43.92
N TYR C 404 -2.79 27.15 -43.37
CA TYR C 404 -3.33 27.70 -42.12
C TYR C 404 -2.36 27.39 -40.97
N ARG C 405 -1.72 26.22 -40.99
CA ARG C 405 -0.75 25.90 -39.93
C ARG C 405 0.49 26.65 -40.11
N ILE C 406 0.97 26.88 -41.33
CA ILE C 406 2.12 27.71 -41.61
C ILE C 406 1.83 29.12 -41.13
N ASP C 407 0.66 29.67 -41.41
CA ASP C 407 0.39 31.06 -41.01
C ASP C 407 0.46 31.16 -39.48
N TYR C 408 -0.13 30.22 -38.77
CA TYR C 408 -0.14 30.28 -37.34
C TYR C 408 1.25 30.16 -36.78
N LEU C 409 2.04 29.22 -37.26
CA LEU C 409 3.39 29.07 -36.78
C LEU C 409 4.29 30.20 -37.14
N ARG C 410 4.21 30.72 -38.36
CA ARG C 410 4.98 31.87 -38.77
C ARG C 410 4.76 33.03 -37.85
N ARG C 411 3.50 33.32 -37.54
CA ARG C 411 3.21 34.50 -36.75
C ARG C 411 3.74 34.35 -35.31
N HIS C 412 3.66 33.16 -34.75
CA HIS C 412 4.29 32.95 -33.44
C HIS C 412 5.80 33.02 -33.44
N VAL C 413 6.42 32.41 -34.45
CA VAL C 413 7.88 32.52 -34.56
C VAL C 413 8.34 33.96 -34.75
N GLN C 414 7.59 34.76 -35.53
CA GLN C 414 7.91 36.16 -35.68
CA GLN C 414 7.99 36.13 -35.69
C GLN C 414 7.92 36.87 -34.36
N GLU C 415 6.91 36.56 -33.50
CA GLU C 415 6.83 37.21 -32.22
C GLU C 415 7.89 36.80 -31.27
N ILE C 416 8.36 35.54 -31.35
CA ILE C 416 9.52 35.07 -30.59
C ILE C 416 10.76 35.89 -30.98
N GLN C 417 10.94 36.15 -32.29
CA GLN C 417 12.08 36.97 -32.70
C GLN C 417 12.03 38.36 -32.08
N ARG C 418 10.83 38.90 -32.01
CA ARG C 418 10.68 40.22 -31.42
C ARG C 418 10.95 40.15 -29.94
N ALA C 419 10.58 39.08 -29.20
CA ALA C 419 10.95 38.89 -27.79
C ALA C 419 12.43 38.77 -27.57
N ILE C 420 13.12 38.02 -28.47
CA ILE C 420 14.57 37.95 -28.39
C ILE C 420 15.17 39.37 -28.61
N THR C 421 14.62 40.11 -29.57
CA THR C 421 15.18 41.45 -29.82
C THR C 421 15.00 42.27 -28.57
N ASP C 422 13.89 42.10 -27.84
CA ASP C 422 13.62 42.86 -26.58
C ASP C 422 14.56 42.48 -25.54
N GLY C 423 15.24 41.32 -25.52
CA GLY C 423 16.15 40.86 -24.53
C GLY C 423 15.76 39.62 -23.76
N VAL C 424 14.73 38.89 -24.20
CA VAL C 424 14.38 37.63 -23.61
C VAL C 424 15.31 36.53 -24.13
N ASP C 425 15.79 35.69 -23.24
CA ASP C 425 16.63 34.57 -23.63
C ASP C 425 15.77 33.36 -23.95
N VAL C 426 15.46 33.15 -25.18
CA VAL C 426 14.64 32.02 -25.64
C VAL C 426 15.58 30.92 -26.10
N LEU C 427 15.55 29.77 -25.53
CA LEU C 427 16.45 28.70 -25.85
C LEU C 427 16.05 27.90 -27.04
N GLY C 428 14.77 27.83 -27.35
CA GLY C 428 14.29 27.01 -28.40
C GLY C 428 12.77 27.10 -28.51
N TYR C 429 12.25 26.46 -29.53
CA TYR C 429 10.86 26.45 -29.87
C TYR C 429 10.45 25.08 -30.34
N CYS C 430 9.55 24.43 -29.64
CA CYS C 430 9.12 23.11 -30.00
C CYS C 430 7.70 23.20 -30.52
N ALA C 431 7.54 23.04 -31.80
CA ALA C 431 6.24 23.03 -32.41
C ALA C 431 5.49 21.79 -31.99
N TRP C 432 4.22 21.94 -31.69
CA TRP C 432 3.29 20.85 -31.32
C TRP C 432 2.43 20.54 -32.50
N SER C 433 2.64 19.45 -33.23
CA SER C 433 3.46 18.25 -32.80
C SER C 433 4.28 17.87 -34.03
N PHE C 434 5.21 16.89 -33.84
CA PHE C 434 5.95 16.39 -34.97
C PHE C 434 5.09 15.62 -35.93
N THR C 435 4.55 14.50 -35.47
CA THR C 435 3.51 13.75 -36.15
C THR C 435 2.17 14.00 -35.56
N ASP C 436 1.11 13.71 -36.30
CA ASP C 436 -0.22 13.70 -35.76
C ASP C 436 -0.21 12.66 -34.59
N LEU C 437 -1.11 12.89 -33.66
CA LEU C 437 -1.17 12.08 -32.48
C LEU C 437 -2.59 11.95 -31.94
N LEU C 438 -2.70 11.07 -30.95
CA LEU C 438 -3.99 10.83 -30.31
C LEU C 438 -4.28 11.97 -29.32
N SER C 439 -5.45 12.55 -29.38
CA SER C 439 -5.90 13.48 -28.39
CA SER C 439 -5.84 13.47 -28.34
C SER C 439 -6.34 12.72 -27.14
N TRP C 440 -6.27 13.33 -25.96
CA TRP C 440 -6.65 12.69 -24.73
C TRP C 440 -8.05 12.16 -24.69
N LEU C 441 -8.99 12.97 -25.13
CA LEU C 441 -10.42 12.65 -25.05
C LEU C 441 -11.12 12.72 -26.37
N ASN C 442 -10.51 13.25 -27.44
CA ASN C 442 -11.27 13.60 -28.68
C ASN C 442 -10.74 12.89 -29.87
N GLY C 443 -10.11 11.77 -29.74
CA GLY C 443 -9.69 10.99 -30.88
C GLY C 443 -8.60 11.67 -31.74
N TYR C 444 -8.65 11.46 -33.07
CA TYR C 444 -7.57 11.76 -33.98
C TYR C 444 -7.79 12.87 -34.93
N GLN C 445 -9.05 13.24 -35.13
CA GLN C 445 -9.35 14.08 -36.30
C GLN C 445 -8.87 15.47 -36.25
N LYS C 446 -8.68 16.08 -35.08
CA LYS C 446 -8.05 17.39 -34.93
C LYS C 446 -6.55 17.25 -34.89
N ARG C 447 -5.84 17.41 -35.99
CA ARG C 447 -4.49 17.00 -36.22
C ARG C 447 -3.59 18.18 -35.92
N TYR C 448 -2.42 17.93 -35.35
CA TYR C 448 -1.41 18.93 -35.01
C TYR C 448 -0.06 18.77 -35.70
N GLY C 449 0.14 17.69 -36.44
CA GLY C 449 1.48 17.39 -36.92
C GLY C 449 2.05 18.18 -38.03
N PHE C 450 3.37 18.23 -38.16
CA PHE C 450 3.97 18.45 -39.46
C PHE C 450 3.87 17.27 -40.39
N VAL C 451 3.70 16.10 -39.80
CA VAL C 451 3.67 14.82 -40.53
C VAL C 451 2.27 14.22 -40.28
N TYR C 452 1.47 14.06 -41.32
CA TYR C 452 0.21 13.45 -41.28
C TYR C 452 0.37 11.97 -41.02
N VAL C 453 -0.47 11.41 -40.17
CA VAL C 453 -0.50 9.95 -39.99
C VAL C 453 -1.82 9.45 -40.50
N ASN C 454 -1.69 8.49 -41.49
CA ASN C 454 -2.90 7.94 -42.08
C ASN C 454 -3.56 6.88 -41.16
N ARG C 455 -4.44 7.34 -40.33
CA ARG C 455 -5.33 6.56 -39.51
C ARG C 455 -6.47 7.40 -39.11
N ASP C 456 -7.52 6.88 -38.53
CA ASP C 456 -8.64 7.70 -38.07
C ASP C 456 -9.17 7.10 -36.77
N ASP C 457 -10.36 7.51 -36.41
CA ASP C 457 -10.91 7.05 -35.13
C ASP C 457 -11.39 5.60 -35.18
N GLU C 458 -11.61 5.06 -36.36
CA GLU C 458 -12.15 3.68 -36.51
C GLU C 458 -11.07 2.67 -36.72
N SER C 459 -9.92 3.03 -37.30
CA SER C 459 -8.86 2.05 -37.49
C SER C 459 -7.52 2.69 -37.77
N GLU C 460 -6.56 1.88 -37.65
CA GLU C 460 -5.20 2.32 -37.82
CA GLU C 460 -5.20 2.20 -37.87
C GLU C 460 -4.77 2.42 -39.29
N LYS C 461 -5.54 1.89 -40.24
CA LYS C 461 -5.16 1.90 -41.65
C LYS C 461 -3.79 1.34 -41.76
N ASP C 462 -2.88 2.02 -42.45
CA ASP C 462 -1.52 1.56 -42.61
C ASP C 462 -0.52 2.42 -41.79
N LEU C 463 -1.10 3.38 -40.99
CA LEU C 463 -0.23 4.29 -40.17
C LEU C 463 0.81 5.02 -40.95
N ARG C 464 0.65 5.22 -42.26
CA ARG C 464 1.75 5.81 -43.00
C ARG C 464 1.94 7.29 -42.63
N ARG C 465 3.14 7.69 -42.76
CA ARG C 465 3.58 9.10 -42.50
C ARG C 465 3.61 9.82 -43.81
N ILE C 466 3.03 10.99 -43.84
CA ILE C 466 2.89 11.85 -45.08
C ILE C 466 3.31 13.27 -44.65
N LYS C 467 4.34 13.81 -45.27
CA LYS C 467 4.80 15.18 -44.99
CA LYS C 467 4.77 15.19 -44.99
C LYS C 467 3.77 16.15 -45.44
N LYS C 468 3.34 17.04 -44.56
CA LYS C 468 2.46 18.16 -44.89
C LYS C 468 3.29 19.32 -45.49
N LYS C 469 2.54 20.29 -46.11
CA LYS C 469 3.25 21.47 -46.65
C LYS C 469 4.10 22.15 -45.55
N SER C 470 3.53 22.19 -44.33
CA SER C 470 4.16 22.83 -43.19
C SER C 470 5.51 22.24 -42.86
N PHE C 471 5.70 20.92 -43.14
CA PHE C 471 6.99 20.28 -42.93
C PHE C 471 8.07 20.97 -43.70
N TYR C 472 7.79 21.24 -44.97
CA TYR C 472 8.80 21.88 -45.82
C TYR C 472 9.02 23.36 -45.46
N TRP C 473 7.96 23.99 -45.03
CA TRP C 473 8.07 25.38 -44.51
C TRP C 473 9.07 25.41 -43.33
N TYR C 474 8.84 24.51 -42.38
CA TYR C 474 9.67 24.50 -41.20
C TYR C 474 11.11 24.11 -41.46
N GLN C 475 11.25 23.18 -42.43
CA GLN C 475 12.56 22.84 -42.91
C GLN C 475 13.35 24.11 -43.40
N ARG C 476 12.65 24.95 -44.13
CA ARG C 476 13.28 26.20 -44.56
C ARG C 476 13.55 27.16 -43.46
N VAL C 477 12.66 27.25 -42.46
CA VAL C 477 12.96 28.04 -41.28
C VAL C 477 14.19 27.64 -40.66
N ILE C 478 14.40 26.34 -40.45
CA ILE C 478 15.55 25.85 -39.74
C ILE C 478 16.84 26.10 -40.63
N GLU C 479 16.68 25.89 -41.91
CA GLU C 479 17.90 26.03 -42.81
C GLU C 479 18.41 27.48 -42.75
N THR C 480 17.54 28.47 -42.53
CA THR C 480 17.94 29.85 -42.44
C THR C 480 17.96 30.37 -41.03
N ASN C 481 17.97 29.51 -40.05
CA ASN C 481 17.92 29.86 -38.65
C ASN C 481 16.87 30.88 -38.31
N GLY C 482 15.71 30.83 -38.93
CA GLY C 482 14.67 31.77 -38.66
C GLY C 482 14.63 33.02 -39.49
N ALA C 483 15.58 33.14 -40.43
CA ALA C 483 15.61 34.39 -41.19
C ALA C 483 14.58 34.34 -42.25
N GLU C 484 14.15 33.16 -42.80
CA GLU C 484 13.14 33.07 -43.75
C GLU C 484 11.93 32.34 -43.20
N LEU C 485 10.90 33.13 -42.90
CA LEU C 485 9.63 32.76 -42.30
C LEU C 485 8.59 32.96 -43.41
N HIS D 12 11.57 -14.90 -3.55
CA HIS D 12 11.64 -14.30 -2.17
C HIS D 12 13.09 -14.28 -1.67
N LEU D 13 13.61 -13.12 -1.32
CA LEU D 13 15.03 -13.02 -0.87
C LEU D 13 15.23 -13.62 0.52
N LYS D 14 16.35 -14.24 0.78
CA LYS D 14 16.74 -14.66 2.11
C LYS D 14 17.16 -13.42 2.87
N PRO D 15 17.03 -13.44 4.22
CA PRO D 15 17.57 -12.39 5.01
C PRO D 15 19.13 -12.53 5.03
N PHE D 16 19.75 -11.42 5.46
CA PHE D 16 21.19 -11.47 5.79
C PHE D 16 21.36 -12.38 6.97
N PRO D 17 22.44 -13.08 7.09
CA PRO D 17 22.64 -13.97 8.25
C PRO D 17 22.78 -13.15 9.51
N PRO D 18 22.36 -13.77 10.68
CA PRO D 18 22.43 -13.02 11.89
C PRO D 18 23.85 -12.53 12.29
N GLU D 19 24.88 -13.20 11.90
CA GLU D 19 26.13 -12.59 12.42
C GLU D 19 26.81 -11.71 11.30
N PHE D 20 26.05 -11.28 10.32
CA PHE D 20 26.69 -10.64 9.13
C PHE D 20 27.48 -9.48 9.60
N LEU D 21 28.69 -9.35 9.07
CA LEU D 21 29.63 -8.29 9.50
C LEU D 21 29.36 -7.04 8.65
N TRP D 22 28.45 -6.17 9.06
CA TRP D 22 28.32 -4.88 8.47
C TRP D 22 29.46 -4.05 8.91
N GLY D 23 30.29 -3.65 7.96
CA GLY D 23 31.55 -3.01 8.17
C GLY D 23 31.79 -1.73 7.47
N ALA D 24 32.95 -1.14 7.70
CA ALA D 24 33.50 -0.06 6.96
C ALA D 24 35.00 -0.19 7.08
N ALA D 25 35.71 0.47 6.18
CA ALA D 25 37.15 0.23 6.07
C ALA D 25 37.94 1.46 5.79
N SER D 26 39.24 1.32 5.99
CA SER D 26 40.28 2.30 5.67
C SER D 26 41.59 1.64 5.35
N ALA D 27 42.59 2.44 5.08
CA ALA D 27 43.99 1.99 4.95
C ALA D 27 44.87 2.96 5.69
N ALA D 28 45.98 2.48 6.24
CA ALA D 28 46.79 3.26 7.17
C ALA D 28 47.36 4.50 6.54
N TYR D 29 47.96 4.46 5.41
CA TYR D 29 48.51 5.64 4.79
C TYR D 29 47.45 6.68 4.49
N GLN D 30 46.27 6.21 4.17
CA GLN D 30 45.22 7.08 3.74
C GLN D 30 44.55 7.80 4.85
N VAL D 31 44.68 7.33 6.11
CA VAL D 31 43.99 7.90 7.26
C VAL D 31 44.87 8.40 8.37
N GLU D 32 46.00 7.69 8.66
CA GLU D 32 46.60 7.94 10.01
C GLU D 32 47.30 9.23 10.15
N GLY D 33 48.11 9.68 9.20
CA GLY D 33 49.09 10.74 9.52
C GLY D 33 50.14 10.24 10.42
N ALA D 34 50.64 11.14 11.29
CA ALA D 34 51.64 10.74 12.33
C ALA D 34 52.79 10.03 11.58
N TRP D 35 53.24 10.53 10.44
CA TRP D 35 54.17 9.78 9.52
C TRP D 35 55.53 9.55 10.18
N ASN D 36 55.91 10.41 11.12
CA ASN D 36 57.27 10.36 11.66
C ASN D 36 57.10 10.34 13.15
N GLU D 37 56.07 9.88 13.81
CA GLU D 37 55.89 9.93 15.24
C GLU D 37 56.13 8.61 15.84
N ASP D 38 56.55 8.59 17.11
CA ASP D 38 56.62 7.35 17.88
C ASP D 38 57.47 6.26 17.25
N GLY D 39 58.53 6.69 16.60
CA GLY D 39 59.54 5.87 16.06
C GLY D 39 59.19 5.28 14.71
N LYS D 40 58.09 5.73 14.09
CA LYS D 40 57.71 5.15 12.78
C LYS D 40 58.77 5.41 11.79
N GLY D 41 59.14 4.36 10.98
CA GLY D 41 60.01 4.53 9.93
C GLY D 41 59.37 4.96 8.59
N LEU D 42 60.16 5.31 7.59
CA LEU D 42 59.63 5.67 6.31
C LEU D 42 59.03 4.46 5.61
N SER D 43 57.85 4.64 5.03
CA SER D 43 57.37 3.64 4.08
C SER D 43 57.71 4.10 2.70
N VAL D 44 57.57 3.16 1.73
CA VAL D 44 57.74 3.50 0.34
C VAL D 44 56.83 4.59 -0.12
N TRP D 45 55.65 4.67 0.46
CA TRP D 45 54.69 5.73 0.11
C TRP D 45 55.02 7.05 0.70
N ASP D 46 55.63 7.12 1.87
CA ASP D 46 56.08 8.39 2.42
C ASP D 46 57.05 9.00 1.41
N VAL D 47 57.98 8.23 0.90
CA VAL D 47 58.99 8.70 -0.08
C VAL D 47 58.39 9.03 -1.43
N PHE D 48 57.56 8.13 -1.98
CA PHE D 48 57.05 8.27 -3.27
C PHE D 48 56.19 9.47 -3.39
N ALA D 49 55.28 9.73 -2.42
CA ALA D 49 54.36 10.81 -2.52
C ALA D 49 55.04 12.20 -2.39
N LYS D 50 56.23 12.21 -1.83
CA LYS D 50 56.97 13.51 -1.76
C LYS D 50 57.71 13.74 -3.01
N GLN D 51 57.75 12.89 -4.01
CA GLN D 51 58.34 13.17 -5.29
C GLN D 51 57.45 14.22 -5.92
N PRO D 52 58.00 15.41 -6.34
CA PRO D 52 57.09 16.41 -6.91
C PRO D 52 56.44 15.97 -8.11
N GLY D 53 55.21 16.43 -8.30
CA GLY D 53 54.41 16.04 -9.38
C GLY D 53 53.65 14.71 -9.29
N ARG D 54 54.07 13.84 -8.35
CA ARG D 54 53.47 12.54 -8.25
C ARG D 54 51.99 12.56 -7.82
N THR D 55 51.61 13.44 -6.92
CA THR D 55 50.29 13.48 -6.30
C THR D 55 49.63 14.83 -6.50
N PHE D 56 48.30 14.83 -6.55
CA PHE D 56 47.60 16.07 -6.85
C PHE D 56 47.87 17.09 -5.77
N LYS D 57 48.32 18.28 -6.21
CA LYS D 57 48.64 19.38 -5.28
C LYS D 57 49.66 19.01 -4.22
N GLY D 58 50.51 18.02 -4.48
CA GLY D 58 51.53 17.63 -3.51
C GLY D 58 50.99 16.98 -2.24
N THR D 59 49.71 16.55 -2.27
CA THR D 59 49.06 15.98 -1.11
C THR D 59 49.78 14.66 -0.74
N ASN D 60 49.94 14.43 0.51
CA ASN D 60 50.60 13.27 1.01
C ASN D 60 50.14 12.87 2.38
N GLY D 61 50.70 11.77 2.92
CA GLY D 61 50.22 11.20 4.12
C GLY D 61 50.79 11.70 5.47
N ASP D 62 51.43 12.84 5.40
CA ASP D 62 52.08 13.29 6.65
C ASP D 62 51.07 13.47 7.77
N VAL D 63 49.93 14.01 7.43
CA VAL D 63 48.80 14.23 8.35
C VAL D 63 47.51 13.44 7.88
N ALA D 64 47.25 13.41 6.58
CA ALA D 64 46.00 12.74 6.10
C ALA D 64 44.80 13.24 6.83
N VAL D 65 43.99 12.41 7.46
CA VAL D 65 42.92 12.87 8.27
C VAL D 65 43.20 12.72 9.76
N ASP D 66 44.47 12.50 10.07
CA ASP D 66 44.94 12.52 11.46
C ASP D 66 44.31 11.52 12.32
N HIS D 67 43.90 10.32 11.80
CA HIS D 67 43.28 9.29 12.57
C HIS D 67 44.25 8.75 13.78
N TYR D 68 45.54 8.84 13.53
CA TYR D 68 46.47 8.36 14.61
C TYR D 68 46.18 9.14 15.91
N HIS D 69 45.85 10.43 15.80
CA HIS D 69 45.58 11.22 17.04
C HIS D 69 44.11 11.22 17.35
N ARG D 70 43.22 11.04 16.37
CA ARG D 70 41.76 11.19 16.51
C ARG D 70 40.96 9.91 16.53
N TYR D 71 41.64 8.79 16.77
CA TYR D 71 41.06 7.48 16.72
C TYR D 71 39.92 7.24 17.65
N GLN D 72 40.02 7.91 18.86
CA GLN D 72 38.96 7.74 19.82
C GLN D 72 37.58 8.31 19.32
N GLU D 73 37.71 9.50 18.77
CA GLU D 73 36.55 10.14 18.17
C GLU D 73 35.95 9.28 17.02
N ASP D 74 36.86 8.76 16.21
CA ASP D 74 36.43 7.98 15.06
C ASP D 74 35.75 6.72 15.45
N VAL D 75 36.28 6.00 16.48
CA VAL D 75 35.72 4.84 16.97
C VAL D 75 34.32 5.15 17.67
N ALA D 76 34.25 6.30 18.37
CA ALA D 76 32.99 6.67 18.95
C ALA D 76 31.89 6.82 17.86
N LEU D 77 32.30 7.39 16.74
CA LEU D 77 31.35 7.50 15.63
C LEU D 77 30.95 6.16 15.06
N MET D 78 31.87 5.20 15.01
CA MET D 78 31.58 3.84 14.60
C MET D 78 30.58 3.20 15.50
N ALA D 79 30.77 3.44 16.80
CA ALA D 79 29.80 2.87 17.78
C ALA D 79 28.40 3.54 17.70
N GLU D 80 28.38 4.83 17.42
CA GLU D 80 27.11 5.54 17.14
C GLU D 80 26.43 4.93 15.95
N MET D 81 27.18 4.65 14.88
CA MET D 81 26.58 4.04 13.69
C MET D 81 26.12 2.60 13.99
N GLY D 82 26.71 1.93 14.94
CA GLY D 82 26.50 0.57 15.26
C GLY D 82 27.26 -0.41 14.35
N LEU D 83 28.41 0.01 13.85
CA LEU D 83 29.19 -0.86 13.03
C LEU D 83 29.43 -2.14 13.61
N LYS D 84 29.32 -3.23 12.93
CA LYS D 84 29.68 -4.52 13.44
C LYS D 84 31.18 -4.87 13.35
N ALA D 85 31.82 -4.28 12.33
CA ALA D 85 33.23 -4.54 12.07
C ALA D 85 33.86 -3.33 11.49
N TYR D 86 35.12 -3.12 11.81
CA TYR D 86 35.94 -2.07 11.25
C TYR D 86 37.19 -2.69 10.66
N ARG D 87 37.39 -2.58 9.36
CA ARG D 87 38.61 -3.12 8.72
C ARG D 87 39.61 -2.06 8.51
N PHE D 88 40.82 -2.21 9.02
CA PHE D 88 41.89 -1.27 8.90
C PHE D 88 43.18 -1.96 8.55
N SER D 89 44.16 -1.24 8.09
CA SER D 89 45.46 -1.85 7.89
C SER D 89 46.47 -1.41 8.98
N VAL D 90 47.44 -2.27 9.22
CA VAL D 90 48.57 -1.99 10.09
C VAL D 90 49.69 -1.49 9.27
N SER D 91 50.32 -0.39 9.64
CA SER D 91 51.47 0.16 8.94
C SER D 91 52.74 -0.60 9.40
N TRP D 92 53.27 -1.40 8.50
CA TRP D 92 54.53 -2.18 8.81
C TRP D 92 55.57 -1.25 9.33
N SER D 93 55.73 -0.07 8.77
CA SER D 93 56.79 0.81 9.22
CA SER D 93 56.78 0.85 9.22
C SER D 93 56.59 1.34 10.62
N ARG D 94 55.41 1.33 11.20
CA ARG D 94 55.25 1.62 12.63
C ARG D 94 55.79 0.53 13.47
N VAL D 95 55.65 -0.71 13.09
CA VAL D 95 55.96 -1.87 13.91
C VAL D 95 57.40 -2.25 13.74
N PHE D 96 57.94 -2.25 12.53
CA PHE D 96 59.37 -2.54 12.28
C PHE D 96 59.76 -1.35 11.44
N PRO D 97 60.31 -0.29 12.02
CA PRO D 97 60.71 0.86 11.26
C PRO D 97 61.67 0.63 10.14
N ASP D 98 62.55 -0.36 10.32
CA ASP D 98 63.48 -0.77 9.29
C ASP D 98 63.04 -2.03 8.58
N GLY D 99 61.83 -2.46 8.77
CA GLY D 99 61.31 -3.61 8.07
C GLY D 99 61.52 -4.92 8.72
N ASN D 100 62.80 -5.11 9.13
CA ASN D 100 63.24 -6.29 9.93
C ASN D 100 63.99 -5.65 11.11
N GLY D 101 64.70 -6.38 11.89
CA GLY D 101 65.25 -5.63 13.03
C GLY D 101 64.31 -5.40 14.18
N ALA D 102 64.54 -4.37 14.97
CA ALA D 102 63.88 -4.30 16.21
C ALA D 102 62.37 -3.93 16.15
N VAL D 103 61.56 -4.56 16.95
CA VAL D 103 60.13 -4.26 17.07
C VAL D 103 60.02 -2.93 17.76
N ASN D 104 59.14 -2.05 17.27
CA ASN D 104 58.84 -0.76 17.88
CA ASN D 104 58.84 -0.80 17.90
C ASN D 104 57.59 -0.85 18.72
N GLU D 105 57.70 -1.00 20.06
CA GLU D 105 56.61 -1.15 20.94
CA GLU D 105 56.55 -1.21 20.94
C GLU D 105 55.53 -0.02 20.89
N LYS D 106 56.03 1.19 20.69
CA LYS D 106 55.15 2.34 20.61
C LYS D 106 54.24 2.22 19.34
N GLY D 107 54.77 1.65 18.30
CA GLY D 107 53.95 1.32 17.10
C GLY D 107 52.88 0.36 17.37
N LEU D 108 53.20 -0.80 17.93
CA LEU D 108 52.29 -1.79 18.35
C LEU D 108 51.24 -1.20 19.29
N ASP D 109 51.69 -0.32 20.17
CA ASP D 109 50.77 0.19 21.19
C ASP D 109 49.62 0.98 20.56
N PHE D 110 49.94 1.67 19.46
CA PHE D 110 48.79 2.39 18.76
C PHE D 110 47.72 1.39 18.33
N TYR D 111 48.14 0.26 17.70
CA TYR D 111 47.14 -0.68 17.27
C TYR D 111 46.42 -1.38 18.39
N ASP D 112 47.19 -1.60 19.51
CA ASP D 112 46.56 -2.15 20.68
CA ASP D 112 46.58 -2.13 20.67
C ASP D 112 45.49 -1.20 21.25
N ARG D 113 45.80 0.09 21.31
CA ARG D 113 44.86 1.09 21.83
C ARG D 113 43.62 1.12 20.87
N LEU D 114 43.91 1.02 19.56
CA LEU D 114 42.75 1.05 18.60
C LEU D 114 41.89 -0.16 18.79
N ILE D 115 42.48 -1.37 18.87
CA ILE D 115 41.80 -2.59 19.05
C ILE D 115 40.96 -2.63 20.36
N GLU D 116 41.60 -2.10 21.40
CA GLU D 116 40.82 -2.04 22.66
C GLU D 116 39.64 -1.08 22.56
N GLU D 117 39.81 0.02 21.88
CA GLU D 117 38.70 0.93 21.66
C GLU D 117 37.56 0.26 20.92
N LEU D 118 37.91 -0.48 19.86
CA LEU D 118 36.93 -1.26 19.12
C LEU D 118 36.21 -2.23 19.99
N ARG D 119 37.01 -3.07 20.67
CA ARG D 119 36.46 -4.10 21.48
C ARG D 119 35.56 -3.56 22.62
N ASN D 120 36.00 -2.47 23.18
CA ASN D 120 35.18 -1.79 24.28
C ASN D 120 33.88 -1.34 23.78
N HIS D 121 33.73 -1.14 22.47
CA HIS D 121 32.46 -0.75 21.89
C HIS D 121 31.77 -1.81 21.11
N GLY D 122 32.19 -3.05 21.19
CA GLY D 122 31.55 -4.21 20.62
C GLY D 122 31.75 -4.33 19.09
N ILE D 123 32.83 -3.73 18.57
CA ILE D 123 33.09 -3.70 17.08
C ILE D 123 34.17 -4.75 16.82
N GLU D 124 33.97 -5.61 15.88
CA GLU D 124 34.97 -6.62 15.51
C GLU D 124 36.09 -5.92 14.72
N PRO D 125 37.32 -5.99 15.11
CA PRO D 125 38.46 -5.54 14.30
C PRO D 125 38.71 -6.55 13.19
N ILE D 126 38.91 -6.05 11.99
CA ILE D 126 39.39 -6.88 10.88
C ILE D 126 40.73 -6.31 10.52
N VAL D 127 41.86 -6.97 10.84
CA VAL D 127 43.16 -6.48 10.63
C VAL D 127 43.66 -6.87 9.29
N THR D 128 44.11 -5.90 8.52
CA THR D 128 44.71 -6.07 7.22
C THR D 128 46.22 -5.88 7.34
N LEU D 129 46.98 -6.95 7.05
CA LEU D 129 48.44 -6.96 7.27
C LEU D 129 49.16 -5.96 6.41
N TYR D 130 48.73 -5.86 5.14
CA TYR D 130 49.49 -5.14 4.13
C TYR D 130 48.62 -4.33 3.19
N HIS D 131 48.77 -3.02 3.24
CA HIS D 131 48.17 -2.13 2.26
C HIS D 131 49.26 -1.22 1.70
N TRP D 132 50.24 -1.78 1.07
CA TRP D 132 51.06 -1.15 0.07
C TRP D 132 52.23 -0.36 0.57
N ASP D 133 52.46 -0.46 1.85
CA ASP D 133 53.36 0.44 2.57
C ASP D 133 54.56 -0.29 3.13
N VAL D 134 55.22 -1.10 2.34
CA VAL D 134 56.46 -1.77 2.81
C VAL D 134 57.44 -0.68 3.26
N PRO D 135 58.21 -0.98 4.37
CA PRO D 135 59.22 0.00 4.77
C PRO D 135 60.20 0.29 3.72
N GLN D 136 60.52 1.59 3.56
CA GLN D 136 61.55 1.98 2.64
C GLN D 136 62.90 1.26 2.81
N ALA D 137 63.20 0.99 4.07
CA ALA D 137 64.48 0.31 4.35
C ALA D 137 64.55 -0.97 3.63
N LEU D 138 63.46 -1.74 3.44
CA LEU D 138 63.50 -3.02 2.71
C LEU D 138 63.66 -2.81 1.25
N MET D 139 63.04 -1.76 0.70
CA MET D 139 63.28 -1.42 -0.68
CA MET D 139 63.28 -1.42 -0.67
C MET D 139 64.79 -1.11 -0.90
N ASP D 140 65.36 -0.32 -0.03
CA ASP D 140 66.79 0.09 -0.18
C ASP D 140 67.64 -1.15 0.00
N ALA D 141 67.35 -2.01 0.94
CA ALA D 141 68.21 -3.19 1.30
C ALA D 141 68.27 -4.20 0.19
N TYR D 142 67.11 -4.59 -0.37
CA TYR D 142 67.04 -5.69 -1.32
C TYR D 142 65.91 -5.57 -2.32
N GLY D 143 65.33 -4.42 -2.51
CA GLY D 143 64.31 -4.25 -3.57
C GLY D 143 62.93 -4.79 -3.12
N ALA D 144 62.66 -4.91 -1.81
CA ALA D 144 61.34 -5.25 -1.27
C ALA D 144 60.78 -6.48 -2.02
N TRP D 145 59.63 -6.32 -2.70
CA TRP D 145 58.92 -7.43 -3.28
C TRP D 145 59.58 -8.15 -4.42
N GLU D 146 60.70 -7.61 -4.93
CA GLU D 146 61.46 -8.35 -5.93
C GLU D 146 62.44 -9.33 -5.34
N SER D 147 62.60 -9.37 -4.02
CA SER D 147 63.48 -10.33 -3.42
C SER D 147 62.78 -11.34 -2.58
N ARG D 148 63.17 -12.62 -2.61
CA ARG D 148 62.68 -13.59 -1.72
C ARG D 148 62.95 -13.32 -0.31
N ARG D 149 63.86 -12.39 -0.01
CA ARG D 149 64.07 -12.04 1.40
C ARG D 149 62.84 -11.51 2.07
N ILE D 150 61.91 -10.90 1.31
CA ILE D 150 60.78 -10.33 1.91
C ILE D 150 59.84 -11.35 2.45
N ILE D 151 59.93 -12.61 2.01
CA ILE D 151 58.99 -13.63 2.46
C ILE D 151 59.18 -13.84 3.97
N ASP D 152 60.43 -14.03 4.41
CA ASP D 152 60.60 -14.18 5.84
C ASP D 152 60.43 -12.87 6.63
N ASP D 153 60.76 -11.75 6.01
CA ASP D 153 60.61 -10.50 6.70
C ASP D 153 59.10 -10.15 6.95
N PHE D 154 58.30 -10.40 5.89
CA PHE D 154 56.88 -10.25 6.01
C PHE D 154 56.27 -11.20 7.03
N ASP D 155 56.75 -12.45 6.98
CA ASP D 155 56.29 -13.46 7.97
C ASP D 155 56.61 -13.03 9.41
N ARG D 156 57.84 -12.55 9.63
CA ARG D 156 58.21 -12.14 11.01
C ARG D 156 57.29 -11.01 11.49
N TYR D 157 56.95 -10.06 10.60
CA TYR D 157 56.03 -9.00 10.86
C TYR D 157 54.63 -9.52 11.17
N ALA D 158 54.07 -10.37 10.32
CA ALA D 158 52.78 -10.97 10.51
C ALA D 158 52.66 -11.68 11.84
N VAL D 159 53.71 -12.55 12.05
CA VAL D 159 53.74 -13.33 13.31
C VAL D 159 53.69 -12.45 14.55
N THR D 160 54.45 -11.36 14.48
CA THR D 160 54.40 -10.36 15.61
C THR D 160 52.98 -9.92 15.87
N LEU D 161 52.25 -9.53 14.77
CA LEU D 161 50.91 -9.16 14.97
C LEU D 161 49.99 -10.22 15.44
N PHE D 162 50.12 -11.44 14.89
CA PHE D 162 49.35 -12.56 15.39
C PHE D 162 49.54 -12.80 16.94
N GLN D 163 50.84 -12.68 17.29
CA GLN D 163 51.13 -12.91 18.72
C GLN D 163 50.50 -11.84 19.58
N ARG D 164 50.54 -10.60 19.17
CA ARG D 164 50.03 -9.49 19.99
C ARG D 164 48.53 -9.43 20.04
N PHE D 165 47.89 -9.72 18.87
CA PHE D 165 46.47 -9.40 18.67
C PHE D 165 45.57 -10.53 18.38
N GLY D 166 46.10 -11.75 18.17
CA GLY D 166 45.32 -12.90 17.84
C GLY D 166 44.23 -13.34 18.81
N ASP D 167 44.44 -12.95 20.06
CA ASP D 167 43.43 -13.17 21.10
C ASP D 167 42.19 -12.35 20.97
N ARG D 168 42.30 -11.26 20.30
CA ARG D 168 41.28 -10.26 20.20
C ARG D 168 40.79 -10.01 18.79
N VAL D 169 41.47 -10.56 17.78
CA VAL D 169 41.08 -10.34 16.36
C VAL D 169 40.88 -11.71 15.73
N LYS D 170 39.68 -11.95 15.31
CA LYS D 170 39.34 -13.17 14.68
C LYS D 170 39.58 -13.12 13.16
N TYR D 171 39.27 -12.00 12.52
CA TYR D 171 39.30 -11.92 11.08
C TYR D 171 40.52 -11.08 10.62
N TRP D 172 41.28 -11.64 9.68
CA TRP D 172 42.51 -11.12 9.21
C TRP D 172 42.53 -11.20 7.65
N VAL D 173 43.03 -10.13 7.09
CA VAL D 173 43.33 -10.06 5.65
C VAL D 173 44.80 -9.95 5.43
N THR D 174 45.39 -10.71 4.50
CA THR D 174 46.81 -10.71 4.30
C THR D 174 47.26 -9.54 3.45
N LEU D 175 47.39 -9.82 2.14
CA LEU D 175 47.73 -8.81 1.14
C LEU D 175 46.41 -8.26 0.61
N ASN D 176 46.32 -6.95 0.69
CA ASN D 176 45.11 -6.30 0.13
C ASN D 176 45.40 -5.79 -1.23
N GLN D 177 44.76 -6.35 -2.25
CA GLN D 177 44.86 -5.93 -3.63
C GLN D 177 46.30 -6.07 -4.12
N GLN D 178 46.84 -7.26 -4.01
CA GLN D 178 48.14 -7.60 -4.57
C GLN D 178 48.13 -7.30 -6.02
N ASN D 179 47.08 -7.57 -6.77
CA ASN D 179 47.09 -7.33 -8.17
C ASN D 179 47.27 -5.87 -8.49
N ILE D 180 46.76 -4.99 -7.67
CA ILE D 180 46.95 -3.54 -7.78
C ILE D 180 48.34 -3.14 -7.40
N PHE D 181 48.86 -3.45 -6.22
CA PHE D 181 50.18 -2.92 -5.86
C PHE D 181 51.18 -3.49 -6.76
N ILE D 182 51.09 -4.71 -7.21
CA ILE D 182 52.07 -5.31 -8.09
C ILE D 182 51.92 -4.72 -9.48
N SER D 183 50.76 -4.66 -10.07
CA SER D 183 50.65 -4.15 -11.42
CA SER D 183 50.57 -4.13 -11.42
C SER D 183 50.88 -2.66 -11.48
N PHE D 184 50.41 -1.88 -10.54
CA PHE D 184 50.62 -0.46 -10.56
C PHE D 184 52.08 -0.18 -10.22
N GLY D 185 52.75 -0.94 -9.44
CA GLY D 185 54.11 -0.67 -9.06
C GLY D 185 55.14 -1.09 -10.06
N TYR D 186 54.89 -2.18 -10.81
CA TYR D 186 55.82 -2.79 -11.72
C TYR D 186 55.45 -2.87 -13.18
N ARG D 187 54.21 -2.67 -13.53
CA ARG D 187 53.79 -2.64 -14.92
CA ARG D 187 53.83 -2.63 -14.94
C ARG D 187 53.43 -1.30 -15.37
N LEU D 188 52.62 -0.54 -14.64
CA LEU D 188 52.13 0.74 -15.01
C LEU D 188 53.04 1.88 -14.51
N GLY D 189 53.89 1.57 -13.52
CA GLY D 189 54.75 2.58 -12.89
C GLY D 189 54.00 3.74 -12.23
N LEU D 190 52.75 3.53 -11.76
CA LEU D 190 51.92 4.53 -11.12
C LEU D 190 52.19 4.62 -9.63
N HIS D 191 52.55 3.53 -9.04
CA HIS D 191 52.79 3.38 -7.59
C HIS D 191 54.19 2.96 -7.40
N PRO D 192 54.71 3.02 -6.15
CA PRO D 192 56.09 2.56 -5.96
C PRO D 192 56.30 1.09 -6.29
N PRO D 193 57.40 0.73 -6.88
CA PRO D 193 58.64 1.51 -7.08
C PRO D 193 58.70 2.20 -8.42
N GLY D 194 57.62 2.43 -9.12
CA GLY D 194 57.65 3.25 -10.34
C GLY D 194 58.26 2.55 -11.46
N VAL D 195 58.07 1.27 -11.63
CA VAL D 195 58.67 0.39 -12.65
C VAL D 195 57.64 0.03 -13.69
N LYS D 196 58.13 -0.08 -14.94
CA LYS D 196 57.33 -0.47 -16.08
C LYS D 196 57.99 -1.60 -16.79
N ASP D 197 57.93 -2.83 -16.29
CA ASP D 197 58.63 -3.93 -16.76
C ASP D 197 57.81 -5.20 -16.38
N MET D 198 57.23 -5.83 -17.36
CA MET D 198 56.38 -7.00 -17.06
CA MET D 198 56.40 -7.06 -17.12
C MET D 198 57.10 -8.19 -16.51
N LYS D 199 58.35 -8.41 -16.93
CA LYS D 199 59.11 -9.45 -16.41
C LYS D 199 59.29 -9.33 -14.84
N ARG D 200 59.68 -8.12 -14.46
CA ARG D 200 59.83 -7.76 -13.06
C ARG D 200 58.47 -7.85 -12.34
N MET D 201 57.42 -7.43 -12.96
CA MET D 201 56.10 -7.54 -12.35
C MET D 201 55.77 -8.97 -11.97
N TYR D 202 55.94 -9.94 -12.88
CA TYR D 202 55.58 -11.30 -12.59
C TYR D 202 56.44 -11.96 -11.56
N GLU D 203 57.72 -11.54 -11.52
CA GLU D 203 58.61 -12.04 -10.46
C GLU D 203 58.24 -11.54 -9.07
N ALA D 204 57.96 -10.27 -8.97
CA ALA D 204 57.50 -9.68 -7.71
C ALA D 204 56.19 -10.28 -7.29
N ASN D 205 55.31 -10.53 -8.27
CA ASN D 205 54.02 -11.13 -7.99
C ASN D 205 54.17 -12.52 -7.40
N HIS D 206 55.06 -13.33 -7.92
CA HIS D 206 55.36 -14.63 -7.45
C HIS D 206 55.85 -14.68 -6.00
N ILE D 207 56.75 -13.73 -5.73
CA ILE D 207 57.22 -13.59 -4.38
C ILE D 207 56.12 -13.20 -3.41
N ALA D 208 55.25 -12.28 -3.82
CA ALA D 208 54.12 -11.90 -3.01
C ALA D 208 53.17 -13.08 -2.74
N ASN D 209 53.01 -13.95 -3.76
CA ASN D 209 52.19 -15.19 -3.59
C ASN D 209 52.83 -16.07 -2.51
N LEU D 210 54.16 -16.18 -2.55
CA LEU D 210 54.80 -17.03 -1.51
C LEU D 210 54.71 -16.44 -0.13
N ALA D 211 54.83 -15.11 -0.04
CA ALA D 211 54.65 -14.39 1.22
C ALA D 211 53.32 -14.59 1.83
N ASN D 212 52.26 -14.51 1.01
CA ASN D 212 50.89 -14.72 1.43
C ASN D 212 50.76 -16.13 1.98
N ALA D 213 51.24 -17.12 1.24
CA ALA D 213 51.07 -18.49 1.68
C ALA D 213 51.87 -18.76 2.97
N LYS D 214 53.03 -18.17 3.11
CA LYS D 214 53.84 -18.35 4.34
C LYS D 214 53.12 -17.82 5.51
N VAL D 215 52.49 -16.66 5.42
CA VAL D 215 51.82 -16.09 6.57
CA VAL D 215 51.80 -16.08 6.53
C VAL D 215 50.57 -16.85 6.92
N ILE D 216 49.83 -17.37 5.96
CA ILE D 216 48.67 -18.18 6.25
C ILE D 216 49.10 -19.42 7.04
N GLN D 217 50.21 -20.01 6.67
CA GLN D 217 50.72 -21.16 7.45
C GLN D 217 51.02 -20.74 8.81
N SER D 218 51.67 -19.62 9.01
CA SER D 218 51.97 -19.16 10.33
C SER D 218 50.71 -18.97 11.15
N PHE D 219 49.67 -18.35 10.56
CA PHE D 219 48.44 -18.08 11.22
C PHE D 219 47.81 -19.31 11.79
N ARG D 220 47.92 -20.42 11.05
CA ARG D 220 47.26 -21.68 11.51
C ARG D 220 47.88 -22.11 12.83
N HIS D 221 49.11 -21.76 13.11
CA HIS D 221 49.71 -22.05 14.41
C HIS D 221 49.26 -21.03 15.43
N TYR D 222 49.39 -19.72 15.18
CA TYR D 222 49.27 -18.68 16.20
C TYR D 222 47.81 -18.32 16.50
N VAL D 223 46.91 -18.46 15.51
CA VAL D 223 45.52 -18.02 15.67
C VAL D 223 44.66 -19.15 15.21
N PRO D 224 44.63 -20.26 15.98
CA PRO D 224 43.95 -21.39 15.50
C PRO D 224 42.47 -21.29 15.38
N ASP D 225 41.85 -20.32 15.99
CA ASP D 225 40.40 -20.20 15.86
C ASP D 225 40.07 -18.99 15.01
N GLY D 226 41.07 -18.46 14.34
CA GLY D 226 40.81 -17.27 13.47
C GLY D 226 40.46 -17.66 12.05
N LYS D 227 40.14 -16.59 11.29
CA LYS D 227 39.80 -16.72 9.84
C LYS D 227 40.69 -15.73 9.08
N ILE D 228 41.29 -16.17 8.02
CA ILE D 228 42.25 -15.39 7.25
C ILE D 228 42.03 -15.57 5.76
N GLY D 229 42.30 -14.51 5.01
CA GLY D 229 42.41 -14.69 3.59
C GLY D 229 43.01 -13.44 2.97
N PRO D 230 43.44 -13.59 1.67
CA PRO D 230 43.89 -12.44 0.89
C PRO D 230 42.70 -11.68 0.40
N SER D 231 42.85 -10.45 -0.03
CA SER D 231 41.73 -9.68 -0.68
C SER D 231 42.15 -9.29 -2.06
N PHE D 232 41.33 -9.60 -3.02
CA PHE D 232 41.60 -9.43 -4.45
C PHE D 232 40.75 -8.30 -4.99
N ALA D 233 41.40 -7.44 -5.75
CA ALA D 233 40.67 -6.36 -6.47
C ALA D 233 40.04 -6.98 -7.72
N TYR D 234 38.78 -7.31 -7.62
CA TYR D 234 38.10 -8.07 -8.61
C TYR D 234 37.22 -7.28 -9.53
N SER D 235 37.64 -7.22 -10.79
CA SER D 235 36.80 -6.69 -11.89
C SER D 235 36.41 -7.89 -12.76
N PRO D 236 35.24 -8.48 -12.49
CA PRO D 236 34.79 -9.59 -13.31
C PRO D 236 34.68 -9.22 -14.80
N MET D 237 35.12 -10.12 -15.66
CA MET D 237 35.11 -9.85 -17.10
C MET D 237 33.81 -10.27 -17.70
N TYR D 238 33.38 -9.54 -18.73
CA TYR D 238 32.23 -9.90 -19.54
C TYR D 238 32.71 -9.94 -21.00
N PRO D 239 32.11 -10.84 -21.83
CA PRO D 239 32.32 -10.72 -23.28
C PRO D 239 31.41 -9.60 -23.75
N TYR D 240 31.85 -8.93 -24.83
CA TYR D 240 30.97 -7.89 -25.40
C TYR D 240 29.64 -8.41 -25.89
N ASP D 241 29.76 -9.51 -26.61
CA ASP D 241 28.57 -10.18 -27.22
C ASP D 241 28.89 -11.65 -27.36
N SER D 242 27.95 -12.32 -28.07
CA SER D 242 27.98 -13.75 -28.24
C SER D 242 28.75 -14.19 -29.51
N ARG D 243 29.52 -13.33 -30.12
CA ARG D 243 30.47 -13.71 -31.18
C ARG D 243 31.44 -14.66 -30.55
N PRO D 244 31.74 -15.80 -31.10
CA PRO D 244 32.61 -16.79 -30.49
C PRO D 244 33.94 -16.15 -30.16
N GLU D 245 34.51 -15.33 -31.03
CA GLU D 245 35.78 -14.75 -30.69
C GLU D 245 35.73 -13.77 -29.54
N ASN D 246 34.64 -13.15 -29.29
CA ASN D 246 34.48 -12.29 -28.11
C ASN D 246 34.35 -13.15 -26.86
N VAL D 247 33.64 -14.25 -26.94
CA VAL D 247 33.62 -15.16 -25.79
C VAL D 247 34.93 -15.73 -25.53
N LEU D 248 35.74 -16.09 -26.49
CA LEU D 248 37.06 -16.54 -26.30
C LEU D 248 37.89 -15.41 -25.65
N ALA D 249 37.81 -14.20 -26.10
CA ALA D 249 38.50 -13.08 -25.48
C ALA D 249 38.16 -13.03 -23.98
N PHE D 250 36.92 -13.17 -23.63
CA PHE D 250 36.49 -13.24 -22.22
C PHE D 250 37.16 -14.37 -21.51
N GLU D 251 37.23 -15.54 -22.07
CA GLU D 251 37.88 -16.63 -21.44
C GLU D 251 39.29 -16.24 -21.13
N ASN D 252 40.00 -15.67 -22.07
CA ASN D 252 41.37 -15.28 -21.87
C ASN D 252 41.48 -14.20 -20.81
N ALA D 253 40.64 -13.23 -20.86
CA ALA D 253 40.69 -12.09 -19.92
C ALA D 253 40.40 -12.53 -18.51
N GLU D 254 39.36 -13.33 -18.27
CA GLU D 254 39.05 -13.77 -16.92
C GLU D 254 40.19 -14.53 -16.43
N GLU D 255 40.81 -15.38 -17.17
CA GLU D 255 41.92 -16.17 -16.70
C GLU D 255 43.15 -15.30 -16.40
N PHE D 256 43.50 -14.40 -17.34
CA PHE D 256 44.68 -13.67 -17.21
C PHE D 256 44.62 -12.59 -16.13
N GLN D 257 43.46 -11.97 -15.94
CA GLN D 257 43.30 -10.86 -15.05
C GLN D 257 42.84 -11.28 -13.69
N ASN D 258 42.11 -12.40 -13.56
CA ASN D 258 41.42 -12.81 -12.35
C ASN D 258 41.87 -14.14 -11.82
N HIS D 259 41.79 -15.20 -12.61
CA HIS D 259 42.24 -16.49 -12.16
C HIS D 259 43.72 -16.50 -11.85
N TRP D 260 44.54 -15.70 -12.57
CA TRP D 260 45.98 -15.63 -12.32
C TRP D 260 46.28 -15.41 -10.83
N TRP D 261 45.44 -14.59 -10.22
CA TRP D 261 45.59 -14.43 -8.76
C TRP D 261 44.76 -15.39 -7.95
N MET D 262 43.44 -15.43 -8.24
CA MET D 262 42.60 -16.19 -7.30
C MET D 262 42.81 -17.67 -7.37
N ASP D 263 43.25 -18.24 -8.49
CA ASP D 263 43.58 -19.69 -8.47
C ASP D 263 44.78 -19.91 -7.62
N VAL D 264 45.74 -19.02 -7.61
CA VAL D 264 46.86 -19.19 -6.69
C VAL D 264 46.42 -19.17 -5.22
N TYR D 265 45.58 -18.22 -4.90
CA TYR D 265 45.08 -18.13 -3.54
C TYR D 265 44.30 -19.31 -3.13
N ALA D 266 43.45 -19.84 -3.97
CA ALA D 266 42.54 -20.93 -3.60
C ALA D 266 43.15 -22.27 -3.79
N TRP D 267 43.89 -22.50 -4.84
CA TRP D 267 44.35 -23.80 -5.28
C TRP D 267 45.87 -23.94 -5.27
N GLY D 268 46.61 -22.88 -5.15
CA GLY D 268 48.02 -22.91 -5.29
C GLY D 268 48.61 -23.15 -6.62
N MET D 269 47.87 -22.84 -7.68
CA MET D 269 48.43 -23.02 -8.99
CA MET D 269 48.24 -23.17 -9.02
CA MET D 269 48.27 -23.13 -9.03
C MET D 269 47.97 -21.98 -9.95
N TYR D 270 48.88 -21.61 -10.81
CA TYR D 270 48.64 -20.69 -11.84
C TYR D 270 47.81 -21.36 -12.97
N PRO D 271 46.92 -20.65 -13.64
CA PRO D 271 46.18 -21.26 -14.77
C PRO D 271 47.12 -21.50 -15.96
N GLN D 272 46.89 -22.57 -16.71
CA GLN D 272 47.88 -23.06 -17.64
C GLN D 272 47.93 -22.31 -18.90
N ALA D 273 46.82 -21.84 -19.49
CA ALA D 273 46.85 -21.10 -20.74
C ALA D 273 47.61 -19.80 -20.54
N ALA D 274 47.31 -19.08 -19.45
CA ALA D 274 48.05 -17.86 -19.16
C ALA D 274 49.55 -18.12 -18.86
N TRP D 275 49.82 -19.16 -18.17
CA TRP D 275 51.21 -19.54 -17.89
C TRP D 275 51.92 -19.76 -19.18
N ASN D 276 51.29 -20.48 -20.11
CA ASN D 276 52.00 -20.82 -21.36
C ASN D 276 52.12 -19.63 -22.17
N TYR D 277 51.23 -18.71 -22.21
CA TYR D 277 51.37 -17.45 -22.89
C TYR D 277 52.56 -16.70 -22.32
N LEU D 278 52.68 -16.56 -21.04
CA LEU D 278 53.81 -15.81 -20.43
C LEU D 278 55.09 -16.50 -20.71
N GLU D 279 55.11 -17.78 -20.71
CA GLU D 279 56.36 -18.54 -20.99
C GLU D 279 56.73 -18.27 -22.41
N SER D 280 55.81 -18.15 -23.32
CA SER D 280 56.14 -17.87 -24.74
C SER D 280 56.80 -16.52 -24.89
N GLN D 281 56.55 -15.57 -24.01
CA GLN D 281 57.02 -14.15 -24.02
C GLN D 281 58.24 -14.04 -23.12
N GLY D 282 58.69 -15.06 -22.50
CA GLY D 282 59.77 -14.97 -21.50
C GLY D 282 59.44 -14.27 -20.22
N LEU D 283 58.16 -14.30 -19.82
CA LEU D 283 57.65 -13.50 -18.70
C LEU D 283 57.29 -14.32 -17.51
N GLU D 284 57.23 -15.62 -17.58
CA GLU D 284 56.82 -16.44 -16.48
C GLU D 284 57.79 -16.27 -15.33
N PRO D 285 57.30 -16.32 -14.11
CA PRO D 285 58.24 -16.18 -12.97
C PRO D 285 59.18 -17.36 -12.77
N THR D 286 60.24 -17.09 -12.07
CA THR D 286 61.20 -18.13 -11.62
C THR D 286 60.64 -18.90 -10.46
N VAL D 287 60.61 -20.19 -10.56
CA VAL D 287 60.07 -21.07 -9.58
C VAL D 287 61.17 -21.87 -8.94
N ALA D 288 61.18 -21.89 -7.66
CA ALA D 288 62.18 -22.60 -6.82
C ALA D 288 61.57 -23.83 -6.32
N PRO D 289 62.42 -24.88 -6.03
CA PRO D 289 61.95 -26.03 -5.32
C PRO D 289 61.26 -25.64 -4.04
N GLY D 290 60.13 -26.25 -3.77
CA GLY D 290 59.31 -25.91 -2.60
C GLY D 290 58.19 -24.90 -2.83
N ASP D 291 58.25 -24.22 -3.93
CA ASP D 291 57.25 -23.10 -4.16
C ASP D 291 55.88 -23.71 -4.34
N TRP D 292 55.66 -24.73 -5.19
CA TRP D 292 54.32 -25.23 -5.40
C TRP D 292 53.72 -25.81 -4.13
N GLU D 293 54.52 -26.55 -3.34
CA GLU D 293 54.08 -27.21 -2.14
C GLU D 293 53.61 -26.13 -1.14
N LEU D 294 54.38 -25.04 -1.01
CA LEU D 294 53.95 -23.96 -0.15
C LEU D 294 52.62 -23.28 -0.56
N LEU D 295 52.58 -22.99 -1.89
CA LEU D 295 51.36 -22.34 -2.43
C LEU D 295 50.13 -23.18 -2.29
N GLN D 296 50.32 -24.50 -2.41
CA GLN D 296 49.19 -25.44 -2.36
C GLN D 296 48.75 -25.73 -0.92
N ALA D 297 49.60 -25.53 0.05
CA ALA D 297 49.30 -25.86 1.46
C ALA D 297 48.96 -24.71 2.33
N ALA D 298 48.38 -23.73 1.75
CA ALA D 298 48.02 -22.50 2.48
C ALA D 298 46.62 -22.02 2.07
N LYS D 299 45.62 -22.85 2.33
CA LYS D 299 44.28 -22.60 1.99
C LYS D 299 43.73 -21.54 2.89
N PRO D 300 43.01 -20.55 2.30
CA PRO D 300 42.44 -19.52 3.11
C PRO D 300 41.06 -19.88 3.62
N ASP D 301 40.55 -19.19 4.63
CA ASP D 301 39.18 -19.34 5.09
C ASP D 301 38.13 -18.68 4.23
N PHE D 302 38.59 -17.62 3.52
CA PHE D 302 37.64 -16.79 2.71
C PHE D 302 38.49 -16.11 1.63
N MET D 303 37.76 -15.68 0.60
CA MET D 303 38.33 -14.80 -0.38
C MET D 303 37.85 -13.38 -0.05
N GLY D 304 38.74 -12.46 0.17
CA GLY D 304 38.39 -11.03 0.23
C GLY D 304 38.16 -10.45 -1.15
N VAL D 305 37.18 -9.61 -1.27
CA VAL D 305 36.90 -8.98 -2.55
C VAL D 305 36.72 -7.49 -2.40
N ASN D 306 37.57 -6.79 -3.11
CA ASN D 306 37.46 -5.31 -3.29
C ASN D 306 36.77 -5.13 -4.64
N TYR D 307 35.62 -4.52 -4.69
CA TYR D 307 34.83 -4.44 -5.90
C TYR D 307 34.40 -3.02 -6.18
N TYR D 308 34.62 -2.59 -7.41
CA TYR D 308 34.05 -1.35 -7.95
C TYR D 308 33.37 -1.55 -9.27
N GLN D 309 33.86 -2.36 -10.19
CA GLN D 309 33.22 -2.41 -11.53
C GLN D 309 33.69 -3.65 -12.23
N THR D 310 32.88 -4.04 -13.22
CA THR D 310 33.20 -5.08 -14.19
C THR D 310 33.96 -4.47 -15.37
N THR D 311 34.52 -5.30 -16.22
CA THR D 311 35.24 -4.94 -17.40
C THR D 311 34.71 -5.72 -18.56
N THR D 312 34.41 -5.16 -19.72
CA THR D 312 33.95 -5.87 -20.91
C THR D 312 35.10 -5.95 -21.88
N VAL D 313 35.23 -7.08 -22.54
CA VAL D 313 36.25 -7.35 -23.48
C VAL D 313 35.75 -7.84 -24.81
N GLU D 314 36.64 -7.70 -25.80
CA GLU D 314 36.40 -8.22 -27.16
C GLU D 314 37.70 -8.70 -27.75
N HIS D 315 37.55 -9.40 -28.86
CA HIS D 315 38.67 -9.90 -29.64
C HIS D 315 39.71 -8.87 -30.01
N ASN D 316 40.92 -9.26 -29.89
CA ASN D 316 42.07 -8.35 -30.18
C ASN D 316 43.10 -9.03 -31.09
N PRO D 317 43.01 -8.79 -32.38
CA PRO D 317 44.09 -9.28 -33.33
C PRO D 317 45.57 -9.28 -32.76
N PRO D 318 46.43 -10.24 -33.22
CA PRO D 318 47.88 -10.22 -32.85
C PRO D 318 48.61 -8.90 -33.16
N ASP D 319 48.13 -8.13 -34.12
CA ASP D 319 48.68 -6.79 -34.39
C ASP D 319 47.75 -5.69 -33.84
N GLY D 320 47.31 -5.86 -32.59
CA GLY D 320 46.24 -5.04 -32.02
C GLY D 320 46.69 -4.34 -30.75
N VAL D 321 45.71 -3.81 -30.01
CA VAL D 321 45.90 -3.04 -28.74
C VAL D 321 46.78 -3.71 -27.67
N GLY D 322 47.75 -2.94 -27.09
CA GLY D 322 48.55 -3.35 -25.92
C GLY D 322 48.51 -2.28 -24.82
N THR D 336 40.51 4.85 -22.81
CA THR D 336 40.73 4.04 -24.02
C THR D 336 41.21 2.56 -23.72
N SER D 337 41.16 1.79 -24.78
CA SER D 337 41.26 0.34 -24.67
C SER D 337 42.67 -0.13 -24.28
N SER D 338 42.73 -1.17 -23.48
CA SER D 338 43.97 -1.80 -23.10
C SER D 338 43.79 -3.29 -23.33
N GLY D 339 44.86 -4.07 -23.36
CA GLY D 339 44.70 -5.46 -23.71
C GLY D 339 46.02 -6.11 -24.01
N ILE D 340 45.98 -7.36 -24.40
CA ILE D 340 47.10 -8.19 -24.76
C ILE D 340 46.83 -8.59 -26.19
N PRO D 341 47.70 -8.21 -27.18
CA PRO D 341 47.48 -8.63 -28.52
C PRO D 341 47.27 -10.14 -28.65
N GLY D 342 46.30 -10.54 -29.47
CA GLY D 342 45.94 -11.97 -29.63
C GLY D 342 45.11 -12.60 -28.51
N LEU D 343 44.91 -11.86 -27.42
CA LEU D 343 44.19 -12.46 -26.26
C LEU D 343 42.88 -11.66 -26.09
N PHE D 344 42.87 -10.35 -25.88
CA PHE D 344 41.69 -9.62 -25.57
C PHE D 344 42.02 -8.13 -25.55
N LYS D 345 41.02 -7.31 -25.67
CA LYS D 345 41.13 -5.91 -25.35
C LYS D 345 39.88 -5.42 -24.70
N THR D 346 39.97 -4.42 -23.85
CA THR D 346 38.79 -3.84 -23.21
CA THR D 346 38.83 -3.89 -23.21
C THR D 346 37.95 -3.01 -24.17
N VAL D 347 36.69 -2.87 -23.89
CA VAL D 347 35.75 -2.10 -24.67
C VAL D 347 34.78 -1.50 -23.71
N ARG D 348 34.27 -0.26 -23.92
CA ARG D 348 33.23 0.28 -23.09
C ARG D 348 31.99 -0.55 -23.20
N ASN D 349 31.36 -0.81 -22.05
CA ASN D 349 30.13 -1.56 -21.96
C ASN D 349 28.98 -0.54 -22.07
N PRO D 350 28.21 -0.66 -23.13
CA PRO D 350 27.14 0.36 -23.24
C PRO D 350 25.97 0.11 -22.36
N HIS D 351 25.97 -1.03 -21.63
CA HIS D 351 24.89 -1.45 -20.81
C HIS D 351 25.04 -1.17 -19.33
N VAL D 352 26.02 -0.40 -18.94
CA VAL D 352 26.12 -0.01 -17.54
C VAL D 352 26.23 1.52 -17.45
N ASP D 353 25.81 2.00 -16.30
CA ASP D 353 25.88 3.44 -15.87
C ASP D 353 27.31 3.79 -15.51
N THR D 354 27.58 5.07 -15.26
CA THR D 354 28.93 5.55 -14.85
C THR D 354 28.79 6.59 -13.72
N THR D 355 29.81 6.67 -12.87
CA THR D 355 29.88 7.73 -11.89
C THR D 355 30.23 9.01 -12.66
N ASN D 356 30.28 10.11 -11.87
CA ASN D 356 30.73 11.36 -12.51
C ASN D 356 32.24 11.36 -12.84
N TRP D 357 32.95 10.35 -12.32
CA TRP D 357 34.35 10.08 -12.66
C TRP D 357 34.55 9.01 -13.66
N ASP D 358 33.47 8.64 -14.37
CA ASP D 358 33.49 7.60 -15.40
C ASP D 358 33.95 6.21 -14.91
N TRP D 359 33.83 5.92 -13.60
CA TRP D 359 33.91 4.53 -13.14
C TRP D 359 32.54 3.93 -13.54
N ALA D 360 32.58 2.74 -14.08
CA ALA D 360 31.32 2.08 -14.30
C ALA D 360 30.61 1.83 -12.98
N ILE D 361 29.27 1.81 -12.96
CA ILE D 361 28.47 1.40 -11.88
C ILE D 361 27.73 0.15 -12.26
N ASP D 362 28.04 -0.99 -11.65
CA ASP D 362 27.50 -2.26 -12.09
C ASP D 362 27.28 -3.09 -10.84
N PRO D 363 26.17 -2.87 -10.09
CA PRO D 363 25.89 -3.69 -8.94
C PRO D 363 25.67 -5.11 -9.18
N VAL D 364 25.00 -5.48 -10.31
CA VAL D 364 24.81 -6.87 -10.68
C VAL D 364 26.15 -7.55 -10.88
N GLY D 365 27.14 -6.83 -11.39
CA GLY D 365 28.48 -7.33 -11.51
C GLY D 365 29.04 -7.83 -10.17
N LEU D 366 28.68 -7.22 -9.04
CA LEU D 366 29.11 -7.74 -7.74
C LEU D 366 28.47 -9.12 -7.50
N ARG D 367 27.17 -9.25 -7.74
CA ARG D 367 26.55 -10.54 -7.62
C ARG D 367 27.23 -11.54 -8.52
N ILE D 368 27.52 -11.19 -9.76
CA ILE D 368 28.25 -12.11 -10.68
C ILE D 368 29.56 -12.53 -10.12
N GLY D 369 30.37 -11.56 -9.62
CA GLY D 369 31.64 -11.95 -9.08
C GLY D 369 31.59 -12.84 -7.85
N LEU D 370 30.64 -12.55 -7.00
CA LEU D 370 30.38 -13.40 -5.88
C LEU D 370 30.03 -14.83 -6.28
N ARG D 371 29.11 -14.91 -7.23
CA ARG D 371 28.67 -16.21 -7.80
C ARG D 371 29.86 -16.93 -8.37
N ARG D 372 30.76 -16.27 -9.10
CA ARG D 372 31.88 -16.93 -9.72
C ARG D 372 32.85 -17.46 -8.71
N ILE D 373 33.10 -16.76 -7.61
CA ILE D 373 34.04 -17.24 -6.61
C ILE D 373 33.42 -18.43 -5.89
N ALA D 374 32.15 -18.38 -5.56
CA ALA D 374 31.58 -19.58 -4.91
C ALA D 374 31.59 -20.73 -5.90
N ASN D 375 31.24 -20.50 -7.13
CA ASN D 375 31.16 -21.56 -8.15
C ASN D 375 32.50 -22.19 -8.40
N ARG D 376 33.56 -21.42 -8.47
CA ARG D 376 34.90 -21.94 -8.84
C ARG D 376 35.58 -22.56 -7.61
N TYR D 377 35.53 -21.87 -6.47
CA TYR D 377 36.39 -22.16 -5.33
C TYR D 377 35.65 -22.67 -4.09
N GLN D 378 34.33 -22.51 -4.06
CA GLN D 378 33.49 -22.88 -2.92
C GLN D 378 33.91 -22.14 -1.69
N LEU D 379 34.47 -20.93 -1.82
CA LEU D 379 34.89 -20.14 -0.64
C LEU D 379 33.83 -19.15 -0.20
N PRO D 380 33.73 -18.95 1.11
CA PRO D 380 33.05 -17.79 1.61
C PRO D 380 33.81 -16.53 1.17
N ILE D 381 33.08 -15.44 1.17
CA ILE D 381 33.60 -14.14 0.67
C ILE D 381 33.44 -13.14 1.77
N LEU D 382 34.46 -12.33 1.99
CA LEU D 382 34.34 -11.07 2.75
C LEU D 382 34.46 -9.95 1.76
N ILE D 383 33.47 -9.11 1.60
CA ILE D 383 33.61 -7.93 0.73
C ILE D 383 34.36 -6.93 1.56
N THR D 384 35.60 -6.67 1.18
CA THR D 384 36.50 -5.88 1.96
C THR D 384 36.47 -4.41 1.61
N GLU D 385 35.86 -4.04 0.47
CA GLU D 385 35.81 -2.67 -0.07
C GLU D 385 34.82 -2.58 -1.19
N ASN D 386 33.98 -1.61 -1.05
CA ASN D 386 33.00 -1.22 -2.10
C ASN D 386 32.48 0.16 -1.66
N GLY D 387 32.45 1.16 -2.54
CA GLY D 387 31.97 2.50 -2.16
C GLY D 387 32.00 3.39 -3.35
N LEU D 388 31.46 4.61 -3.15
CA LEU D 388 31.36 5.66 -4.15
C LEU D 388 32.16 6.89 -3.82
N GLY D 389 33.05 7.26 -4.67
CA GLY D 389 33.81 8.48 -4.57
C GLY D 389 33.17 9.60 -5.32
N GLU D 390 32.91 10.68 -4.65
CA GLU D 390 32.23 11.84 -5.21
CA GLU D 390 32.23 11.81 -5.29
C GLU D 390 32.53 13.03 -4.47
N PHE D 391 32.49 14.21 -5.11
CA PHE D 391 32.52 15.46 -4.39
CA PHE D 391 32.53 15.46 -4.41
C PHE D 391 31.33 15.56 -3.47
N ASP D 392 31.54 15.99 -2.23
CA ASP D 392 30.43 16.24 -1.36
C ASP D 392 30.50 17.73 -1.01
N THR D 393 29.32 18.31 -0.89
CA THR D 393 29.17 19.72 -0.45
C THR D 393 28.79 19.73 0.99
N LEU D 394 29.58 20.55 1.72
CA LEU D 394 29.25 20.78 3.08
C LEU D 394 28.33 22.04 3.14
N GLU D 395 27.13 21.79 3.63
CA GLU D 395 26.06 22.79 3.84
CA GLU D 395 26.13 22.83 3.79
C GLU D 395 26.14 23.35 5.24
N PRO D 396 25.70 24.64 5.42
CA PRO D 396 25.57 25.18 6.79
C PRO D 396 24.82 24.30 7.72
N GLY D 397 25.23 24.35 8.96
CA GLY D 397 24.66 23.52 9.99
C GLY D 397 25.27 22.08 9.99
N ASP D 398 26.39 21.97 9.34
CA ASP D 398 27.17 20.70 9.25
C ASP D 398 26.31 19.55 8.69
N ILE D 399 25.84 19.86 7.50
CA ILE D 399 24.92 18.95 6.77
C ILE D 399 25.61 18.54 5.46
N VAL D 400 25.64 17.21 5.18
CA VAL D 400 26.14 16.69 3.92
C VAL D 400 25.17 15.68 3.38
N ASN D 401 24.47 16.09 2.34
CA ASN D 401 23.36 15.31 1.74
C ASN D 401 23.93 14.51 0.58
N ASP D 402 24.24 13.23 0.85
CA ASP D 402 24.89 12.38 -0.17
C ASP D 402 24.03 11.29 -0.58
N ASP D 403 22.79 11.58 -1.04
CA ASP D 403 21.88 10.58 -1.50
C ASP D 403 22.45 9.73 -2.68
N TYR D 404 23.36 10.26 -3.43
CA TYR D 404 24.07 9.54 -4.51
C TYR D 404 24.85 8.36 -3.90
N ARG D 405 25.44 8.58 -2.74
CA ARG D 405 26.22 7.48 -2.06
C ARG D 405 25.32 6.54 -1.51
N ILE D 406 24.21 6.86 -0.90
CA ILE D 406 23.17 5.95 -0.44
C ILE D 406 22.68 5.10 -1.63
N ASP D 407 22.37 5.73 -2.75
CA ASP D 407 21.82 4.98 -3.92
C ASP D 407 22.88 3.91 -4.28
N TYR D 408 24.12 4.29 -4.42
CA TYR D 408 25.16 3.35 -4.86
C TYR D 408 25.29 2.19 -3.87
N LEU D 409 25.36 2.50 -2.59
CA LEU D 409 25.51 1.46 -1.60
C LEU D 409 24.34 0.56 -1.53
N ARG D 410 23.12 1.17 -1.55
CA ARG D 410 21.92 0.40 -1.52
C ARG D 410 21.86 -0.68 -2.66
N ARG D 411 22.16 -0.19 -3.83
CA ARG D 411 22.09 -1.10 -4.97
C ARG D 411 23.05 -2.30 -4.87
N HIS D 412 24.25 -2.00 -4.35
CA HIS D 412 25.19 -3.08 -4.16
C HIS D 412 24.78 -4.02 -3.05
N VAL D 413 24.28 -3.48 -1.93
CA VAL D 413 23.79 -4.34 -0.84
C VAL D 413 22.62 -5.25 -1.27
N GLN D 414 21.73 -4.65 -2.13
CA GLN D 414 20.62 -5.44 -2.62
C GLN D 414 21.09 -6.60 -3.44
N GLU D 415 22.17 -6.40 -4.25
CA GLU D 415 22.71 -7.50 -5.02
C GLU D 415 23.45 -8.49 -4.19
N ILE D 416 24.08 -8.08 -3.06
CA ILE D 416 24.63 -9.04 -2.19
C ILE D 416 23.56 -9.94 -1.59
N GLN D 417 22.42 -9.34 -1.25
CA GLN D 417 21.31 -10.18 -0.70
C GLN D 417 20.86 -11.17 -1.73
N ARG D 418 20.84 -10.80 -2.98
CA ARG D 418 20.47 -11.78 -4.03
C ARG D 418 21.51 -12.88 -4.15
N ALA D 419 22.82 -12.57 -4.00
CA ALA D 419 23.87 -13.56 -3.98
C ALA D 419 23.77 -14.54 -2.83
N ILE D 420 23.47 -14.03 -1.64
CA ILE D 420 23.25 -14.84 -0.47
C ILE D 420 21.99 -15.77 -0.74
N THR D 421 20.94 -15.19 -1.39
CA THR D 421 19.76 -16.02 -1.70
C THR D 421 20.13 -17.10 -2.63
N ASP D 422 21.05 -16.85 -3.56
CA ASP D 422 21.48 -17.84 -4.52
C ASP D 422 22.29 -18.89 -3.89
N GLY D 423 22.89 -18.72 -2.71
CA GLY D 423 23.70 -19.63 -2.06
C GLY D 423 25.18 -19.35 -1.72
N VAL D 424 25.54 -18.10 -2.04
CA VAL D 424 26.91 -17.61 -1.74
C VAL D 424 27.06 -17.31 -0.22
N ASP D 425 28.13 -17.76 0.41
CA ASP D 425 28.34 -17.46 1.84
C ASP D 425 29.10 -16.17 1.88
N VAL D 426 28.46 -15.06 2.14
CA VAL D 426 29.05 -13.75 2.29
C VAL D 426 29.19 -13.46 3.77
N LEU D 427 30.35 -13.30 4.25
CA LEU D 427 30.63 -13.10 5.63
C LEU D 427 30.31 -11.70 6.11
N GLY D 428 30.44 -10.69 5.25
CA GLY D 428 30.27 -9.32 5.59
C GLY D 428 30.60 -8.40 4.45
N TYR D 429 30.38 -7.15 4.72
CA TYR D 429 30.46 -6.05 3.70
C TYR D 429 31.06 -4.90 4.34
N CYS D 430 32.23 -4.50 3.87
CA CYS D 430 32.95 -3.30 4.38
C CYS D 430 32.85 -2.21 3.37
N ALA D 431 32.04 -1.22 3.67
CA ALA D 431 31.88 -0.08 2.86
C ALA D 431 33.15 0.71 2.85
N TRP D 432 33.55 1.27 1.75
CA TRP D 432 34.73 2.09 1.56
C TRP D 432 34.25 3.48 1.44
N SER D 433 34.38 4.35 2.42
CA SER D 433 35.29 4.22 3.59
C SER D 433 34.53 4.71 4.81
N PHE D 434 35.03 4.54 6.02
CA PHE D 434 34.34 5.05 7.18
C PHE D 434 34.39 6.58 7.27
N THR D 435 35.55 7.16 7.31
CA THR D 435 35.78 8.56 7.17
C THR D 435 36.30 8.81 5.80
N ASP D 436 36.21 10.05 5.35
CA ASP D 436 36.90 10.51 4.18
C ASP D 436 38.42 10.28 4.44
N LEU D 437 39.17 10.10 3.37
CA LEU D 437 40.56 9.82 3.48
C LEU D 437 41.39 10.37 2.32
N LEU D 438 42.68 10.27 2.43
CA LEU D 438 43.60 10.73 1.41
C LEU D 438 43.68 9.69 0.30
N SER D 439 43.50 10.10 -0.94
CA SER D 439 43.74 9.16 -2.03
CA SER D 439 43.70 9.26 -2.12
C SER D 439 45.20 9.11 -2.33
N TRP D 440 45.63 8.00 -2.90
CA TRP D 440 47.02 7.77 -3.19
C TRP D 440 47.64 8.87 -4.06
N LEU D 441 46.95 9.23 -5.10
CA LEU D 441 47.49 10.16 -6.09
C LEU D 441 46.60 11.37 -6.31
N ASN D 442 45.37 11.38 -5.85
CA ASN D 442 44.38 12.38 -6.33
C ASN D 442 43.87 13.30 -5.21
N GLY D 443 44.57 13.38 -4.07
CA GLY D 443 44.17 14.25 -3.02
C GLY D 443 42.90 13.85 -2.32
N TYR D 444 42.07 14.85 -1.89
CA TYR D 444 41.00 14.63 -0.99
C TYR D 444 39.59 14.89 -1.52
N GLN D 445 39.48 15.53 -2.68
CA GLN D 445 38.14 15.99 -3.06
C GLN D 445 37.13 14.97 -3.48
N LYS D 446 37.57 13.85 -4.03
CA LYS D 446 36.67 12.73 -4.38
C LYS D 446 36.54 11.87 -3.11
N ARG D 447 35.52 12.12 -2.37
CA ARG D 447 35.33 11.64 -1.01
C ARG D 447 34.61 10.37 -1.01
N TYR D 448 34.90 9.43 -0.10
CA TYR D 448 34.30 8.13 0.01
C TYR D 448 33.60 7.83 1.35
N GLY D 449 33.74 8.78 2.34
CA GLY D 449 33.34 8.44 3.67
C GLY D 449 31.85 8.39 4.01
N PHE D 450 31.39 7.73 5.01
CA PHE D 450 30.17 8.02 5.74
C PHE D 450 30.35 9.28 6.57
N VAL D 451 31.55 9.64 6.95
CA VAL D 451 31.88 10.75 7.82
C VAL D 451 32.75 11.66 7.08
N TYR D 452 32.28 12.89 6.82
CA TYR D 452 33.03 13.90 6.14
C TYR D 452 34.18 14.41 7.01
N VAL D 453 35.34 14.64 6.47
CA VAL D 453 36.38 15.27 7.24
C VAL D 453 36.62 16.62 6.59
N ASN D 454 36.57 17.63 7.49
CA ASN D 454 36.71 18.97 7.07
C ASN D 454 38.14 19.33 6.87
N ARG D 455 38.65 19.10 5.69
CA ARG D 455 39.94 19.46 5.19
C ARG D 455 39.95 19.35 3.69
N ASP D 456 40.91 19.90 3.04
CA ASP D 456 40.97 19.76 1.54
C ASP D 456 42.36 19.67 1.11
N ASP D 457 42.67 19.83 -0.18
CA ASP D 457 43.97 19.68 -0.74
C ASP D 457 44.93 20.81 -0.34
N GLU D 458 44.39 21.96 0.04
CA GLU D 458 45.26 23.12 0.37
C GLU D 458 45.48 23.28 1.88
N SER D 459 44.52 22.80 2.69
CA SER D 459 44.49 23.09 4.11
CA SER D 459 44.51 23.10 4.15
C SER D 459 43.97 21.93 4.95
N GLU D 460 44.52 21.71 6.14
CA GLU D 460 43.92 20.84 7.10
CA GLU D 460 43.91 20.76 7.11
C GLU D 460 42.67 21.35 7.79
N LYS D 461 42.42 22.65 7.60
CA LYS D 461 41.31 23.28 8.23
C LYS D 461 41.23 22.97 9.72
N ASP D 462 40.14 22.44 10.25
CA ASP D 462 40.05 21.92 11.60
C ASP D 462 39.96 20.42 11.82
N LEU D 463 40.05 19.69 10.65
CA LEU D 463 39.91 18.23 10.62
C LEU D 463 38.71 17.70 11.22
N ARG D 464 37.64 18.48 11.40
CA ARG D 464 36.49 18.04 12.10
C ARG D 464 35.70 16.93 11.35
N ARG D 465 35.05 16.07 12.07
CA ARG D 465 34.24 14.94 11.58
C ARG D 465 32.83 15.37 11.50
N ILE D 466 32.15 15.16 10.37
CA ILE D 466 30.72 15.59 10.18
C ILE D 466 29.98 14.35 9.65
N LYS D 467 28.98 13.84 10.29
CA LYS D 467 28.20 12.68 9.82
C LYS D 467 27.44 13.06 8.56
N LYS D 468 27.55 12.34 7.44
CA LYS D 468 26.78 12.56 6.18
C LYS D 468 25.48 11.85 6.38
N LYS D 469 24.53 12.20 5.44
CA LYS D 469 23.28 11.50 5.42
C LYS D 469 23.37 9.91 5.36
N SER D 470 24.42 9.50 4.60
CA SER D 470 24.68 8.06 4.38
C SER D 470 25.05 7.34 5.68
N PHE D 471 25.63 8.12 6.64
CA PHE D 471 25.87 7.59 7.98
C PHE D 471 24.63 7.01 8.63
N TYR D 472 23.61 7.84 8.57
CA TYR D 472 22.38 7.47 9.18
C TYR D 472 21.58 6.39 8.46
N TRP D 473 21.72 6.40 7.12
CA TRP D 473 21.21 5.33 6.28
C TRP D 473 21.76 3.93 6.67
N TYR D 474 23.13 3.97 6.74
CA TYR D 474 23.81 2.73 7.13
C TYR D 474 23.51 2.22 8.51
N GLN D 475 23.38 3.22 9.44
CA GLN D 475 22.95 2.96 10.75
C GLN D 475 21.67 2.17 10.78
N ARG D 476 20.71 2.58 9.94
CA ARG D 476 19.47 1.92 9.83
C ARG D 476 19.50 0.54 9.17
N VAL D 477 20.41 0.42 8.14
CA VAL D 477 20.67 -0.90 7.58
C VAL D 477 21.10 -1.88 8.66
N ILE D 478 22.12 -1.42 9.43
CA ILE D 478 22.64 -2.33 10.44
C ILE D 478 21.60 -2.74 11.56
N GLU D 479 20.81 -1.68 11.92
CA GLU D 479 19.76 -1.94 12.98
C GLU D 479 18.79 -2.98 12.54
N THR D 480 18.47 -3.02 11.24
CA THR D 480 17.56 -4.00 10.70
C THR D 480 18.19 -5.19 9.99
N ASN D 481 19.53 -5.32 10.17
CA ASN D 481 20.28 -6.39 9.55
C ASN D 481 20.03 -6.48 8.04
N GLY D 482 19.89 -5.36 7.41
CA GLY D 482 19.71 -5.28 5.95
C GLY D 482 18.28 -5.44 5.46
N ALA D 483 17.33 -5.44 6.39
CA ALA D 483 15.94 -5.56 5.91
C ALA D 483 15.42 -4.24 5.45
N GLU D 484 15.91 -3.09 5.93
CA GLU D 484 15.49 -1.81 5.46
C GLU D 484 16.68 -1.14 4.80
N LEU D 485 16.58 -1.07 3.49
CA LEU D 485 17.54 -0.44 2.62
C LEU D 485 16.87 0.82 1.98
#